data_1MWH
#
_entry.id   1MWH
#
_cell.length_a   70.891
_cell.length_b   84.944
_cell.length_c   249.246
_cell.angle_alpha   90.00
_cell.angle_beta   90.00
_cell.angle_gamma   90.00
#
_symmetry.space_group_name_H-M   'P 21 21 21'
#
loop_
_entity.id
_entity.type
_entity.pdbx_description
1 polymer 'MINOR CORE PROTEIN LAMBDA 3'
2 non-polymer 'MANGANESE (II) ION'
3 non-polymer "7-METHYL-GUANOSINE-5'-TRIPHOSPHATE-5'-GUANOSINE"
4 water water
#
_entity_poly.entity_id   1
_entity_poly.type   'polypeptide(L)'
_entity_poly.pdbx_seq_one_letter_code
;MSSMILTQFGPFIESISGITDQSNDVFEDAAKAFSMFTRSDVYKALDEIPFSDDAMLPIPPTIYTKPSHDSYYYIDALNR
VRRKTYQGPDDVYVPNCSIVELLEPHETLTSYGRLSEAIENRAKDGDSQARIATTYGRIAESQARQIKAPLEKFVLALLV
AEAGGSLYDPVLQKYDEIPDLSHNCPLWCFREICRHISGPLPDRAPYLYLSAGVFWLMSPRMTSAIPPLLSDLVNLAILQ
QTAGLDPSLVKLGVQICLHAAASSSYSWFILKTKSIFPQNTLHSMYESLEGGYCPNLEWLEPRSDYKFMYMGVMPLSAKY
ARSAPSNDKKARELGEKYGLSSVVGELRKRTKTYVKHDFASVRYIRDAMACTSGIFLVRTPTETVLQEYTQSPEIKVPIP
QKDWTGPIGEIRILKDTTSSIARYLYRTWYLAAARMAAQPRTWDPLFQAIMRSQYVTARGGSGAALRESLYAINVSLPDF
KGLPVKAATKIFQAAQLANLPFSHTSVAILADTSMGLRNQVQRRPRSIMPLNVPQQQVSAPHTLTADYINYHMNLSPTSG
SAVIEKVIPLGVYASSPPNQSINIDISACDASITWDFFLSVIMAAIHEGVASSSIGKPFMGVPASIVNDESVVGVRAARP
ISGMQNMIQHLSKLYKRGFSYRVNDSFSPGNDFTHMTTTFPSGSTATSTEHTANNSTMMETFLTVWGPEHTDDPDVLRLM
KSLTIQRNYVCQGDDGLMIIDGTTAGKVNSETIQNDLELISKYGEEFGWKYDIAYDGTAEYLKLYFIFGCRIPNLSRHPI
VGKERANSSAEEPWPAILDQIMGVFFNGVHDGLQWQRWIRYSWALCCAFSRQRTMIGESVGYLQYPMWSFVYWGLPLVKA
FGSDPWIFSWYMPTGDLGMYSWISLIRPLMTRWMVANGYVTDRCSTVFGNADYRRCFNELKLYQGYYMAQLPRNPKKSGR
AASREVREQFTQALSDYLMQNPELKSRVLRGRSEWEKYGAGIIHNPPSLFDVPHKWYQGAQEAAIATREELAEMDETLMR
ARRHSYSSFSKLLEAYLLVKWRMCEAREPSVDLRLPLCAGIDPLNSDPFLKMVSVGPMLQSTRKYFAQTLFMAKTVSGLD
VNAIDSALLRLRTLGADKKALTAQLLMVGLQESEADALAGKIMLQDVNTVQLARVVNLAVPDTWMSLDFDSMFKHHVKLL
PKDGRHLNTDIPPRMGWLRAILRFLGAGMVMTATGVAVDIYLEDIHGGGRSLGQRFMTWMRQEGRSA
;
_entity_poly.pdbx_strand_id   A
#
loop_
_chem_comp.id
_chem_comp.type
_chem_comp.name
_chem_comp.formula
GTG non-polymer 7-METHYL-GUANOSINE-5'-TRIPHOSPHATE-5'-GUANOSINE 'C21 H30 N10 O18 P3 1'
MN non-polymer 'MANGANESE (II) ION' 'Mn 2'
#
# COMPACT_ATOMS: atom_id res chain seq x y z
N SER A 2 -33.87 2.41 15.55
CA SER A 2 -33.82 2.51 17.03
C SER A 2 -34.22 3.90 17.49
N SER A 3 -35.51 4.08 17.78
CA SER A 3 -36.08 5.35 18.25
C SER A 3 -35.06 6.49 18.23
N MET A 4 -34.18 6.54 19.22
CA MET A 4 -33.17 7.59 19.28
C MET A 4 -32.47 7.72 17.92
N ILE A 5 -31.91 6.61 17.42
CA ILE A 5 -31.22 6.61 16.13
C ILE A 5 -32.20 6.75 14.97
N LEU A 6 -33.26 5.94 14.99
CA LEU A 6 -34.28 5.94 13.96
C LEU A 6 -34.97 7.28 13.87
N THR A 7 -35.07 7.98 15.00
CA THR A 7 -35.72 9.29 15.05
C THR A 7 -34.85 10.36 14.41
N GLN A 8 -33.57 10.35 14.70
CA GLN A 8 -32.67 11.36 14.14
C GLN A 8 -32.10 11.16 12.74
N PHE A 9 -32.12 9.95 12.23
CA PHE A 9 -31.56 9.69 10.90
C PHE A 9 -32.54 8.98 9.94
N GLY A 10 -33.79 8.86 10.37
CA GLY A 10 -34.83 8.16 9.63
C GLY A 10 -34.79 8.36 8.12
N PRO A 11 -35.01 9.60 7.64
CA PRO A 11 -34.96 9.83 6.18
C PRO A 11 -33.67 9.44 5.47
N PHE A 12 -32.53 9.63 6.14
CA PHE A 12 -31.24 9.29 5.55
C PHE A 12 -31.10 7.77 5.52
N ILE A 13 -31.53 7.13 6.61
CA ILE A 13 -31.45 5.68 6.72
C ILE A 13 -32.16 4.98 5.57
N GLU A 14 -33.27 5.57 5.12
CA GLU A 14 -34.01 4.95 4.03
C GLU A 14 -33.42 5.25 2.66
N SER A 15 -32.66 6.34 2.57
CA SER A 15 -32.06 6.74 1.32
C SER A 15 -30.83 5.89 0.99
N ILE A 16 -30.26 5.26 2.00
CA ILE A 16 -29.08 4.44 1.79
C ILE A 16 -29.41 2.96 1.94
N SER A 17 -30.71 2.68 2.08
CA SER A 17 -31.17 1.30 2.20
C SER A 17 -31.92 0.88 0.94
N GLY A 18 -32.01 1.80 -0.04
CA GLY A 18 -32.69 1.48 -1.29
C GLY A 18 -34.19 1.70 -1.28
N ILE A 19 -34.68 2.35 -0.23
CA ILE A 19 -36.11 2.61 -0.11
C ILE A 19 -36.49 4.00 -0.64
N THR A 20 -35.61 4.95 -0.41
CA THR A 20 -35.80 6.34 -0.81
C THR A 20 -34.66 6.84 -1.68
N ASP A 21 -34.89 7.90 -2.45
CA ASP A 21 -33.82 8.49 -3.26
C ASP A 21 -32.88 9.20 -2.31
N GLN A 22 -31.63 9.35 -2.71
CA GLN A 22 -30.65 10.07 -1.90
C GLN A 22 -30.77 11.52 -2.34
N SER A 23 -30.57 12.44 -1.41
CA SER A 23 -30.66 13.87 -1.74
C SER A 23 -29.72 14.58 -0.78
N ASN A 24 -29.03 15.59 -1.29
CA ASN A 24 -28.10 16.32 -0.46
C ASN A 24 -28.74 16.92 0.80
N ASP A 25 -30.00 17.33 0.69
CA ASP A 25 -30.69 17.90 1.84
C ASP A 25 -30.69 16.90 3.00
N VAL A 26 -31.16 15.68 2.73
CA VAL A 26 -31.19 14.68 3.78
C VAL A 26 -29.76 14.31 4.17
N PHE A 27 -28.90 14.11 3.18
CA PHE A 27 -27.50 13.77 3.47
C PHE A 27 -26.91 14.77 4.44
N GLU A 28 -27.04 16.06 4.11
CA GLU A 28 -26.48 17.08 4.96
C GLU A 28 -27.18 17.21 6.31
N ASP A 29 -28.49 16.98 6.34
CA ASP A 29 -29.21 17.02 7.60
C ASP A 29 -28.63 15.91 8.47
N ALA A 30 -28.46 14.73 7.88
CA ALA A 30 -27.89 13.60 8.59
C ALA A 30 -26.49 13.98 9.10
N ALA A 31 -25.72 14.66 8.26
CA ALA A 31 -24.39 15.08 8.66
C ALA A 31 -24.47 15.97 9.91
N LYS A 32 -25.36 16.95 9.88
CA LYS A 32 -25.54 17.82 11.04
C LYS A 32 -25.87 16.98 12.26
N ALA A 33 -26.70 15.95 12.07
CA ALA A 33 -27.12 15.07 13.17
C ALA A 33 -25.95 14.30 13.74
N PHE A 34 -25.03 13.85 12.87
CA PHE A 34 -23.87 13.10 13.34
C PHE A 34 -23.00 13.97 14.24
N SER A 35 -22.69 15.16 13.77
CA SER A 35 -21.81 16.07 14.50
C SER A 35 -22.38 16.60 15.81
N MET A 36 -23.70 16.56 15.94
CA MET A 36 -24.34 17.05 17.17
C MET A 36 -24.56 15.96 18.20
N PHE A 37 -24.27 14.73 17.79
CA PHE A 37 -24.40 13.56 18.65
C PHE A 37 -23.22 13.53 19.62
N THR A 38 -23.50 13.56 20.92
CA THR A 38 -22.43 13.52 21.90
C THR A 38 -22.01 12.06 22.07
N ARG A 39 -20.76 11.86 22.47
CA ARG A 39 -20.22 10.53 22.69
C ARG A 39 -21.14 9.65 23.56
N SER A 40 -21.51 10.16 24.73
CA SER A 40 -22.38 9.38 25.63
C SER A 40 -23.70 9.00 24.96
N ASP A 41 -24.15 9.81 24.01
CA ASP A 41 -25.40 9.47 23.34
C ASP A 41 -25.22 8.18 22.55
N VAL A 42 -24.04 7.99 21.97
CA VAL A 42 -23.79 6.78 21.20
C VAL A 42 -23.98 5.58 22.11
N TYR A 43 -23.44 5.68 23.32
CA TYR A 43 -23.57 4.61 24.31
C TYR A 43 -25.02 4.48 24.76
N LYS A 44 -25.75 5.59 24.80
CA LYS A 44 -27.16 5.50 25.15
C LYS A 44 -27.92 4.79 24.04
N ALA A 45 -27.52 5.04 22.81
CA ALA A 45 -28.14 4.39 21.66
C ALA A 45 -27.85 2.89 21.76
N LEU A 46 -26.62 2.53 22.11
CA LEU A 46 -26.26 1.13 22.26
C LEU A 46 -27.12 0.48 23.34
N ASP A 47 -27.44 1.23 24.40
CA ASP A 47 -28.28 0.73 25.49
C ASP A 47 -29.68 0.32 25.02
N GLU A 48 -30.19 1.00 23.99
CA GLU A 48 -31.52 0.71 23.46
C GLU A 48 -31.64 -0.60 22.70
N ILE A 49 -30.50 -1.19 22.32
CA ILE A 49 -30.51 -2.45 21.59
C ILE A 49 -30.80 -3.65 22.49
N PRO A 50 -31.86 -4.41 22.19
CA PRO A 50 -32.28 -5.59 22.95
C PRO A 50 -31.44 -6.80 22.57
N PHE A 51 -30.18 -6.78 22.97
CA PHE A 51 -29.28 -7.87 22.65
C PHE A 51 -29.87 -9.24 22.94
N SER A 52 -29.44 -10.23 22.17
CA SER A 52 -29.88 -11.62 22.30
C SER A 52 -28.86 -12.38 23.15
N ASP A 53 -29.28 -13.49 23.74
CA ASP A 53 -28.37 -14.27 24.57
C ASP A 53 -27.18 -14.77 23.76
N ASP A 54 -27.39 -15.02 22.47
CA ASP A 54 -26.32 -15.54 21.63
C ASP A 54 -25.25 -14.50 21.35
N ALA A 55 -25.47 -13.26 21.74
CA ALA A 55 -24.48 -12.21 21.52
C ALA A 55 -23.63 -12.02 22.77
N MET A 56 -23.90 -12.84 23.79
CA MET A 56 -23.18 -12.71 25.04
C MET A 56 -22.23 -13.85 25.33
N LEU A 57 -21.21 -13.54 26.12
CA LEU A 57 -20.25 -14.53 26.53
C LEU A 57 -19.61 -14.00 27.82
N PRO A 58 -18.98 -14.87 28.60
CA PRO A 58 -18.35 -14.48 29.86
C PRO A 58 -17.22 -13.46 29.70
N ILE A 59 -17.31 -12.35 30.42
CA ILE A 59 -16.25 -11.35 30.36
C ILE A 59 -15.35 -11.42 31.60
N PRO A 60 -14.09 -11.84 31.42
CA PRO A 60 -13.07 -11.99 32.47
C PRO A 60 -13.02 -10.78 33.41
N PRO A 61 -13.36 -10.99 34.69
CA PRO A 61 -13.34 -9.86 35.64
C PRO A 61 -11.94 -9.26 35.76
N THR A 62 -10.93 -10.08 35.51
CA THR A 62 -9.54 -9.64 35.62
C THR A 62 -9.14 -8.62 34.54
N ILE A 63 -10.03 -8.35 33.60
CA ILE A 63 -9.74 -7.38 32.57
C ILE A 63 -9.69 -5.98 33.17
N TYR A 64 -10.49 -5.77 34.21
CA TYR A 64 -10.61 -4.47 34.86
C TYR A 64 -9.69 -4.18 36.03
N THR A 65 -9.32 -5.19 36.80
CA THR A 65 -8.46 -4.96 37.95
C THR A 65 -7.04 -5.32 37.59
N LYS A 66 -6.22 -4.31 37.33
CA LYS A 66 -4.83 -4.58 36.94
C LYS A 66 -3.78 -3.94 37.84
N PRO A 67 -2.57 -4.55 37.87
CA PRO A 67 -1.43 -4.11 38.68
C PRO A 67 -0.86 -2.77 38.26
N SER A 68 0.05 -2.27 39.09
CA SER A 68 0.74 -1.02 38.84
C SER A 68 1.78 -1.26 37.75
N HIS A 69 1.93 -0.31 36.85
CA HIS A 69 2.90 -0.41 35.77
C HIS A 69 4.31 -0.56 36.33
N ASP A 70 4.57 0.01 37.51
CA ASP A 70 5.92 0.02 38.08
C ASP A 70 6.78 -1.26 38.05
N SER A 71 6.21 -2.43 38.35
CA SER A 71 7.00 -3.65 38.34
C SER A 71 7.35 -4.15 36.95
N TYR A 72 6.88 -3.42 35.93
CA TYR A 72 7.09 -3.79 34.54
C TYR A 72 8.23 -3.05 33.87
N TYR A 73 8.91 -2.18 34.60
CA TYR A 73 10.02 -1.43 34.04
C TYR A 73 11.20 -1.39 34.99
N TYR A 74 12.33 -0.89 34.49
CA TYR A 74 13.53 -0.77 35.29
C TYR A 74 14.49 0.18 34.56
N ILE A 75 15.63 0.47 35.18
CA ILE A 75 16.63 1.34 34.56
C ILE A 75 17.86 0.46 34.25
N ASP A 76 18.32 0.43 33.01
CA ASP A 76 19.47 -0.43 32.70
C ASP A 76 20.83 0.24 32.97
N ALA A 77 21.89 -0.50 32.68
CA ALA A 77 23.24 -0.01 32.90
C ALA A 77 23.55 1.30 32.17
N LEU A 78 22.85 1.54 31.06
CA LEU A 78 23.04 2.76 30.29
C LEU A 78 21.99 3.81 30.65
N ASN A 79 21.34 3.60 31.80
CA ASN A 79 20.32 4.52 32.29
C ASN A 79 19.09 4.69 31.38
N ARG A 80 18.84 3.70 30.52
CA ARG A 80 17.71 3.73 29.61
C ARG A 80 16.51 3.08 30.30
N VAL A 81 15.35 3.75 30.28
CA VAL A 81 14.16 3.15 30.87
C VAL A 81 13.84 1.91 30.03
N ARG A 82 13.85 0.74 30.66
CA ARG A 82 13.58 -0.47 29.91
C ARG A 82 12.35 -1.19 30.39
N ARG A 83 11.89 -2.11 29.57
CA ARG A 83 10.74 -2.90 29.92
C ARG A 83 11.26 -4.16 30.61
N LYS A 84 10.74 -4.42 31.81
CA LYS A 84 11.15 -5.60 32.58
C LYS A 84 10.40 -6.82 32.05
N THR A 85 11.16 -7.82 31.62
CA THR A 85 10.60 -9.04 31.07
C THR A 85 10.13 -10.12 32.05
N TYR A 86 8.99 -10.75 31.74
CA TYR A 86 8.41 -11.81 32.57
C TYR A 86 7.98 -13.04 31.74
N GLN A 87 7.41 -12.80 30.58
CA GLN A 87 6.93 -13.90 29.75
C GLN A 87 7.95 -14.31 28.70
N GLY A 88 9.08 -13.59 28.64
CA GLY A 88 10.09 -13.95 27.65
C GLY A 88 10.70 -12.81 26.86
N PRO A 89 11.64 -13.11 25.96
CA PRO A 89 12.35 -12.16 25.11
C PRO A 89 11.43 -11.19 24.36
N ASP A 90 10.19 -11.61 24.16
CA ASP A 90 9.23 -10.78 23.45
C ASP A 90 8.41 -9.86 24.35
N ASP A 91 8.27 -10.25 25.62
CA ASP A 91 7.47 -9.50 26.58
C ASP A 91 8.03 -8.13 26.90
N VAL A 92 8.00 -7.29 25.88
CA VAL A 92 8.54 -5.96 25.94
C VAL A 92 7.55 -4.84 25.56
N TYR A 93 6.36 -5.21 25.15
CA TYR A 93 5.34 -4.24 24.73
C TYR A 93 4.68 -3.52 25.93
N VAL A 94 3.56 -2.84 25.69
CA VAL A 94 2.85 -2.14 26.74
C VAL A 94 2.15 -3.15 27.62
N PRO A 95 2.40 -3.10 28.93
CA PRO A 95 1.79 -4.02 29.90
C PRO A 95 0.35 -3.61 30.27
N ASN A 96 -0.46 -4.59 30.66
CA ASN A 96 -1.84 -4.33 31.05
C ASN A 96 -1.87 -3.92 32.53
N CYS A 97 -1.88 -2.61 32.75
CA CYS A 97 -1.84 -2.11 34.11
C CYS A 97 -2.84 -1.00 34.36
N SER A 98 -2.94 -0.61 35.63
CA SER A 98 -3.82 0.48 36.03
C SER A 98 -3.23 1.75 35.43
N ILE A 99 -4.02 2.81 35.39
CA ILE A 99 -3.54 4.03 34.77
C ILE A 99 -4.06 5.28 35.50
N VAL A 100 -5.24 5.16 36.10
CA VAL A 100 -5.84 6.30 36.79
C VAL A 100 -4.95 6.95 37.85
N GLU A 101 -4.20 6.16 38.61
CA GLU A 101 -3.35 6.71 39.65
C GLU A 101 -2.25 7.66 39.13
N LEU A 102 -2.02 7.69 37.82
CA LEU A 102 -0.99 8.54 37.26
C LEU A 102 -1.49 9.81 36.59
N LEU A 103 -2.80 10.05 36.63
CA LEU A 103 -3.38 11.21 35.94
C LEU A 103 -3.96 12.36 36.79
N GLU A 104 -4.01 13.55 36.20
CA GLU A 104 -4.57 14.75 36.84
C GLU A 104 -5.81 15.06 36.01
N PRO A 105 -6.96 15.22 36.65
CA PRO A 105 -8.19 15.53 35.90
C PRO A 105 -8.01 16.69 34.93
N HIS A 106 -8.69 16.61 33.79
CA HIS A 106 -8.62 17.67 32.79
C HIS A 106 -9.44 18.84 33.33
N GLU A 107 -9.06 20.06 32.97
CA GLU A 107 -9.78 21.22 33.45
C GLU A 107 -11.28 21.14 33.17
N THR A 108 -11.66 21.11 31.89
CA THR A 108 -13.07 21.08 31.50
C THR A 108 -13.74 19.71 31.62
N LEU A 109 -13.06 18.67 31.15
CA LEU A 109 -13.61 17.31 31.20
C LEU A 109 -13.19 16.66 32.50
N THR A 110 -13.70 17.18 33.61
CA THR A 110 -13.38 16.68 34.94
C THR A 110 -13.33 15.17 35.14
N SER A 111 -14.04 14.40 34.32
CA SER A 111 -14.03 12.95 34.47
C SER A 111 -12.88 12.25 33.73
N TYR A 112 -12.15 12.99 32.93
CA TYR A 112 -11.01 12.44 32.20
C TYR A 112 -9.72 13.05 32.72
N GLY A 113 -8.61 12.35 32.50
CA GLY A 113 -7.33 12.85 32.98
C GLY A 113 -6.16 12.50 32.08
N ARG A 114 -5.12 13.31 32.19
CA ARG A 114 -3.90 13.14 31.41
C ARG A 114 -2.77 12.84 32.38
N LEU A 115 -1.61 12.43 31.86
CA LEU A 115 -0.45 12.13 32.71
C LEU A 115 -0.10 13.36 33.52
N SER A 116 -0.01 13.20 34.84
CA SER A 116 0.30 14.30 35.74
C SER A 116 1.53 15.14 35.38
N GLU A 117 1.30 16.44 35.20
CA GLU A 117 2.36 17.38 34.85
C GLU A 117 3.50 17.27 35.85
N ALA A 118 3.16 16.95 37.09
CA ALA A 118 4.16 16.81 38.13
C ALA A 118 5.07 15.62 37.83
N ILE A 119 4.48 14.46 37.55
CA ILE A 119 5.26 13.26 37.25
C ILE A 119 6.17 13.48 36.05
N GLU A 120 5.66 14.14 35.01
CA GLU A 120 6.47 14.38 33.80
C GLU A 120 7.64 15.33 34.06
N ASN A 121 7.39 16.42 34.78
CA ASN A 121 8.44 17.39 35.09
C ASN A 121 9.44 16.75 36.01
N ARG A 122 8.93 15.91 36.90
CA ARG A 122 9.79 15.20 37.83
C ARG A 122 10.64 14.23 37.00
N ALA A 123 10.07 13.79 35.88
CA ALA A 123 10.77 12.87 34.99
C ALA A 123 11.82 13.62 34.19
N LYS A 124 11.49 14.86 33.81
CA LYS A 124 12.39 15.69 33.03
C LYS A 124 13.55 15.96 33.96
N ASP A 125 13.33 15.98 35.20
CA ASP A 125 14.38 16.25 36.18
C ASP A 125 15.17 15.05 36.59
N GLY A 126 15.19 14.12 35.65
CA GLY A 126 15.92 12.91 35.91
C GLY A 126 15.45 11.91 36.97
N ASP A 127 14.29 12.12 37.59
CA ASP A 127 13.89 11.13 38.59
C ASP A 127 13.61 9.80 37.92
N SER A 128 14.14 8.73 38.50
CA SER A 128 13.97 7.40 37.94
C SER A 128 12.53 6.90 37.99
N GLN A 129 11.88 6.99 39.16
CA GLN A 129 10.51 6.51 39.29
C GLN A 129 9.55 7.24 38.34
N ALA A 130 9.75 8.54 38.19
CA ALA A 130 8.91 9.32 37.32
C ALA A 130 9.19 9.04 35.84
N ARG A 131 10.45 8.77 35.49
CA ARG A 131 10.78 8.46 34.10
C ARG A 131 10.02 7.21 33.68
N ILE A 132 9.98 6.23 34.60
CA ILE A 132 9.28 4.99 34.32
C ILE A 132 7.79 5.23 34.14
N ALA A 133 7.20 6.03 35.03
CA ALA A 133 5.77 6.32 34.95
C ALA A 133 5.45 7.11 33.70
N THR A 134 6.33 8.03 33.33
CA THR A 134 6.09 8.82 32.14
C THR A 134 6.19 7.93 30.90
N THR A 135 7.17 7.04 30.88
CA THR A 135 7.34 6.14 29.75
C THR A 135 6.05 5.34 29.58
N TYR A 136 5.65 4.62 30.62
CA TYR A 136 4.43 3.81 30.59
C TYR A 136 3.23 4.63 30.16
N GLY A 137 3.10 5.82 30.74
CA GLY A 137 1.98 6.69 30.40
C GLY A 137 1.98 7.08 28.93
N ARG A 138 3.13 7.48 28.42
CA ARG A 138 3.28 7.89 27.02
C ARG A 138 3.10 6.74 26.03
N ILE A 139 3.59 5.56 26.38
CA ILE A 139 3.47 4.43 25.47
C ILE A 139 2.04 3.87 25.50
N ALA A 140 1.37 3.97 26.64
CA ALA A 140 0.00 3.47 26.72
C ALA A 140 -0.86 4.36 25.81
N GLU A 141 -0.58 5.65 25.85
CA GLU A 141 -1.29 6.61 25.03
C GLU A 141 -1.04 6.29 23.54
N SER A 142 0.23 6.13 23.19
CA SER A 142 0.59 5.80 21.81
C SER A 142 -0.21 4.59 21.35
N GLN A 143 -0.37 3.61 22.23
CA GLN A 143 -1.14 2.42 21.87
C GLN A 143 -2.61 2.78 21.61
N ALA A 144 -3.17 3.66 22.43
CA ALA A 144 -4.56 4.06 22.26
C ALA A 144 -4.78 4.95 21.02
N ARG A 145 -3.72 5.56 20.51
CA ARG A 145 -3.83 6.43 19.33
C ARG A 145 -3.77 5.73 17.98
N GLN A 146 -3.53 4.42 17.95
CA GLN A 146 -3.41 3.71 16.67
C GLN A 146 -4.71 3.53 15.88
N ILE A 147 -5.55 4.57 15.90
CA ILE A 147 -6.82 4.57 15.19
C ILE A 147 -6.96 5.86 14.40
N LYS A 148 -7.85 5.84 13.40
CA LYS A 148 -8.08 6.99 12.52
C LYS A 148 -8.90 8.06 13.17
N ALA A 149 -9.79 7.64 14.06
CA ALA A 149 -10.70 8.58 14.72
C ALA A 149 -11.37 7.87 15.89
N PRO A 150 -12.15 8.62 16.68
CA PRO A 150 -12.84 8.04 17.84
C PRO A 150 -13.73 6.86 17.45
N LEU A 151 -13.65 5.78 18.22
CA LEU A 151 -14.47 4.62 17.95
C LEU A 151 -15.97 4.94 17.88
N GLU A 152 -16.42 5.92 18.65
CA GLU A 152 -17.83 6.31 18.66
C GLU A 152 -18.37 6.72 17.30
N LYS A 153 -17.52 7.27 16.44
CA LYS A 153 -17.93 7.68 15.09
C LYS A 153 -18.27 6.45 14.28
N PHE A 154 -17.38 5.46 14.33
CA PHE A 154 -17.56 4.22 13.59
C PHE A 154 -18.76 3.42 14.08
N VAL A 155 -19.01 3.47 15.39
CA VAL A 155 -20.16 2.76 15.97
C VAL A 155 -21.45 3.46 15.56
N LEU A 156 -21.46 4.79 15.71
CA LEU A 156 -22.65 5.54 15.35
C LEU A 156 -22.97 5.26 13.88
N ALA A 157 -21.96 5.29 13.02
CA ALA A 157 -22.20 5.02 11.61
C ALA A 157 -22.80 3.61 11.45
N LEU A 158 -22.28 2.63 12.18
CA LEU A 158 -22.82 1.29 12.06
C LEU A 158 -24.28 1.22 12.53
N LEU A 159 -24.61 1.94 13.60
CA LEU A 159 -25.98 1.95 14.10
C LEU A 159 -26.91 2.60 13.07
N VAL A 160 -26.47 3.71 12.50
CA VAL A 160 -27.29 4.40 11.53
C VAL A 160 -27.55 3.57 10.27
N ALA A 161 -26.52 2.89 9.77
CA ALA A 161 -26.68 2.13 8.53
C ALA A 161 -27.45 0.84 8.78
N GLU A 162 -27.28 0.21 9.94
CA GLU A 162 -27.97 -1.03 10.25
C GLU A 162 -29.43 -0.86 10.61
N ALA A 163 -29.82 0.35 10.99
CA ALA A 163 -31.22 0.59 11.34
C ALA A 163 -32.08 0.43 10.09
N GLY A 164 -31.41 0.29 8.94
CA GLY A 164 -32.10 0.12 7.68
C GLY A 164 -32.58 -1.31 7.48
N GLY A 165 -32.13 -2.22 8.33
CA GLY A 165 -32.55 -3.61 8.23
C GLY A 165 -31.97 -4.35 7.03
N SER A 166 -32.47 -5.56 6.80
CA SER A 166 -31.98 -6.38 5.69
C SER A 166 -32.11 -5.68 4.35
N LEU A 167 -31.15 -5.96 3.46
CA LEU A 167 -31.12 -5.37 2.15
C LEU A 167 -31.54 -6.33 1.04
N TYR A 168 -32.38 -5.83 0.14
CA TYR A 168 -32.91 -6.61 -0.98
C TYR A 168 -31.90 -6.65 -2.11
N ASP A 169 -31.41 -7.84 -2.45
CA ASP A 169 -30.43 -7.96 -3.54
C ASP A 169 -31.15 -7.90 -4.88
N PRO A 170 -30.81 -6.90 -5.71
CA PRO A 170 -31.41 -6.72 -7.03
C PRO A 170 -31.25 -7.92 -7.98
N VAL A 171 -30.16 -8.65 -7.86
CA VAL A 171 -29.95 -9.81 -8.72
C VAL A 171 -30.57 -11.10 -8.20
N LEU A 172 -30.31 -11.41 -6.93
CA LEU A 172 -30.85 -12.63 -6.32
C LEU A 172 -32.34 -12.50 -6.05
N GLN A 173 -32.82 -11.27 -6.05
CA GLN A 173 -34.21 -10.96 -5.80
C GLN A 173 -34.74 -11.45 -4.45
N LYS A 174 -33.94 -11.24 -3.41
CA LYS A 174 -34.31 -11.61 -2.05
C LYS A 174 -33.49 -10.82 -1.03
N TYR A 175 -34.01 -10.71 0.18
CA TYR A 175 -33.32 -9.99 1.24
C TYR A 175 -32.20 -10.87 1.77
N ASP A 176 -31.10 -10.28 2.23
CA ASP A 176 -30.02 -11.06 2.77
C ASP A 176 -30.47 -11.59 4.10
N GLU A 177 -29.80 -12.60 4.62
CA GLU A 177 -30.20 -13.16 5.91
C GLU A 177 -29.13 -12.92 6.97
N ILE A 178 -28.42 -11.81 6.83
CA ILE A 178 -27.41 -11.42 7.79
C ILE A 178 -28.07 -10.96 9.09
N PRO A 179 -27.75 -11.61 10.21
CA PRO A 179 -28.30 -11.29 11.53
C PRO A 179 -28.27 -9.81 11.91
N ASP A 180 -29.28 -9.35 12.65
CA ASP A 180 -29.31 -7.96 13.05
C ASP A 180 -28.41 -7.74 14.27
N LEU A 181 -28.16 -6.47 14.59
CA LEU A 181 -27.27 -6.11 15.69
C LEU A 181 -27.53 -6.74 17.04
N SER A 182 -28.75 -7.21 17.29
CA SER A 182 -29.05 -7.83 18.58
C SER A 182 -28.27 -9.13 18.76
N HIS A 183 -27.64 -9.60 17.68
CA HIS A 183 -26.86 -10.84 17.70
C HIS A 183 -25.37 -10.55 17.53
N ASN A 184 -25.00 -9.29 17.57
CA ASN A 184 -23.60 -8.89 17.38
C ASN A 184 -22.84 -8.92 18.71
N CYS A 185 -22.15 -10.03 18.97
CA CYS A 185 -21.38 -10.20 20.20
C CYS A 185 -20.30 -9.13 20.35
N PRO A 186 -19.56 -8.80 19.27
CA PRO A 186 -18.56 -7.77 19.48
C PRO A 186 -19.20 -6.49 20.07
N LEU A 187 -20.33 -6.05 19.49
CA LEU A 187 -21.02 -4.84 19.97
C LEU A 187 -21.50 -4.96 21.41
N TRP A 188 -22.06 -6.12 21.75
CA TRP A 188 -22.54 -6.36 23.09
C TRP A 188 -21.39 -6.19 24.08
N CYS A 189 -20.23 -6.76 23.73
CA CYS A 189 -19.04 -6.65 24.58
C CYS A 189 -18.63 -5.20 24.72
N PHE A 190 -18.56 -4.50 23.60
CA PHE A 190 -18.19 -3.09 23.61
C PHE A 190 -19.09 -2.35 24.61
N ARG A 191 -20.40 -2.50 24.47
CA ARG A 191 -21.32 -1.84 25.38
C ARG A 191 -21.13 -2.27 26.83
N GLU A 192 -20.96 -3.56 27.07
CA GLU A 192 -20.80 -4.05 28.44
C GLU A 192 -19.47 -3.66 29.07
N ILE A 193 -18.37 -3.91 28.36
CA ILE A 193 -17.05 -3.58 28.90
C ILE A 193 -17.01 -2.10 29.26
N CYS A 194 -17.48 -1.26 28.36
CA CYS A 194 -17.50 0.19 28.58
C CYS A 194 -18.44 0.60 29.71
N ARG A 195 -19.64 0.04 29.75
CA ARG A 195 -20.57 0.37 30.81
C ARG A 195 -19.94 -0.01 32.16
N HIS A 196 -19.32 -1.18 32.23
CA HIS A 196 -18.72 -1.62 33.47
C HIS A 196 -17.64 -0.64 33.91
N ILE A 197 -16.95 -0.04 32.94
CA ILE A 197 -15.89 0.88 33.28
C ILE A 197 -16.42 2.23 33.75
N SER A 198 -17.41 2.77 33.06
CA SER A 198 -17.93 4.07 33.46
C SER A 198 -18.67 4.00 34.81
N GLY A 199 -19.30 2.86 35.07
CA GLY A 199 -20.04 2.69 36.31
C GLY A 199 -21.09 3.77 36.50
N PRO A 200 -21.06 4.49 37.63
CA PRO A 200 -22.05 5.54 37.87
C PRO A 200 -21.73 6.86 37.16
N LEU A 201 -20.56 6.94 36.55
CA LEU A 201 -20.16 8.16 35.87
C LEU A 201 -21.06 8.47 34.67
N PRO A 202 -21.42 9.76 34.50
CA PRO A 202 -22.28 10.23 33.40
C PRO A 202 -21.58 10.04 32.05
N ASP A 203 -20.26 10.16 32.06
CA ASP A 203 -19.48 9.96 30.85
C ASP A 203 -19.40 8.47 30.56
N ARG A 204 -19.76 8.08 29.35
CA ARG A 204 -19.77 6.67 28.95
C ARG A 204 -18.48 6.21 28.24
N ALA A 205 -17.75 7.15 27.65
CA ALA A 205 -16.51 6.82 26.97
C ALA A 205 -15.35 6.55 27.90
N PRO A 206 -14.75 5.36 27.80
CA PRO A 206 -13.61 4.93 28.64
C PRO A 206 -12.37 5.76 28.37
N TYR A 207 -12.30 6.40 27.20
CA TYR A 207 -11.17 7.26 26.86
C TYR A 207 -11.59 8.13 25.69
N LEU A 208 -10.96 9.30 25.57
CA LEU A 208 -11.29 10.21 24.48
C LEU A 208 -10.11 10.30 23.55
N TYR A 209 -10.35 10.06 22.26
CA TYR A 209 -9.31 10.14 21.24
C TYR A 209 -9.20 11.58 20.78
N LEU A 210 -8.09 12.22 21.11
CA LEU A 210 -7.86 13.61 20.72
C LEU A 210 -6.88 13.72 19.55
N SER A 211 -6.75 14.94 19.02
CA SER A 211 -5.92 15.23 17.86
C SER A 211 -4.46 14.82 18.05
N ALA A 212 -3.93 14.96 19.27
CA ALA A 212 -2.53 14.58 19.49
C ALA A 212 -2.37 13.55 20.60
N GLY A 213 -3.33 13.55 21.53
CA GLY A 213 -3.24 12.61 22.63
C GLY A 213 -4.56 12.02 23.06
N VAL A 214 -4.51 11.33 24.18
CA VAL A 214 -5.68 10.67 24.74
C VAL A 214 -5.91 11.05 26.19
N PHE A 215 -7.16 10.95 26.61
CA PHE A 215 -7.54 11.21 27.99
C PHE A 215 -8.26 9.96 28.40
N TRP A 216 -8.10 9.55 29.65
CA TRP A 216 -8.77 8.34 30.09
C TRP A 216 -9.87 8.69 31.09
N LEU A 217 -10.96 7.96 31.04
CA LEU A 217 -12.04 8.18 32.00
C LEU A 217 -11.39 7.82 33.34
N MET A 218 -11.54 8.71 34.32
CA MET A 218 -10.95 8.51 35.65
C MET A 218 -11.59 7.39 36.44
N SER A 219 -11.61 6.18 35.89
CA SER A 219 -12.20 5.04 36.56
C SER A 219 -11.12 4.06 37.01
N PRO A 220 -11.23 3.57 38.24
CA PRO A 220 -10.25 2.61 38.79
C PRO A 220 -10.36 1.28 38.08
N ARG A 221 -11.34 1.20 37.19
CA ARG A 221 -11.59 -0.02 36.42
C ARG A 221 -10.99 0.07 35.00
N MET A 222 -10.44 1.24 34.68
CA MET A 222 -9.84 1.45 33.38
C MET A 222 -8.44 0.81 33.33
N THR A 223 -8.07 0.33 32.15
CA THR A 223 -6.79 -0.34 31.96
C THR A 223 -6.15 0.12 30.66
N SER A 224 -4.84 -0.03 30.56
CA SER A 224 -4.11 0.37 29.35
C SER A 224 -4.49 -0.54 28.20
N ALA A 225 -5.11 -1.65 28.51
CA ALA A 225 -5.50 -2.60 27.47
C ALA A 225 -6.88 -2.35 26.86
N ILE A 226 -7.65 -1.46 27.45
CA ILE A 226 -9.00 -1.19 26.97
C ILE A 226 -9.10 -0.62 25.54
N PRO A 227 -8.28 0.38 25.20
CA PRO A 227 -8.38 0.92 23.83
C PRO A 227 -8.16 -0.16 22.74
N PRO A 228 -7.06 -0.92 22.83
CA PRO A 228 -6.86 -1.95 21.81
C PRO A 228 -8.03 -2.93 21.77
N LEU A 229 -8.45 -3.40 22.94
CA LEU A 229 -9.57 -4.33 23.03
C LEU A 229 -10.79 -3.78 22.33
N LEU A 230 -11.14 -2.55 22.70
CA LEU A 230 -12.30 -1.88 22.12
C LEU A 230 -12.17 -1.72 20.61
N SER A 231 -10.99 -1.34 20.15
CA SER A 231 -10.79 -1.16 18.73
C SER A 231 -11.02 -2.47 17.96
N ASP A 232 -10.56 -3.59 18.51
CA ASP A 232 -10.76 -4.87 17.83
C ASP A 232 -12.25 -5.16 17.74
N LEU A 233 -12.95 -4.98 18.85
CA LEU A 233 -14.38 -5.24 18.92
C LEU A 233 -15.17 -4.46 17.87
N VAL A 234 -14.92 -3.17 17.75
CA VAL A 234 -15.63 -2.36 16.77
C VAL A 234 -15.39 -2.90 15.37
N ASN A 235 -14.15 -3.25 15.04
CA ASN A 235 -13.87 -3.79 13.71
C ASN A 235 -14.68 -5.06 13.49
N LEU A 236 -14.65 -5.94 14.49
CA LEU A 236 -15.37 -7.20 14.38
C LEU A 236 -16.86 -6.94 14.27
N ALA A 237 -17.33 -5.91 14.97
CA ALA A 237 -18.76 -5.56 14.94
C ALA A 237 -19.21 -5.22 13.51
N ILE A 238 -18.45 -4.33 12.87
CA ILE A 238 -18.70 -3.87 11.51
C ILE A 238 -18.54 -5.00 10.49
N LEU A 239 -17.47 -5.80 10.62
CA LEU A 239 -17.23 -6.89 9.68
C LEU A 239 -18.32 -7.96 9.71
N GLN A 240 -18.87 -8.22 10.89
CA GLN A 240 -19.93 -9.22 10.99
C GLN A 240 -21.15 -8.73 10.22
N GLN A 241 -21.35 -7.42 10.20
CA GLN A 241 -22.50 -6.89 9.49
C GLN A 241 -22.20 -6.64 8.02
N THR A 242 -20.94 -6.35 7.70
CA THR A 242 -20.55 -6.04 6.34
C THR A 242 -19.87 -7.12 5.52
N ALA A 243 -19.38 -8.17 6.16
CA ALA A 243 -18.76 -9.24 5.40
C ALA A 243 -19.62 -10.46 5.61
N GLY A 244 -20.66 -10.29 6.43
CA GLY A 244 -21.58 -11.36 6.74
C GLY A 244 -20.87 -12.50 7.47
N LEU A 245 -19.80 -12.18 8.20
CA LEU A 245 -19.03 -13.17 8.93
C LEU A 245 -19.92 -14.04 9.78
N ASP A 246 -19.63 -15.34 9.80
CA ASP A 246 -20.38 -16.27 10.62
C ASP A 246 -20.33 -15.74 12.06
N PRO A 247 -21.49 -15.43 12.64
CA PRO A 247 -21.49 -14.90 14.02
C PRO A 247 -20.75 -15.78 15.04
N SER A 248 -20.80 -17.09 14.84
CA SER A 248 -20.14 -18.03 15.75
C SER A 248 -18.61 -17.98 15.66
N LEU A 249 -18.08 -17.73 14.47
CA LEU A 249 -16.63 -17.63 14.32
C LEU A 249 -16.21 -16.33 14.97
N VAL A 250 -17.02 -15.30 14.78
CA VAL A 250 -16.75 -14.01 15.36
C VAL A 250 -16.58 -14.11 16.88
N LYS A 251 -17.48 -14.85 17.55
CA LYS A 251 -17.37 -14.99 19.01
C LYS A 251 -16.02 -15.57 19.43
N LEU A 252 -15.49 -16.52 18.66
CA LEU A 252 -14.18 -17.07 19.01
C LEU A 252 -13.17 -15.93 19.05
N GLY A 253 -13.23 -15.06 18.04
CA GLY A 253 -12.33 -13.94 17.96
C GLY A 253 -12.45 -13.03 19.17
N VAL A 254 -13.67 -12.71 19.57
CA VAL A 254 -13.84 -11.87 20.75
C VAL A 254 -13.20 -12.56 21.94
N GLN A 255 -13.42 -13.87 22.06
CA GLN A 255 -12.82 -14.63 23.15
C GLN A 255 -11.33 -14.40 23.21
N ILE A 256 -10.69 -14.45 22.05
CA ILE A 256 -9.25 -14.27 22.00
C ILE A 256 -8.87 -12.89 22.52
N CYS A 257 -9.56 -11.86 22.04
CA CYS A 257 -9.26 -10.50 22.46
C CYS A 257 -9.46 -10.35 23.96
N LEU A 258 -10.59 -10.88 24.47
CA LEU A 258 -10.87 -10.82 25.90
C LEU A 258 -9.69 -11.45 26.66
N HIS A 259 -9.17 -12.55 26.13
CA HIS A 259 -8.03 -13.21 26.75
C HIS A 259 -6.79 -12.34 26.69
N ALA A 260 -6.65 -11.56 25.61
CA ALA A 260 -5.49 -10.67 25.47
C ALA A 260 -5.56 -9.58 26.54
N ALA A 261 -6.74 -9.03 26.77
CA ALA A 261 -6.93 -7.98 27.77
C ALA A 261 -6.79 -8.58 29.18
N ALA A 262 -7.12 -9.87 29.29
CA ALA A 262 -7.03 -10.58 30.56
C ALA A 262 -5.57 -10.88 30.94
N SER A 263 -4.71 -10.98 29.94
CA SER A 263 -3.30 -11.30 30.17
C SER A 263 -2.56 -10.10 30.72
N SER A 264 -1.23 -10.21 30.77
CA SER A 264 -0.41 -9.12 31.29
C SER A 264 0.02 -8.15 30.18
N SER A 265 -0.37 -8.43 28.94
CA SER A 265 -0.01 -7.56 27.82
C SER A 265 -0.76 -7.93 26.54
N TYR A 266 -1.71 -7.08 26.17
CA TYR A 266 -2.55 -7.27 25.01
C TYR A 266 -1.75 -7.45 23.71
N SER A 267 -0.89 -6.48 23.40
CA SER A 267 -0.09 -6.54 22.18
C SER A 267 0.73 -7.83 22.13
N TRP A 268 1.40 -8.13 23.25
CA TRP A 268 2.23 -9.34 23.35
C TRP A 268 1.41 -10.61 23.11
N PHE A 269 0.28 -10.72 23.80
CA PHE A 269 -0.60 -11.87 23.69
C PHE A 269 -1.07 -12.09 22.25
N ILE A 270 -1.42 -11.00 21.57
CA ILE A 270 -1.89 -11.05 20.19
C ILE A 270 -0.76 -11.51 19.28
N LEU A 271 0.45 -11.03 19.57
CA LEU A 271 1.61 -11.40 18.78
C LEU A 271 1.89 -12.91 18.89
N LYS A 272 1.77 -13.45 20.10
CA LYS A 272 2.02 -14.87 20.32
C LYS A 272 0.95 -15.81 19.83
N THR A 273 -0.27 -15.31 19.65
CA THR A 273 -1.37 -16.16 19.24
C THR A 273 -2.02 -15.82 17.90
N LYS A 274 -1.42 -14.90 17.16
CA LYS A 274 -1.95 -14.46 15.86
C LYS A 274 -2.12 -15.57 14.81
N SER A 275 -1.45 -16.70 14.99
CA SER A 275 -1.55 -17.77 14.02
C SER A 275 -2.76 -18.67 14.23
N ILE A 276 -3.41 -18.58 15.39
CA ILE A 276 -4.56 -19.44 15.69
C ILE A 276 -5.51 -19.71 14.52
N PHE A 277 -6.21 -18.68 14.07
CA PHE A 277 -7.18 -18.85 13.00
C PHE A 277 -6.65 -19.38 11.66
N PRO A 278 -5.51 -18.86 11.17
CA PRO A 278 -5.00 -19.37 9.90
C PRO A 278 -4.52 -20.81 9.96
N GLN A 279 -3.77 -21.11 11.02
CA GLN A 279 -3.22 -22.43 11.22
C GLN A 279 -4.31 -23.48 11.35
N ASN A 280 -5.39 -23.14 12.04
CA ASN A 280 -6.45 -24.10 12.26
C ASN A 280 -7.56 -24.15 11.21
N THR A 281 -7.45 -23.30 10.19
CA THR A 281 -8.41 -23.28 9.09
C THR A 281 -7.62 -23.38 7.77
N LEU A 282 -7.17 -22.24 7.24
CA LEU A 282 -6.39 -22.19 6.00
C LEU A 282 -5.34 -23.30 5.87
N HIS A 283 -4.48 -23.45 6.87
CA HIS A 283 -3.41 -24.45 6.87
C HIS A 283 -3.78 -25.89 7.27
N SER A 284 -5.06 -26.22 7.36
CA SER A 284 -5.47 -27.58 7.76
C SER A 284 -6.66 -28.06 6.96
N MET A 285 -6.95 -27.37 5.86
CA MET A 285 -8.08 -27.72 5.03
C MET A 285 -7.89 -28.96 4.17
N TYR A 286 -9.00 -29.61 3.89
CA TYR A 286 -9.04 -30.78 3.02
C TYR A 286 -8.18 -31.96 3.39
N GLU A 287 -8.28 -32.40 4.65
CA GLU A 287 -7.53 -33.56 5.06
C GLU A 287 -8.19 -34.68 4.25
N SER A 288 -9.47 -34.48 3.96
CA SER A 288 -10.23 -35.40 3.14
C SER A 288 -10.87 -34.62 2.01
N LEU A 289 -10.33 -34.76 0.80
CA LEU A 289 -10.87 -34.06 -0.34
C LEU A 289 -11.77 -35.06 -1.06
N GLU A 290 -13.01 -34.65 -1.27
CA GLU A 290 -14.00 -35.52 -1.88
C GLU A 290 -14.56 -34.93 -3.18
N GLY A 291 -14.34 -33.64 -3.40
CA GLY A 291 -14.83 -33.01 -4.62
C GLY A 291 -14.61 -31.50 -4.73
N GLY A 292 -15.22 -30.91 -5.76
CA GLY A 292 -15.08 -29.48 -6.00
C GLY A 292 -14.18 -29.23 -7.21
N TYR A 293 -13.98 -27.97 -7.57
CA TYR A 293 -13.14 -27.61 -8.72
C TYR A 293 -12.09 -26.55 -8.38
N CYS A 294 -11.03 -26.49 -9.18
CA CYS A 294 -9.99 -25.51 -8.98
C CYS A 294 -9.55 -25.03 -10.37
N PRO A 295 -8.94 -23.84 -10.44
CA PRO A 295 -8.49 -23.29 -11.72
C PRO A 295 -7.46 -24.16 -12.42
N ASN A 296 -7.41 -24.03 -13.74
CA ASN A 296 -6.44 -24.74 -14.54
C ASN A 296 -5.83 -23.66 -15.42
N LEU A 297 -4.68 -23.16 -14.98
CA LEU A 297 -3.98 -22.11 -15.70
C LEU A 297 -2.71 -22.59 -16.38
N GLU A 298 -2.30 -21.86 -17.41
CA GLU A 298 -1.08 -22.13 -18.11
C GLU A 298 -0.21 -20.88 -17.91
N TRP A 299 1.03 -21.08 -17.49
CA TRP A 299 1.94 -19.96 -17.28
C TRP A 299 2.62 -19.72 -18.62
N LEU A 300 2.29 -18.62 -19.27
CA LEU A 300 2.88 -18.27 -20.57
C LEU A 300 4.38 -18.01 -20.52
N GLU A 301 5.02 -18.08 -21.69
CA GLU A 301 6.45 -17.82 -21.81
C GLU A 301 6.59 -16.41 -22.39
N PRO A 302 7.57 -15.64 -21.91
CA PRO A 302 8.56 -15.92 -20.87
C PRO A 302 7.88 -15.89 -19.50
N ARG A 303 8.19 -16.85 -18.63
CA ARG A 303 7.59 -16.87 -17.32
C ARG A 303 7.76 -15.53 -16.57
N SER A 304 8.78 -14.78 -16.93
CA SER A 304 9.04 -13.48 -16.30
C SER A 304 8.01 -12.39 -16.60
N ASP A 305 7.12 -12.66 -17.55
CA ASP A 305 6.08 -11.70 -17.88
C ASP A 305 4.92 -11.85 -16.91
N TYR A 306 4.91 -12.96 -16.17
CA TYR A 306 3.87 -13.26 -15.20
C TYR A 306 2.49 -13.18 -15.82
N LYS A 307 2.39 -13.68 -17.05
CA LYS A 307 1.15 -13.69 -17.79
C LYS A 307 0.61 -15.11 -17.80
N PHE A 308 -0.67 -15.23 -17.47
CA PHE A 308 -1.34 -16.52 -17.39
C PHE A 308 -2.60 -16.56 -18.25
N MET A 309 -2.99 -17.76 -18.65
CA MET A 309 -4.20 -17.93 -19.44
C MET A 309 -5.05 -19.02 -18.81
N TYR A 310 -6.33 -18.72 -18.65
CA TYR A 310 -7.29 -19.62 -18.04
C TYR A 310 -7.70 -20.68 -19.03
N MET A 311 -7.57 -21.95 -18.64
CA MET A 311 -7.92 -23.04 -19.53
C MET A 311 -9.12 -23.89 -19.11
N GLY A 312 -9.68 -23.60 -17.94
CA GLY A 312 -10.82 -24.38 -17.48
C GLY A 312 -10.74 -24.77 -16.01
N VAL A 313 -11.50 -25.79 -15.63
CA VAL A 313 -11.50 -26.24 -14.24
C VAL A 313 -10.91 -27.63 -14.08
N MET A 314 -10.26 -27.84 -12.94
CA MET A 314 -9.62 -29.11 -12.60
C MET A 314 -10.46 -29.81 -11.52
N PRO A 315 -11.16 -30.89 -11.88
CA PRO A 315 -12.01 -31.64 -10.95
C PRO A 315 -11.18 -32.17 -9.80
N LEU A 316 -11.61 -31.93 -8.58
CA LEU A 316 -10.86 -32.41 -7.43
C LEU A 316 -11.35 -33.76 -6.92
N SER A 317 -10.40 -34.56 -6.43
CA SER A 317 -10.72 -35.87 -5.88
C SER A 317 -9.84 -36.11 -4.66
N ALA A 318 -9.74 -37.35 -4.21
CA ALA A 318 -8.93 -37.68 -3.05
C ALA A 318 -7.45 -37.57 -3.36
N LYS A 319 -7.09 -37.82 -4.61
CA LYS A 319 -5.72 -37.76 -5.10
C LYS A 319 -5.06 -36.42 -4.71
N TYR A 320 -5.89 -35.42 -4.42
CA TYR A 320 -5.40 -34.08 -4.08
C TYR A 320 -5.58 -33.62 -2.63
N ALA A 321 -6.08 -34.51 -1.77
CA ALA A 321 -6.28 -34.15 -0.37
C ALA A 321 -4.96 -33.63 0.21
N ARG A 322 -5.04 -32.94 1.35
CA ARG A 322 -3.85 -32.39 1.98
C ARG A 322 -2.81 -33.47 2.18
N SER A 323 -1.62 -33.29 1.63
CA SER A 323 -0.55 -34.27 1.76
C SER A 323 0.62 -33.71 2.55
N ALA A 324 0.61 -32.38 2.74
CA ALA A 324 1.68 -31.74 3.48
C ALA A 324 1.67 -32.20 4.94
N PRO A 325 2.77 -31.98 5.66
CA PRO A 325 2.88 -32.38 7.07
C PRO A 325 1.68 -31.90 7.90
N SER A 326 1.34 -32.67 8.94
CA SER A 326 0.24 -32.33 9.83
C SER A 326 0.74 -31.30 10.82
N ASN A 327 -0.14 -30.39 11.25
CA ASN A 327 0.27 -29.37 12.21
C ASN A 327 -0.58 -29.41 13.49
N ASP A 328 -1.39 -30.45 13.60
CA ASP A 328 -2.26 -30.69 14.75
C ASP A 328 -1.55 -30.57 16.10
N LYS A 329 -0.41 -31.25 16.23
CA LYS A 329 0.34 -31.22 17.48
C LYS A 329 0.75 -29.81 17.87
N LYS A 330 1.49 -29.13 16.99
CA LYS A 330 1.92 -27.77 17.28
C LYS A 330 0.72 -26.86 17.53
N ALA A 331 -0.28 -26.93 16.65
CA ALA A 331 -1.48 -26.11 16.77
C ALA A 331 -2.13 -26.23 18.14
N ARG A 332 -2.29 -27.45 18.63
CA ARG A 332 -2.89 -27.67 19.94
C ARG A 332 -1.96 -27.26 21.06
N GLU A 333 -0.65 -27.35 20.83
CA GLU A 333 0.30 -26.95 21.87
C GLU A 333 0.19 -25.47 22.07
N LEU A 334 0.14 -24.70 20.98
CA LEU A 334 0.03 -23.24 21.08
C LEU A 334 -1.22 -22.84 21.87
N GLY A 335 -2.35 -23.47 21.55
CA GLY A 335 -3.57 -23.18 22.25
C GLY A 335 -3.50 -23.48 23.75
N GLU A 336 -3.00 -24.67 24.09
CA GLU A 336 -2.85 -25.10 25.48
C GLU A 336 -1.99 -24.11 26.27
N LYS A 337 -0.89 -23.69 25.66
CA LYS A 337 0.04 -22.75 26.27
C LYS A 337 -0.50 -21.34 26.51
N TYR A 338 -1.45 -20.89 25.69
CA TYR A 338 -2.01 -19.54 25.86
C TYR A 338 -3.48 -19.53 26.28
N GLY A 339 -3.88 -20.56 27.03
CA GLY A 339 -5.25 -20.64 27.49
C GLY A 339 -6.32 -20.53 26.42
N LEU A 340 -6.03 -21.01 25.21
CA LEU A 340 -7.01 -20.93 24.13
C LEU A 340 -7.32 -22.27 23.43
N SER A 341 -7.00 -23.37 24.09
CA SER A 341 -7.21 -24.69 23.51
C SER A 341 -8.66 -24.96 23.06
N SER A 342 -9.63 -24.35 23.73
CA SER A 342 -11.03 -24.55 23.36
C SER A 342 -11.29 -23.98 21.97
N VAL A 343 -10.63 -22.87 21.68
CA VAL A 343 -10.76 -22.20 20.39
C VAL A 343 -10.02 -23.02 19.32
N VAL A 344 -8.83 -23.49 19.65
CA VAL A 344 -8.08 -24.28 18.70
C VAL A 344 -8.89 -25.52 18.30
N GLY A 345 -9.32 -26.28 19.30
CA GLY A 345 -10.08 -27.50 19.05
C GLY A 345 -11.41 -27.30 18.34
N GLU A 346 -12.12 -26.21 18.66
CA GLU A 346 -13.39 -25.91 18.00
C GLU A 346 -13.11 -25.64 16.52
N LEU A 347 -12.05 -24.88 16.25
CA LEU A 347 -11.66 -24.57 14.88
C LEU A 347 -11.23 -25.82 14.12
N ARG A 348 -10.53 -26.73 14.80
CA ARG A 348 -10.06 -27.96 14.15
C ARG A 348 -11.25 -28.83 13.77
N LYS A 349 -12.20 -28.94 14.70
CA LYS A 349 -13.40 -29.72 14.49
C LYS A 349 -14.20 -29.18 13.30
N ARG A 350 -14.41 -27.88 13.25
CA ARG A 350 -15.17 -27.33 12.13
C ARG A 350 -14.43 -27.52 10.81
N THR A 351 -13.12 -27.30 10.82
CA THR A 351 -12.33 -27.44 9.61
C THR A 351 -12.42 -28.83 8.95
N LYS A 352 -12.39 -29.89 9.76
CA LYS A 352 -12.44 -31.23 9.23
C LYS A 352 -13.76 -31.53 8.51
N THR A 353 -14.83 -30.77 8.83
CA THR A 353 -16.12 -31.03 8.18
C THR A 353 -16.18 -30.57 6.73
N TYR A 354 -15.19 -29.81 6.28
CA TYR A 354 -15.19 -29.34 4.89
C TYR A 354 -14.42 -30.35 4.06
N VAL A 355 -15.17 -31.21 3.37
CA VAL A 355 -14.58 -32.26 2.56
C VAL A 355 -14.65 -31.93 1.09
N LYS A 356 -15.19 -30.76 0.78
CA LYS A 356 -15.25 -30.28 -0.58
C LYS A 356 -14.68 -28.87 -0.64
N HIS A 357 -13.92 -28.59 -1.71
CA HIS A 357 -13.36 -27.28 -1.90
C HIS A 357 -14.37 -26.51 -2.74
N ASP A 358 -14.97 -25.48 -2.15
CA ASP A 358 -15.95 -24.67 -2.86
C ASP A 358 -16.16 -23.31 -2.18
N PHE A 359 -17.03 -22.48 -2.77
CA PHE A 359 -17.30 -21.16 -2.21
C PHE A 359 -17.48 -21.24 -0.70
N ALA A 360 -18.40 -22.09 -0.26
CA ALA A 360 -18.66 -22.27 1.17
C ALA A 360 -17.38 -22.45 2.00
N SER A 361 -16.46 -23.31 1.56
CA SER A 361 -15.25 -23.56 2.32
C SER A 361 -14.23 -22.41 2.37
N VAL A 362 -13.99 -21.76 1.23
CA VAL A 362 -13.04 -20.66 1.24
C VAL A 362 -13.60 -19.49 2.04
N ARG A 363 -14.91 -19.30 1.96
CA ARG A 363 -15.57 -18.23 2.72
C ARG A 363 -15.38 -18.52 4.22
N TYR A 364 -15.44 -19.80 4.58
CA TYR A 364 -15.26 -20.23 5.95
C TYR A 364 -13.88 -19.78 6.43
N ILE A 365 -12.87 -20.06 5.62
CA ILE A 365 -11.49 -19.71 5.90
C ILE A 365 -11.39 -18.18 6.03
N ARG A 366 -11.91 -17.49 5.03
CA ARG A 366 -11.86 -16.04 5.02
C ARG A 366 -12.48 -15.49 6.30
N ASP A 367 -13.68 -15.95 6.61
CA ASP A 367 -14.36 -15.48 7.81
C ASP A 367 -13.50 -15.67 9.03
N ALA A 368 -12.99 -16.88 9.21
CA ALA A 368 -12.16 -17.20 10.35
C ALA A 368 -10.97 -16.26 10.40
N MET A 369 -10.32 -16.06 9.26
CA MET A 369 -9.14 -15.21 9.23
C MET A 369 -9.44 -13.73 9.40
N ALA A 370 -10.72 -13.38 9.42
CA ALA A 370 -11.09 -11.98 9.60
C ALA A 370 -11.23 -11.66 11.08
N CYS A 371 -11.22 -12.70 11.91
CA CYS A 371 -11.41 -12.52 13.33
C CYS A 371 -10.18 -12.17 14.13
N THR A 372 -9.00 -12.37 13.55
CA THR A 372 -7.72 -12.08 14.20
C THR A 372 -7.62 -10.60 14.52
N SER A 373 -7.09 -10.28 15.70
CA SER A 373 -6.94 -8.89 16.11
C SER A 373 -6.25 -8.09 15.03
N GLY A 374 -6.71 -6.86 14.83
CA GLY A 374 -6.12 -6.02 13.80
C GLY A 374 -5.43 -4.80 14.36
N ILE A 375 -4.85 -4.92 15.55
CA ILE A 375 -4.20 -3.75 16.12
C ILE A 375 -2.78 -3.55 15.60
N PHE A 376 -2.38 -2.29 15.55
CA PHE A 376 -1.04 -1.93 15.11
C PHE A 376 -0.22 -2.02 16.39
N LEU A 377 0.53 -3.10 16.55
CA LEU A 377 1.31 -3.30 17.76
C LEU A 377 2.22 -2.12 18.06
N VAL A 378 2.36 -1.79 19.33
CA VAL A 378 3.20 -0.67 19.73
C VAL A 378 4.11 -0.96 20.90
N ARG A 379 5.30 -0.37 20.87
CA ARG A 379 6.29 -0.47 21.94
C ARG A 379 7.22 0.72 21.77
N THR A 380 8.05 0.99 22.77
CA THR A 380 8.95 2.13 22.69
C THR A 380 10.08 1.88 21.66
N PRO A 381 10.56 2.96 21.02
CA PRO A 381 11.65 2.83 20.04
C PRO A 381 12.86 2.15 20.67
N THR A 382 13.09 2.45 21.95
CA THR A 382 14.22 1.85 22.65
C THR A 382 14.14 0.33 22.56
N GLU A 383 12.95 -0.22 22.81
CA GLU A 383 12.75 -1.66 22.77
C GLU A 383 12.93 -2.22 21.36
N THR A 384 12.42 -1.52 20.36
CA THR A 384 12.55 -1.98 18.99
C THR A 384 14.02 -2.01 18.58
N VAL A 385 14.75 -0.96 18.93
CA VAL A 385 16.17 -0.89 18.58
C VAL A 385 16.94 -2.04 19.23
N LEU A 386 16.75 -2.22 20.53
CA LEU A 386 17.45 -3.25 21.26
C LEU A 386 17.11 -4.69 20.88
N GLN A 387 15.97 -4.91 20.25
CA GLN A 387 15.62 -6.27 19.85
C GLN A 387 15.93 -6.58 18.39
N GLU A 388 15.83 -5.58 17.52
CA GLU A 388 16.06 -5.79 16.09
C GLU A 388 17.48 -5.50 15.62
N TYR A 389 18.34 -5.05 16.51
CA TYR A 389 19.69 -4.74 16.10
C TYR A 389 20.62 -5.32 17.12
N THR A 390 20.40 -6.53 17.57
CA THR A 390 21.29 -6.88 18.61
C THR A 390 22.18 -8.06 18.33
N GLN A 391 21.64 -9.03 17.63
CA GLN A 391 22.39 -10.24 17.32
C GLN A 391 22.69 -10.37 15.83
N SER A 392 23.90 -10.84 15.57
CA SER A 392 24.40 -11.07 14.22
C SER A 392 24.03 -12.50 13.82
N PRO A 393 24.18 -12.83 12.54
CA PRO A 393 23.84 -14.19 12.10
C PRO A 393 24.95 -15.15 12.48
N GLU A 394 24.61 -16.42 12.69
CA GLU A 394 25.64 -17.39 13.02
C GLU A 394 26.11 -18.06 11.73
N ILE A 395 27.30 -17.67 11.27
CA ILE A 395 27.86 -18.29 10.07
C ILE A 395 28.53 -19.60 10.47
N LYS A 396 27.81 -20.72 10.26
CA LYS A 396 28.35 -22.00 10.66
C LYS A 396 29.57 -22.46 9.88
N VAL A 397 29.68 -22.05 8.61
CA VAL A 397 30.84 -22.40 7.80
C VAL A 397 31.43 -21.10 7.25
N PRO A 398 32.20 -20.36 8.08
CA PRO A 398 32.82 -19.10 7.67
C PRO A 398 33.72 -19.24 6.46
N ILE A 399 34.02 -18.10 5.84
CA ILE A 399 34.91 -18.11 4.71
C ILE A 399 36.31 -18.12 5.31
N PRO A 400 37.12 -19.12 4.94
CA PRO A 400 38.49 -19.24 5.47
C PRO A 400 39.22 -17.90 5.30
N GLN A 401 39.98 -17.54 6.33
CA GLN A 401 40.77 -16.32 6.31
C GLN A 401 41.82 -16.35 5.18
N LYS A 402 42.40 -17.52 4.95
CA LYS A 402 43.41 -17.68 3.91
C LYS A 402 42.86 -17.56 2.49
N ASP A 403 41.54 -17.51 2.35
CA ASP A 403 40.95 -17.41 1.02
C ASP A 403 40.82 -15.96 0.50
N TRP A 404 41.28 -15.01 1.30
CA TRP A 404 41.26 -13.60 0.89
C TRP A 404 42.66 -13.14 0.48
N THR A 405 42.74 -12.29 -0.54
CA THR A 405 44.02 -11.76 -0.98
C THR A 405 44.37 -10.60 -0.07
N GLY A 406 45.47 -9.92 -0.38
CA GLY A 406 45.86 -8.76 0.41
C GLY A 406 44.83 -7.70 0.04
N PRO A 407 44.76 -6.58 0.77
CA PRO A 407 43.79 -5.54 0.45
C PRO A 407 44.05 -4.73 -0.82
N ILE A 408 43.02 -4.33 -1.42
CA ILE A 408 42.99 -3.35 -2.49
C ILE A 408 42.18 -2.12 -2.06
N GLY A 409 42.85 -1.38 -1.20
CA GLY A 409 42.15 -0.29 -0.57
C GLY A 409 41.42 -0.81 0.67
N GLU A 410 40.10 -0.88 0.57
CA GLU A 410 39.27 -1.34 1.66
C GLU A 410 38.82 -2.79 1.48
N ILE A 411 38.91 -3.29 0.27
CA ILE A 411 38.45 -4.65 -0.01
C ILE A 411 39.53 -5.69 -0.26
N ARG A 412 39.11 -6.95 -0.18
CA ARG A 412 39.98 -8.10 -0.42
C ARG A 412 39.27 -8.98 -1.44
N ILE A 413 40.03 -9.51 -2.39
CA ILE A 413 39.46 -10.37 -3.40
C ILE A 413 39.38 -11.80 -2.87
N LEU A 414 38.30 -12.49 -3.22
CA LEU A 414 38.08 -13.87 -2.81
C LEU A 414 38.79 -14.75 -3.84
N LYS A 415 39.85 -15.43 -3.39
CA LYS A 415 40.63 -16.29 -4.28
C LYS A 415 39.77 -17.29 -5.04
N ASP A 416 40.21 -17.68 -6.23
CA ASP A 416 39.40 -18.65 -6.97
C ASP A 416 39.72 -19.99 -6.50
N THR A 417 40.53 -20.04 -5.46
CA THR A 417 40.91 -21.34 -5.00
C THR A 417 39.98 -21.78 -3.97
N THR A 418 39.31 -20.77 -3.49
CA THR A 418 38.46 -21.01 -2.41
C THR A 418 37.53 -22.18 -2.62
N SER A 419 37.25 -22.82 -1.50
CA SER A 419 36.35 -23.95 -1.48
C SER A 419 34.99 -23.51 -0.94
N SER A 420 34.93 -22.26 -0.49
CA SER A 420 33.72 -21.69 0.08
C SER A 420 32.66 -21.68 -0.97
N ILE A 421 31.42 -21.61 -0.49
CA ILE A 421 30.31 -21.59 -1.38
C ILE A 421 30.04 -20.17 -1.75
N ALA A 422 30.83 -19.35 -1.07
CA ALA A 422 30.86 -17.93 -1.29
C ALA A 422 31.36 -17.78 -2.72
N ARG A 423 32.14 -18.77 -3.15
CA ARG A 423 32.67 -18.81 -4.50
C ARG A 423 31.60 -18.45 -5.52
N TYR A 424 30.42 -19.08 -5.39
CA TYR A 424 29.31 -18.85 -6.29
C TYR A 424 28.63 -17.50 -6.13
N LEU A 425 28.46 -17.06 -4.88
CA LEU A 425 27.86 -15.77 -4.60
C LEU A 425 28.72 -14.69 -5.28
N TYR A 426 30.01 -14.94 -5.29
CA TYR A 426 30.96 -14.02 -5.89
C TYR A 426 30.78 -13.94 -7.41
N ARG A 427 30.94 -15.08 -8.09
CA ARG A 427 30.79 -15.14 -9.55
C ARG A 427 29.55 -14.42 -10.08
N THR A 428 28.41 -14.71 -9.46
CA THR A 428 27.15 -14.11 -9.85
C THR A 428 27.15 -12.58 -9.80
N TRP A 429 27.60 -12.00 -8.69
CA TRP A 429 27.64 -10.55 -8.59
C TRP A 429 28.72 -9.96 -9.50
N TYR A 430 29.82 -10.68 -9.65
CA TYR A 430 30.92 -10.24 -10.51
C TYR A 430 30.40 -10.15 -11.94
N LEU A 431 29.74 -11.22 -12.36
CA LEU A 431 29.18 -11.30 -13.70
C LEU A 431 28.22 -10.14 -13.95
N ALA A 432 27.23 -10.01 -13.08
CA ALA A 432 26.24 -8.94 -13.22
C ALA A 432 26.88 -7.57 -13.27
N ALA A 433 27.82 -7.30 -12.35
CA ALA A 433 28.52 -6.01 -12.33
C ALA A 433 29.13 -5.70 -13.69
N ALA A 434 29.85 -6.68 -14.23
CA ALA A 434 30.50 -6.53 -15.53
C ALA A 434 29.52 -6.19 -16.66
N ARG A 435 28.41 -6.92 -16.74
CA ARG A 435 27.44 -6.66 -17.81
C ARG A 435 26.71 -5.35 -17.56
N MET A 436 26.49 -5.06 -16.29
CA MET A 436 25.84 -3.83 -15.91
C MET A 436 26.72 -2.66 -16.39
N ALA A 437 27.95 -2.62 -15.89
CA ALA A 437 28.89 -1.57 -16.25
C ALA A 437 29.18 -1.47 -17.75
N ALA A 438 29.04 -2.58 -18.47
CA ALA A 438 29.30 -2.55 -19.91
C ALA A 438 28.17 -1.94 -20.72
N GLN A 439 26.98 -1.83 -20.13
CA GLN A 439 25.86 -1.27 -20.85
C GLN A 439 26.15 0.20 -21.13
N PRO A 440 26.02 0.61 -22.40
CA PRO A 440 26.27 2.00 -22.80
C PRO A 440 25.43 2.98 -21.99
N ARG A 441 24.18 2.60 -21.72
CA ARG A 441 23.24 3.43 -20.98
C ARG A 441 23.81 3.84 -19.62
N THR A 442 24.54 2.94 -18.98
CA THR A 442 25.12 3.24 -17.68
C THR A 442 25.94 4.54 -17.72
N TRP A 443 26.59 4.78 -18.86
CA TRP A 443 27.43 5.97 -19.01
C TRP A 443 26.71 7.16 -19.65
N ASP A 444 25.39 7.05 -19.79
CA ASP A 444 24.58 8.14 -20.35
C ASP A 444 24.32 9.14 -19.21
N PRO A 445 24.62 10.43 -19.44
CA PRO A 445 24.42 11.47 -18.44
C PRO A 445 23.01 11.47 -17.85
N LEU A 446 22.01 11.25 -18.70
CA LEU A 446 20.62 11.22 -18.25
C LEU A 446 20.41 10.10 -17.25
N PHE A 447 20.95 8.93 -17.60
CA PHE A 447 20.82 7.79 -16.72
C PHE A 447 21.40 8.09 -15.36
N GLN A 448 22.57 8.73 -15.33
CA GLN A 448 23.21 9.06 -14.07
C GLN A 448 22.48 10.16 -13.31
N ALA A 449 21.76 11.01 -14.02
CA ALA A 449 21.01 12.05 -13.36
C ALA A 449 19.86 11.32 -12.65
N ILE A 450 19.25 10.38 -13.36
CA ILE A 450 18.12 9.62 -12.82
C ILE A 450 18.54 8.91 -11.53
N MET A 451 19.72 8.30 -11.55
CA MET A 451 20.23 7.61 -10.37
C MET A 451 20.52 8.58 -9.24
N ARG A 452 20.94 9.79 -9.58
CA ARG A 452 21.24 10.82 -8.59
C ARG A 452 19.97 11.48 -8.05
N SER A 453 18.86 11.31 -8.74
CA SER A 453 17.61 11.92 -8.31
C SER A 453 16.73 10.93 -7.56
N GLN A 454 17.02 9.64 -7.72
CA GLN A 454 16.24 8.60 -7.08
C GLN A 454 16.01 8.85 -5.60
N TYR A 455 17.05 9.28 -4.91
CA TYR A 455 16.97 9.53 -3.48
C TYR A 455 16.83 10.99 -3.09
N VAL A 456 16.50 11.85 -4.05
CA VAL A 456 16.31 13.28 -3.78
C VAL A 456 14.81 13.43 -3.55
N THR A 457 14.38 13.19 -2.32
CA THR A 457 12.96 13.26 -2.02
C THR A 457 12.61 14.09 -0.79
N ALA A 458 11.32 14.16 -0.50
CA ALA A 458 10.80 14.92 0.62
C ALA A 458 11.00 14.19 1.93
N ARG A 459 11.38 12.92 1.85
CA ARG A 459 11.60 12.13 3.05
C ARG A 459 12.92 12.49 3.73
N GLY A 460 13.02 12.19 5.03
CA GLY A 460 14.24 12.48 5.76
C GLY A 460 15.43 11.64 5.32
N GLY A 461 16.62 12.18 5.51
CA GLY A 461 17.83 11.47 5.13
C GLY A 461 18.93 11.64 6.17
N SER A 462 18.52 11.73 7.44
CA SER A 462 19.45 11.90 8.56
C SER A 462 20.21 13.21 8.42
N GLY A 463 19.49 14.27 8.08
CA GLY A 463 20.07 15.60 7.91
C GLY A 463 20.94 16.10 9.04
N ALA A 464 20.44 16.00 10.26
CA ALA A 464 21.19 16.45 11.43
C ALA A 464 22.59 15.84 11.51
N ALA A 465 22.67 14.52 11.42
CA ALA A 465 23.95 13.82 11.52
C ALA A 465 24.91 14.15 10.37
N LEU A 466 24.37 14.34 9.17
CA LEU A 466 25.22 14.67 8.03
C LEU A 466 25.84 16.04 8.23
N ARG A 467 25.08 16.95 8.81
CA ARG A 467 25.58 18.30 9.06
C ARG A 467 26.64 18.29 10.16
N GLU A 468 26.57 17.32 11.07
CA GLU A 468 27.53 17.21 12.15
C GLU A 468 28.82 16.55 11.70
N SER A 469 28.72 15.53 10.85
CA SER A 469 29.91 14.84 10.37
C SER A 469 30.73 15.82 9.55
N LEU A 470 30.04 16.68 8.79
CA LEU A 470 30.71 17.66 7.95
C LEU A 470 31.23 18.79 8.81
N TYR A 471 30.49 19.14 9.85
CA TYR A 471 30.94 20.22 10.72
C TYR A 471 32.30 19.88 11.34
N ALA A 472 32.47 18.60 11.68
CA ALA A 472 33.70 18.12 12.30
C ALA A 472 34.95 18.29 11.43
N ILE A 473 34.77 18.70 10.18
CA ILE A 473 35.91 18.88 9.30
C ILE A 473 35.92 20.25 8.67
N ASN A 474 35.16 21.16 9.27
CA ASN A 474 35.08 22.54 8.81
C ASN A 474 34.51 22.73 7.41
N VAL A 475 33.50 21.93 7.08
CA VAL A 475 32.84 22.03 5.79
C VAL A 475 31.43 22.44 6.14
N SER A 476 31.15 23.74 6.11
CA SER A 476 29.82 24.22 6.44
C SER A 476 28.95 24.36 5.19
N LEU A 477 27.73 23.84 5.29
CA LEU A 477 26.78 23.86 4.19
C LEU A 477 25.88 25.09 4.29
N PRO A 478 25.44 25.62 3.15
CA PRO A 478 24.55 26.80 3.13
C PRO A 478 23.32 26.52 3.98
N ASP A 479 22.87 27.55 4.71
CA ASP A 479 21.71 27.41 5.57
C ASP A 479 20.40 27.80 4.90
N PHE A 480 20.50 28.58 3.82
CA PHE A 480 19.29 29.03 3.11
C PHE A 480 18.34 29.67 4.12
N LYS A 481 18.92 30.46 5.02
CA LYS A 481 18.13 31.12 6.06
C LYS A 481 16.94 31.88 5.50
N GLY A 482 15.74 31.54 5.97
CA GLY A 482 14.56 32.23 5.51
C GLY A 482 13.68 31.52 4.49
N LEU A 483 14.04 30.30 4.09
CA LEU A 483 13.23 29.58 3.11
C LEU A 483 12.13 28.70 3.74
N PRO A 484 10.86 28.92 3.36
CA PRO A 484 9.69 28.19 3.85
C PRO A 484 9.65 26.70 3.48
N VAL A 485 10.77 26.01 3.60
CA VAL A 485 10.80 24.59 3.28
C VAL A 485 11.26 23.75 4.45
N LYS A 486 10.77 22.52 4.52
CA LYS A 486 11.15 21.60 5.58
C LYS A 486 12.63 21.24 5.36
N ALA A 487 13.50 21.74 6.22
CA ALA A 487 14.94 21.48 6.12
C ALA A 487 15.27 20.01 6.28
N ALA A 488 14.47 19.28 7.06
CA ALA A 488 14.72 17.86 7.29
C ALA A 488 14.28 17.00 6.12
N THR A 489 14.74 17.35 4.92
CA THR A 489 14.41 16.59 3.73
C THR A 489 15.68 16.40 2.92
N LYS A 490 15.75 15.30 2.16
CA LYS A 490 16.90 15.03 1.32
C LYS A 490 16.99 16.06 0.20
N ILE A 491 15.86 16.66 -0.15
CA ILE A 491 15.82 17.70 -1.18
C ILE A 491 16.65 18.86 -0.64
N PHE A 492 16.44 19.19 0.63
CA PHE A 492 17.18 20.28 1.25
C PHE A 492 18.67 19.88 1.27
N GLN A 493 18.92 18.62 1.60
CA GLN A 493 20.29 18.11 1.63
C GLN A 493 20.97 18.29 0.28
N ALA A 494 20.25 17.97 -0.80
CA ALA A 494 20.80 18.09 -2.13
C ALA A 494 21.21 19.53 -2.38
N ALA A 495 20.32 20.44 -2.04
CA ALA A 495 20.59 21.87 -2.21
C ALA A 495 21.88 22.26 -1.49
N GLN A 496 22.06 21.79 -0.25
CA GLN A 496 23.25 22.13 0.52
C GLN A 496 24.56 21.56 -0.05
N LEU A 497 24.50 20.36 -0.63
CA LEU A 497 25.69 19.70 -1.14
C LEU A 497 26.00 20.03 -2.60
N ALA A 498 24.95 20.35 -3.35
CA ALA A 498 25.06 20.67 -4.78
C ALA A 498 26.40 21.16 -5.36
N ASN A 499 27.05 22.12 -4.72
CA ASN A 499 28.29 22.64 -5.29
C ASN A 499 29.58 22.26 -4.57
N LEU A 500 29.54 21.14 -3.85
CA LEU A 500 30.73 20.71 -3.15
C LEU A 500 31.32 19.48 -3.82
N PRO A 501 32.64 19.41 -3.92
CA PRO A 501 33.23 18.23 -4.57
C PRO A 501 33.02 17.01 -3.71
N PHE A 502 33.11 15.83 -4.35
CA PHE A 502 32.93 14.56 -3.66
C PHE A 502 33.84 14.46 -2.45
N SER A 503 35.08 14.91 -2.61
CA SER A 503 36.08 14.86 -1.55
C SER A 503 35.75 15.58 -0.24
N HIS A 504 34.91 16.62 -0.32
CA HIS A 504 34.54 17.38 0.86
C HIS A 504 33.44 16.75 1.68
N THR A 505 32.58 15.98 1.02
CA THR A 505 31.47 15.35 1.69
C THR A 505 31.74 13.88 2.03
N SER A 506 32.83 13.32 1.51
CA SER A 506 33.17 11.93 1.75
C SER A 506 32.93 11.45 3.18
N VAL A 507 33.37 12.23 4.15
CA VAL A 507 33.21 11.85 5.55
C VAL A 507 31.77 11.61 5.96
N ALA A 508 30.83 12.24 5.27
CA ALA A 508 29.42 12.07 5.61
C ALA A 508 28.97 10.64 5.39
N ILE A 509 29.71 9.91 4.54
CA ILE A 509 29.38 8.53 4.25
C ILE A 509 29.44 7.67 5.50
N LEU A 510 30.19 8.12 6.49
CA LEU A 510 30.32 7.40 7.75
C LEU A 510 29.52 8.02 8.90
N ALA A 511 28.74 9.05 8.60
CA ALA A 511 27.93 9.71 9.64
C ALA A 511 26.79 8.83 10.18
N ASP A 512 26.36 9.11 11.41
CA ASP A 512 25.25 8.38 12.05
C ASP A 512 24.01 8.35 11.16
N THR A 513 23.14 7.40 11.45
CA THR A 513 21.88 7.21 10.74
C THR A 513 20.73 7.34 11.76
N SER A 514 19.85 8.32 11.56
CA SER A 514 18.74 8.54 12.48
C SER A 514 17.60 7.54 12.29
N MET A 515 17.24 6.85 13.36
CA MET A 515 16.18 5.87 13.28
C MET A 515 14.76 6.41 13.20
N GLY A 516 13.96 5.75 12.36
CA GLY A 516 12.56 6.10 12.17
C GLY A 516 11.76 4.90 12.64
N LEU A 517 10.44 4.99 12.57
CA LEU A 517 9.62 3.89 13.01
C LEU A 517 8.25 3.87 12.36
N ARG A 518 7.69 2.68 12.23
CA ARG A 518 6.37 2.52 11.66
C ARG A 518 5.77 1.24 12.24
N ASN A 519 4.60 1.36 12.84
CA ASN A 519 3.94 0.21 13.44
C ASN A 519 3.19 -0.64 12.40
N GLN A 520 2.96 -1.90 12.76
CA GLN A 520 2.30 -2.83 11.84
C GLN A 520 1.19 -3.65 12.49
N VAL A 521 0.25 -4.09 11.67
CA VAL A 521 -0.80 -4.93 12.19
C VAL A 521 -0.21 -6.33 12.36
N GLN A 522 -0.57 -7.01 13.45
CA GLN A 522 -0.09 -8.37 13.70
C GLN A 522 1.42 -8.54 13.60
N ARG A 523 2.17 -7.47 13.83
CA ARG A 523 3.62 -7.53 13.74
C ARG A 523 4.28 -6.45 14.57
N ARG A 524 5.52 -6.78 14.95
CA ARG A 524 6.39 -5.91 15.75
C ARG A 524 6.88 -4.73 14.90
N PRO A 525 7.12 -3.52 15.52
CA PRO A 525 7.58 -2.38 14.74
C PRO A 525 8.64 -2.48 13.70
N ARG A 526 8.45 -1.79 12.58
CA ARG A 526 9.52 -1.82 11.62
C ARG A 526 10.43 -0.59 11.84
N SER A 527 11.76 -0.78 11.89
CA SER A 527 12.72 0.32 12.04
C SER A 527 13.02 0.92 10.67
N ILE A 528 13.23 2.23 10.63
CA ILE A 528 13.51 2.92 9.37
C ILE A 528 14.86 3.64 9.40
N MET A 529 15.89 3.02 8.83
CA MET A 529 17.22 3.63 8.81
C MET A 529 17.46 4.30 7.47
N PRO A 530 17.21 5.61 7.38
CA PRO A 530 17.36 6.44 6.18
C PRO A 530 18.76 7.01 5.97
N LEU A 531 19.45 6.52 4.94
CA LEU A 531 20.78 6.99 4.63
C LEU A 531 20.75 8.42 4.09
N ASN A 532 21.88 9.11 4.17
CA ASN A 532 21.95 10.48 3.66
C ASN A 532 22.32 10.50 2.17
N VAL A 533 22.18 11.65 1.54
CA VAL A 533 22.49 11.77 0.11
C VAL A 533 23.86 11.21 -0.28
N PRO A 534 24.95 11.64 0.40
CA PRO A 534 26.26 11.09 0.02
C PRO A 534 26.33 9.57 0.18
N GLN A 535 25.64 9.05 1.19
CA GLN A 535 25.62 7.59 1.43
C GLN A 535 24.84 6.88 0.32
N GLN A 536 23.73 7.47 -0.11
CA GLN A 536 22.92 6.88 -1.16
C GLN A 536 23.67 6.94 -2.49
N GLN A 537 24.43 8.02 -2.68
CA GLN A 537 25.18 8.20 -3.92
C GLN A 537 26.19 7.08 -4.09
N VAL A 538 26.96 6.86 -3.04
CA VAL A 538 28.00 5.84 -3.04
C VAL A 538 27.45 4.42 -3.12
N SER A 539 26.18 4.25 -2.77
CA SER A 539 25.52 2.93 -2.81
C SER A 539 25.05 2.51 -4.21
N ALA A 540 25.18 3.41 -5.19
CA ALA A 540 24.70 3.15 -6.54
C ALA A 540 25.18 1.87 -7.22
N PRO A 541 26.51 1.60 -7.16
CA PRO A 541 27.04 0.39 -7.80
C PRO A 541 26.41 -0.89 -7.26
N HIS A 542 26.13 -0.87 -5.96
CA HIS A 542 25.53 -2.00 -5.25
C HIS A 542 24.10 -2.18 -5.78
N THR A 543 23.38 -1.09 -5.82
CA THR A 543 22.00 -1.08 -6.28
C THR A 543 21.83 -1.48 -7.75
N LEU A 544 22.71 -0.95 -8.60
CA LEU A 544 22.65 -1.22 -10.04
C LEU A 544 22.93 -2.68 -10.36
N THR A 545 23.97 -3.23 -9.75
CA THR A 545 24.32 -4.63 -9.99
C THR A 545 23.15 -5.51 -9.53
N ALA A 546 22.56 -5.16 -8.40
CA ALA A 546 21.43 -5.92 -7.87
C ALA A 546 20.25 -5.86 -8.84
N ASP A 547 19.95 -4.69 -9.38
CA ASP A 547 18.86 -4.56 -10.34
C ASP A 547 19.13 -5.39 -11.58
N TYR A 548 20.38 -5.38 -12.03
CA TYR A 548 20.77 -6.13 -13.21
C TYR A 548 20.49 -7.62 -13.02
N ILE A 549 20.81 -8.12 -11.82
CA ILE A 549 20.58 -9.51 -11.49
C ILE A 549 19.10 -9.84 -11.52
N ASN A 550 18.30 -9.01 -10.85
CA ASN A 550 16.85 -9.23 -10.79
C ASN A 550 16.18 -9.05 -12.13
N TYR A 551 16.82 -8.27 -13.01
CA TYR A 551 16.23 -8.04 -14.31
C TYR A 551 16.64 -9.09 -15.35
N HIS A 552 17.85 -9.60 -15.24
CA HIS A 552 18.33 -10.57 -16.22
C HIS A 552 18.58 -12.00 -15.72
N MET A 553 18.95 -12.14 -14.46
CA MET A 553 19.30 -13.46 -13.95
C MET A 553 18.29 -14.26 -13.14
N ASN A 554 17.23 -13.64 -12.65
CA ASN A 554 16.25 -14.39 -11.87
C ASN A 554 14.81 -14.08 -12.17
N LEU A 555 13.95 -14.76 -11.44
CA LEU A 555 12.53 -14.61 -11.51
C LEU A 555 12.06 -13.84 -10.26
N SER A 556 11.96 -12.43 -10.32
CA SER A 556 11.52 -11.57 -9.16
C SER A 556 10.42 -10.41 -9.36
N PRO A 557 9.50 -10.21 -8.34
CA PRO A 557 8.45 -9.13 -8.16
C PRO A 557 9.01 -7.78 -7.80
N THR A 558 8.39 -6.71 -8.14
CA THR A 558 8.87 -5.41 -7.66
C THR A 558 7.60 -4.76 -7.26
N SER A 559 6.96 -5.43 -6.31
CA SER A 559 5.64 -5.06 -5.88
C SER A 559 5.57 -3.97 -4.79
N GLY A 560 4.40 -3.36 -4.68
CA GLY A 560 4.19 -2.33 -3.68
C GLY A 560 3.40 -2.86 -2.50
N SER A 561 2.39 -2.11 -2.05
CA SER A 561 1.57 -2.51 -0.91
C SER A 561 0.14 -2.83 -1.32
N ALA A 562 -0.27 -2.35 -2.50
CA ALA A 562 -1.63 -2.58 -2.99
C ALA A 562 -1.81 -3.99 -3.54
N VAL A 563 -2.99 -4.55 -3.35
CA VAL A 563 -3.31 -5.90 -3.84
C VAL A 563 -3.17 -5.96 -5.35
N ILE A 564 -3.52 -4.85 -6.01
CA ILE A 564 -3.46 -4.74 -7.47
C ILE A 564 -2.09 -4.98 -8.08
N GLU A 565 -1.04 -4.81 -7.29
CA GLU A 565 0.31 -5.00 -7.79
C GLU A 565 1.05 -6.18 -7.20
N LYS A 566 0.32 -7.11 -6.58
CA LYS A 566 0.96 -8.27 -5.97
C LYS A 566 0.80 -9.58 -6.75
N VAL A 567 0.89 -9.46 -8.07
CA VAL A 567 0.78 -10.59 -8.99
C VAL A 567 -0.13 -11.75 -8.55
N ILE A 568 -1.38 -11.43 -8.24
CA ILE A 568 -2.34 -12.44 -7.81
C ILE A 568 -2.31 -13.72 -8.69
N PRO A 569 -2.25 -13.57 -10.02
CA PRO A 569 -2.22 -14.71 -10.95
C PRO A 569 -1.21 -15.81 -10.63
N LEU A 570 -0.04 -15.41 -10.14
CA LEU A 570 0.99 -16.37 -9.80
C LEU A 570 0.53 -17.27 -8.63
N GLY A 571 -0.08 -16.67 -7.63
CA GLY A 571 -0.57 -17.42 -6.48
C GLY A 571 -1.61 -18.45 -6.89
N VAL A 572 -2.52 -18.05 -7.77
CA VAL A 572 -3.58 -18.95 -8.26
C VAL A 572 -2.94 -20.19 -8.89
N TYR A 573 -1.98 -19.95 -9.78
CA TYR A 573 -1.27 -21.01 -10.47
C TYR A 573 -0.56 -21.97 -9.52
N ALA A 574 0.26 -21.39 -8.64
CA ALA A 574 1.04 -22.14 -7.68
C ALA A 574 0.21 -22.95 -6.69
N SER A 575 -0.96 -22.44 -6.32
CA SER A 575 -1.77 -23.16 -5.35
C SER A 575 -2.75 -24.15 -5.97
N SER A 576 -2.93 -24.10 -7.29
CA SER A 576 -3.88 -25.00 -7.93
C SER A 576 -3.45 -26.43 -8.05
N PRO A 577 -4.20 -27.34 -7.45
CA PRO A 577 -3.71 -28.71 -7.64
C PRO A 577 -3.37 -28.92 -9.12
N PRO A 578 -2.32 -29.72 -9.40
CA PRO A 578 -1.19 -30.57 -9.70
C PRO A 578 -0.04 -29.81 -9.18
N ASN A 579 -0.16 -28.48 -9.25
CA ASN A 579 0.94 -27.73 -8.73
C ASN A 579 0.93 -27.65 -7.21
N GLN A 580 2.14 -27.47 -6.69
CA GLN A 580 2.36 -27.32 -5.25
C GLN A 580 3.35 -26.18 -5.05
N SER A 581 3.21 -25.48 -3.93
CA SER A 581 4.11 -24.37 -3.64
C SER A 581 4.58 -24.40 -2.21
N ILE A 582 5.87 -24.10 -2.03
CA ILE A 582 6.49 -24.05 -0.72
C ILE A 582 6.70 -22.57 -0.46
N ASN A 583 6.26 -22.08 0.67
CA ASN A 583 6.44 -20.67 0.99
C ASN A 583 7.78 -20.57 1.73
N ILE A 584 8.80 -20.10 1.02
CA ILE A 584 10.13 -19.96 1.60
C ILE A 584 10.41 -18.53 1.97
N ASP A 585 10.87 -18.33 3.20
CA ASP A 585 11.20 -16.99 3.66
C ASP A 585 12.51 -16.99 4.45
N ILE A 586 13.13 -15.84 4.53
CA ILE A 586 14.36 -15.69 5.28
C ILE A 586 13.99 -14.71 6.39
N SER A 587 14.16 -15.13 7.64
CA SER A 587 13.84 -14.28 8.78
C SER A 587 15.07 -13.50 9.24
N ALA A 588 14.86 -12.29 9.75
CA ALA A 588 15.94 -11.42 10.21
C ALA A 588 16.92 -11.20 9.05
N CYS A 589 16.37 -10.87 7.89
CA CYS A 589 17.17 -10.66 6.70
C CYS A 589 18.23 -9.55 6.83
N ASP A 590 17.81 -8.34 7.22
CA ASP A 590 18.76 -7.24 7.38
C ASP A 590 19.92 -7.59 8.30
N ALA A 591 19.62 -8.27 9.39
CA ALA A 591 20.66 -8.66 10.35
C ALA A 591 21.50 -9.83 9.84
N SER A 592 21.09 -10.41 8.71
CA SER A 592 21.82 -11.56 8.16
C SER A 592 22.67 -11.20 6.97
N ILE A 593 22.51 -9.98 6.47
CA ILE A 593 23.31 -9.51 5.35
C ILE A 593 24.40 -8.64 5.97
N THR A 594 25.49 -9.27 6.38
CA THR A 594 26.57 -8.55 7.03
C THR A 594 27.88 -8.66 6.25
N TRP A 595 28.92 -8.02 6.76
CA TRP A 595 30.21 -8.01 6.10
C TRP A 595 30.95 -9.36 6.10
N ASP A 596 30.85 -10.09 7.22
CA ASP A 596 31.52 -11.37 7.37
C ASP A 596 31.35 -12.36 6.23
N PHE A 597 30.16 -12.40 5.64
CA PHE A 597 29.94 -13.33 4.55
C PHE A 597 29.50 -12.62 3.26
N PHE A 598 28.30 -12.08 3.27
CA PHE A 598 27.75 -11.43 2.09
C PHE A 598 28.44 -10.16 1.60
N LEU A 599 28.36 -9.09 2.38
CA LEU A 599 28.92 -7.80 1.96
C LEU A 599 30.40 -7.76 1.59
N SER A 600 31.25 -8.50 2.28
CA SER A 600 32.68 -8.49 1.93
C SER A 600 32.84 -9.13 0.54
N VAL A 601 32.04 -10.17 0.28
CA VAL A 601 32.08 -10.85 -1.00
C VAL A 601 31.51 -9.95 -2.12
N ILE A 602 30.30 -9.46 -1.90
CA ILE A 602 29.61 -8.62 -2.86
C ILE A 602 30.36 -7.35 -3.23
N MET A 603 30.96 -6.71 -2.24
CA MET A 603 31.72 -5.49 -2.51
C MET A 603 32.91 -5.78 -3.41
N ALA A 604 33.55 -6.93 -3.19
CA ALA A 604 34.71 -7.32 -3.98
C ALA A 604 34.35 -7.69 -5.41
N ALA A 605 33.31 -8.50 -5.55
CA ALA A 605 32.88 -8.95 -6.86
C ALA A 605 32.52 -7.76 -7.73
N ILE A 606 31.82 -6.78 -7.16
CA ILE A 606 31.41 -5.60 -7.91
C ILE A 606 32.63 -4.76 -8.25
N HIS A 607 33.44 -4.46 -7.25
CA HIS A 607 34.65 -3.66 -7.43
C HIS A 607 35.52 -4.22 -8.55
N GLU A 608 35.55 -5.54 -8.69
CA GLU A 608 36.38 -6.15 -9.74
C GLU A 608 35.64 -6.33 -11.08
N GLY A 609 34.39 -6.80 -11.02
CA GLY A 609 33.63 -7.02 -12.23
C GLY A 609 33.36 -5.75 -13.03
N VAL A 610 33.46 -4.63 -12.34
CA VAL A 610 33.21 -3.34 -12.91
C VAL A 610 34.45 -2.66 -13.48
N ALA A 611 35.62 -3.16 -13.09
CA ALA A 611 36.92 -2.59 -13.52
C ALA A 611 37.14 -2.14 -14.97
N SER A 612 37.03 -3.05 -15.94
CA SER A 612 37.28 -2.69 -17.33
C SER A 612 36.28 -1.75 -18.00
N SER A 613 34.99 -1.95 -17.74
CA SER A 613 33.96 -1.13 -18.36
C SER A 613 34.02 0.31 -17.85
N SER A 614 34.37 0.53 -16.60
CA SER A 614 34.41 1.87 -16.01
C SER A 614 35.81 2.49 -15.97
N ILE A 615 36.78 1.73 -16.46
CA ILE A 615 38.20 2.09 -16.49
C ILE A 615 38.68 3.52 -16.16
N GLY A 616 38.38 4.50 -17.00
CA GLY A 616 38.88 5.84 -16.70
C GLY A 616 37.82 6.91 -16.73
N LYS A 617 36.83 6.77 -15.86
CA LYS A 617 35.74 7.72 -15.82
C LYS A 617 35.15 7.89 -14.43
N PRO A 618 34.56 9.06 -14.17
CA PRO A 618 33.95 9.29 -12.86
C PRO A 618 32.54 8.75 -13.03
N PHE A 619 31.81 8.60 -11.94
CA PHE A 619 30.44 8.10 -12.06
C PHE A 619 29.51 8.83 -11.12
N MET A 620 28.40 9.31 -11.67
CA MET A 620 27.41 10.04 -10.88
C MET A 620 28.01 11.11 -9.98
N GLY A 621 29.12 11.70 -10.41
CA GLY A 621 29.73 12.74 -9.61
C GLY A 621 30.94 12.31 -8.81
N VAL A 622 31.19 11.01 -8.72
CA VAL A 622 32.33 10.54 -7.97
C VAL A 622 33.52 10.35 -8.89
N PRO A 623 34.65 10.98 -8.57
CA PRO A 623 35.89 10.92 -9.35
C PRO A 623 36.66 9.62 -9.21
N ALA A 624 37.54 9.38 -10.18
CA ALA A 624 38.39 8.21 -10.12
C ALA A 624 39.43 8.54 -9.06
N SER A 625 40.26 7.56 -8.69
CA SER A 625 41.30 7.82 -7.71
C SER A 625 42.38 6.74 -7.69
N ILE A 626 43.19 6.78 -6.65
CA ILE A 626 44.27 5.81 -6.49
C ILE A 626 44.11 5.14 -5.15
N VAL A 627 44.35 3.85 -5.12
CA VAL A 627 44.22 3.06 -3.91
C VAL A 627 45.44 2.20 -3.65
N ASN A 628 45.70 1.93 -2.38
CA ASN A 628 46.81 1.09 -1.96
C ASN A 628 46.57 -0.34 -2.43
N ASP A 629 47.56 -0.95 -3.06
CA ASP A 629 47.41 -2.30 -3.59
C ASP A 629 48.36 -3.34 -3.01
N GLU A 630 47.81 -4.26 -2.23
CA GLU A 630 48.60 -5.32 -1.64
C GLU A 630 47.98 -6.64 -2.05
N SER A 631 47.32 -6.62 -3.20
CA SER A 631 46.65 -7.77 -3.78
C SER A 631 47.59 -8.96 -3.95
N VAL A 632 48.48 -8.86 -4.93
CA VAL A 632 49.46 -9.92 -5.19
C VAL A 632 50.45 -9.92 -4.04
N VAL A 633 50.76 -11.11 -3.54
CA VAL A 633 51.69 -11.24 -2.41
C VAL A 633 53.01 -10.52 -2.67
N GLY A 634 53.54 -9.86 -1.63
CA GLY A 634 54.80 -9.14 -1.75
C GLY A 634 54.64 -7.74 -2.34
N VAL A 635 54.47 -7.68 -3.66
CA VAL A 635 54.30 -6.42 -4.37
C VAL A 635 53.28 -5.51 -3.68
N ARG A 636 53.54 -4.21 -3.71
CA ARG A 636 52.64 -3.23 -3.12
C ARG A 636 52.74 -1.94 -3.92
N ALA A 637 51.74 -1.68 -4.74
CA ALA A 637 51.74 -0.47 -5.56
C ALA A 637 50.48 0.35 -5.37
N ALA A 638 50.43 1.48 -6.06
CA ALA A 638 49.29 2.36 -6.02
C ALA A 638 48.49 1.99 -7.26
N ARG A 639 47.23 1.65 -7.08
CA ARG A 639 46.38 1.24 -8.19
C ARG A 639 45.28 2.23 -8.57
N PRO A 640 45.23 2.61 -9.85
CA PRO A 640 44.20 3.54 -10.31
C PRO A 640 42.86 2.81 -10.38
N ILE A 641 41.80 3.48 -9.92
CA ILE A 641 40.47 2.87 -9.96
C ILE A 641 39.50 3.92 -10.47
N SER A 642 38.38 3.48 -11.04
CA SER A 642 37.38 4.38 -11.59
C SER A 642 36.52 5.04 -10.53
N GLY A 643 35.64 5.93 -10.97
CA GLY A 643 34.74 6.60 -10.06
C GLY A 643 33.80 5.57 -9.47
N MET A 644 33.26 4.72 -10.35
CA MET A 644 32.35 3.67 -9.93
C MET A 644 33.02 2.83 -8.84
N GLN A 645 34.30 2.50 -9.04
CA GLN A 645 35.06 1.71 -8.08
C GLN A 645 35.29 2.52 -6.81
N ASN A 646 35.55 3.80 -6.99
CA ASN A 646 35.78 4.68 -5.84
C ASN A 646 34.55 4.66 -4.94
N MET A 647 33.36 4.55 -5.53
CA MET A 647 32.14 4.50 -4.74
C MET A 647 32.14 3.24 -3.88
N ILE A 648 32.35 2.10 -4.53
CA ILE A 648 32.39 0.81 -3.82
C ILE A 648 33.46 0.86 -2.74
N GLN A 649 34.55 1.55 -3.05
CA GLN A 649 35.67 1.70 -2.14
C GLN A 649 35.22 2.42 -0.85
N HIS A 650 34.43 3.48 -0.99
CA HIS A 650 33.94 4.21 0.19
C HIS A 650 32.77 3.51 0.88
N LEU A 651 31.96 2.80 0.11
CA LEU A 651 30.81 2.09 0.64
C LEU A 651 31.25 0.94 1.56
N SER A 652 32.31 0.25 1.15
CA SER A 652 32.87 -0.89 1.89
C SER A 652 33.29 -0.49 3.28
N LYS A 653 33.81 0.73 3.40
CA LYS A 653 34.27 1.22 4.69
C LYS A 653 33.09 1.28 5.65
N LEU A 654 31.97 1.81 5.19
CA LEU A 654 30.77 1.89 6.02
C LEU A 654 30.25 0.48 6.33
N TYR A 655 30.08 -0.33 5.28
CA TYR A 655 29.57 -1.69 5.45
C TYR A 655 30.44 -2.45 6.43
N LYS A 656 31.75 -2.30 6.29
CA LYS A 656 32.70 -3.00 7.13
C LYS A 656 32.66 -2.52 8.58
N ARG A 657 32.60 -1.20 8.79
CA ARG A 657 32.58 -0.62 10.12
C ARG A 657 31.31 -0.95 10.87
N GLY A 658 30.19 -0.94 10.15
CA GLY A 658 28.92 -1.21 10.79
C GLY A 658 28.17 0.12 10.79
N PHE A 659 26.93 0.10 11.24
CA PHE A 659 26.15 1.32 11.25
C PHE A 659 25.90 1.86 12.63
N SER A 660 25.77 3.17 12.72
CA SER A 660 25.51 3.83 14.00
C SER A 660 24.13 4.47 13.96
N TYR A 661 23.22 3.88 14.72
CA TYR A 661 21.86 4.35 14.77
C TYR A 661 21.60 5.23 15.97
N ARG A 662 21.22 6.48 15.69
CA ARG A 662 20.90 7.44 16.73
C ARG A 662 19.46 7.21 17.13
N VAL A 663 19.24 6.89 18.39
CA VAL A 663 17.92 6.63 18.91
C VAL A 663 17.46 7.69 19.88
N ASN A 664 16.44 8.46 19.50
CA ASN A 664 15.88 9.51 20.36
C ASN A 664 14.47 9.12 20.80
N ASP A 665 14.39 8.21 21.77
CA ASP A 665 13.12 7.72 22.26
C ASP A 665 12.25 8.83 22.84
N SER A 666 11.29 9.29 22.05
CA SER A 666 10.40 10.36 22.44
C SER A 666 9.43 9.92 23.54
N PHE A 667 9.12 8.64 23.58
CA PHE A 667 8.19 8.13 24.58
C PHE A 667 8.87 7.78 25.91
N SER A 668 10.19 7.73 25.93
CA SER A 668 10.93 7.36 27.13
C SER A 668 11.91 8.44 27.54
N PRO A 669 11.54 9.30 28.51
CA PRO A 669 12.40 10.38 28.99
C PRO A 669 13.77 9.88 29.41
N GLY A 670 14.81 10.45 28.81
CA GLY A 670 16.15 10.03 29.17
C GLY A 670 16.74 8.98 28.26
N ASN A 671 15.96 8.48 27.31
CA ASN A 671 16.46 7.48 26.39
C ASN A 671 16.95 8.09 25.07
N ASP A 672 18.21 8.52 25.10
CA ASP A 672 18.85 9.12 23.92
C ASP A 672 20.18 8.40 23.81
N PHE A 673 20.44 7.76 22.68
CA PHE A 673 21.69 7.04 22.55
C PHE A 673 21.99 6.62 21.13
N THR A 674 23.27 6.35 20.87
CA THR A 674 23.69 5.88 19.57
C THR A 674 23.99 4.38 19.72
N HIS A 675 23.46 3.59 18.80
CA HIS A 675 23.63 2.16 18.85
C HIS A 675 24.35 1.65 17.61
N MET A 676 25.45 0.94 17.82
CA MET A 676 26.22 0.39 16.72
C MET A 676 25.72 -1.01 16.42
N THR A 677 25.63 -1.36 15.14
CA THR A 677 25.14 -2.68 14.77
C THR A 677 25.53 -3.01 13.33
N THR A 678 25.65 -4.29 13.01
CA THR A 678 26.00 -4.72 11.65
C THR A 678 24.74 -4.92 10.81
N THR A 679 23.58 -4.75 11.44
CA THR A 679 22.31 -4.91 10.78
C THR A 679 22.16 -3.91 9.63
N PHE A 680 21.88 -4.44 8.44
CA PHE A 680 21.76 -3.63 7.22
C PHE A 680 20.71 -2.50 7.25
N PRO A 681 21.01 -1.36 6.59
CA PRO A 681 20.08 -0.23 6.56
C PRO A 681 18.87 -0.59 5.71
N SER A 682 17.67 -0.22 6.17
CA SER A 682 16.46 -0.52 5.42
C SER A 682 16.12 0.61 4.46
N GLY A 683 16.70 1.79 4.70
CA GLY A 683 16.44 2.94 3.87
C GLY A 683 17.50 3.24 2.81
N SER A 684 18.12 2.18 2.30
CA SER A 684 19.12 2.32 1.26
C SER A 684 18.46 1.95 -0.07
N THR A 685 18.90 2.57 -1.15
CA THR A 685 18.33 2.26 -2.46
C THR A 685 18.64 0.79 -2.80
N ALA A 686 19.57 0.20 -2.07
CA ALA A 686 19.97 -1.18 -2.32
C ALA A 686 19.16 -2.22 -1.56
N THR A 687 18.83 -1.91 -0.31
CA THR A 687 18.11 -2.85 0.54
C THR A 687 17.29 -3.92 -0.19
N SER A 688 16.08 -3.56 -0.61
CA SER A 688 15.20 -4.52 -1.27
C SER A 688 15.78 -5.27 -2.46
N THR A 689 16.27 -4.54 -3.46
CA THR A 689 16.82 -5.17 -4.65
C THR A 689 18.01 -6.10 -4.34
N GLU A 690 18.81 -5.68 -3.37
CA GLU A 690 20.01 -6.39 -2.91
C GLU A 690 19.60 -7.72 -2.30
N HIS A 691 18.66 -7.66 -1.36
CA HIS A 691 18.16 -8.84 -0.69
C HIS A 691 17.52 -9.79 -1.70
N THR A 692 16.90 -9.22 -2.73
CA THR A 692 16.26 -10.03 -3.75
C THR A 692 17.32 -10.81 -4.53
N ALA A 693 18.42 -10.12 -4.84
CA ALA A 693 19.50 -10.74 -5.61
C ALA A 693 20.20 -11.88 -4.87
N ASN A 694 20.44 -11.70 -3.57
CA ASN A 694 21.10 -12.74 -2.78
C ASN A 694 20.15 -13.88 -2.57
N ASN A 695 18.88 -13.59 -2.37
CA ASN A 695 17.87 -14.62 -2.18
C ASN A 695 17.97 -15.62 -3.35
N SER A 696 17.77 -15.14 -4.58
CA SER A 696 17.82 -15.99 -5.77
C SER A 696 19.19 -16.63 -6.02
N THR A 697 20.25 -15.90 -5.75
CA THR A 697 21.59 -16.43 -5.96
C THR A 697 21.86 -17.62 -5.04
N MET A 698 21.51 -17.49 -3.77
CA MET A 698 21.74 -18.58 -2.85
C MET A 698 20.85 -19.77 -3.18
N MET A 699 19.60 -19.51 -3.56
CA MET A 699 18.67 -20.60 -3.88
C MET A 699 19.19 -21.32 -5.11
N GLU A 700 19.72 -20.56 -6.06
CA GLU A 700 20.26 -21.13 -7.28
C GLU A 700 21.46 -22.03 -6.94
N THR A 701 22.36 -21.52 -6.11
CA THR A 701 23.54 -22.28 -5.68
C THR A 701 23.14 -23.57 -4.98
N PHE A 702 22.05 -23.53 -4.24
CA PHE A 702 21.57 -24.71 -3.54
C PHE A 702 21.04 -25.76 -4.51
N LEU A 703 20.29 -25.32 -5.51
CA LEU A 703 19.72 -26.25 -6.50
C LEU A 703 20.75 -26.80 -7.46
N THR A 704 21.84 -26.06 -7.64
CA THR A 704 22.88 -26.47 -8.56
C THR A 704 24.04 -27.20 -7.91
N VAL A 705 24.47 -26.71 -6.77
CA VAL A 705 25.63 -27.28 -6.11
C VAL A 705 25.44 -28.00 -4.78
N TRP A 706 25.19 -27.22 -3.74
CA TRP A 706 25.04 -27.76 -2.39
C TRP A 706 24.06 -28.92 -2.28
N GLY A 707 22.79 -28.67 -2.58
CA GLY A 707 21.80 -29.71 -2.48
C GLY A 707 22.27 -31.01 -3.12
N PRO A 708 22.48 -31.01 -4.43
CA PRO A 708 22.93 -32.21 -5.14
C PRO A 708 24.14 -32.92 -4.49
N GLU A 709 25.04 -32.14 -3.88
CA GLU A 709 26.22 -32.71 -3.25
C GLU A 709 25.96 -33.24 -1.85
N HIS A 710 24.77 -33.04 -1.33
CA HIS A 710 24.49 -33.49 0.01
C HIS A 710 23.45 -34.59 0.12
N THR A 711 23.17 -35.25 -0.99
CA THR A 711 22.21 -36.33 -0.97
C THR A 711 22.42 -37.21 -2.20
N ASP A 712 22.04 -38.47 -2.09
CA ASP A 712 22.15 -39.40 -3.21
C ASP A 712 20.76 -39.92 -3.54
N ASP A 713 19.80 -39.48 -2.72
CA ASP A 713 18.40 -39.84 -2.87
C ASP A 713 18.01 -39.52 -4.32
N PRO A 714 17.77 -40.56 -5.14
CA PRO A 714 17.39 -40.39 -6.55
C PRO A 714 16.26 -39.38 -6.78
N ASP A 715 15.17 -39.53 -6.03
CA ASP A 715 14.05 -38.63 -6.18
C ASP A 715 14.39 -37.19 -5.83
N VAL A 716 14.99 -36.98 -4.65
CA VAL A 716 15.36 -35.63 -4.24
C VAL A 716 16.26 -35.01 -5.30
N LEU A 717 17.11 -35.83 -5.91
CA LEU A 717 17.99 -35.31 -6.94
C LEU A 717 17.18 -34.94 -8.19
N ARG A 718 16.09 -35.67 -8.43
CA ARG A 718 15.26 -35.36 -9.59
C ARG A 718 14.51 -34.06 -9.37
N LEU A 719 13.85 -33.95 -8.21
CA LEU A 719 13.10 -32.75 -7.88
C LEU A 719 14.01 -31.53 -8.06
N MET A 720 15.15 -31.55 -7.38
CA MET A 720 16.12 -30.48 -7.45
C MET A 720 16.49 -30.12 -8.88
N LYS A 721 16.84 -31.14 -9.66
CA LYS A 721 17.23 -30.92 -11.05
C LYS A 721 16.13 -30.31 -11.93
N SER A 722 14.86 -30.59 -11.62
CA SER A 722 13.74 -30.05 -12.39
C SER A 722 13.40 -28.61 -12.01
N LEU A 723 14.04 -28.08 -10.97
CA LEU A 723 13.76 -26.71 -10.55
C LEU A 723 14.85 -25.79 -11.05
N THR A 724 14.49 -24.53 -11.24
CA THR A 724 15.41 -23.52 -11.72
C THR A 724 14.95 -22.18 -11.20
N ILE A 725 15.88 -21.35 -10.72
CA ILE A 725 15.49 -20.05 -10.20
C ILE A 725 14.91 -19.16 -11.28
N GLN A 726 14.98 -19.61 -12.52
CA GLN A 726 14.44 -18.81 -13.62
C GLN A 726 13.01 -19.20 -13.96
N ARG A 727 12.57 -20.36 -13.49
CA ARG A 727 11.22 -20.83 -13.77
C ARG A 727 10.39 -21.23 -12.57
N ASN A 728 11.02 -21.77 -11.54
CA ASN A 728 10.30 -22.25 -10.38
C ASN A 728 10.45 -21.53 -9.05
N TYR A 729 11.18 -20.42 -9.04
CA TYR A 729 11.37 -19.68 -7.81
C TYR A 729 11.20 -18.16 -8.03
N VAL A 730 10.20 -17.59 -7.38
CA VAL A 730 9.93 -16.17 -7.50
C VAL A 730 10.22 -15.52 -6.17
N CYS A 731 11.02 -14.46 -6.16
CA CYS A 731 11.32 -13.81 -4.89
C CYS A 731 11.33 -12.30 -4.95
N GLN A 732 11.22 -11.71 -3.77
CA GLN A 732 11.23 -10.27 -3.56
C GLN A 732 11.63 -10.05 -2.11
N GLY A 733 12.77 -9.41 -1.88
CA GLY A 733 13.22 -9.18 -0.52
C GLY A 733 13.48 -10.49 0.19
N ASP A 734 12.81 -10.71 1.32
CA ASP A 734 13.03 -11.94 2.06
C ASP A 734 11.95 -12.99 1.82
N ASP A 735 10.95 -12.64 1.02
CA ASP A 735 9.88 -13.60 0.75
C ASP A 735 10.10 -14.33 -0.57
N GLY A 736 9.85 -15.63 -0.57
CA GLY A 736 10.02 -16.43 -1.76
C GLY A 736 8.95 -17.49 -1.93
N LEU A 737 8.64 -17.82 -3.17
CA LEU A 737 7.64 -18.82 -3.48
C LEU A 737 8.28 -19.87 -4.37
N MET A 738 8.30 -21.11 -3.89
CA MET A 738 8.88 -22.24 -4.61
C MET A 738 7.71 -22.95 -5.30
N ILE A 739 7.61 -22.78 -6.62
CA ILE A 739 6.52 -23.39 -7.37
C ILE A 739 6.92 -24.68 -8.09
N ILE A 740 6.32 -25.78 -7.65
CA ILE A 740 6.60 -27.08 -8.24
C ILE A 740 5.46 -27.57 -9.13
N ASP A 741 5.64 -27.40 -10.43
CA ASP A 741 4.64 -27.85 -11.39
C ASP A 741 4.43 -29.37 -11.26
N GLY A 742 3.20 -29.80 -11.04
CA GLY A 742 2.92 -31.22 -10.93
C GLY A 742 3.02 -31.87 -12.29
N THR A 743 2.28 -32.95 -12.49
CA THR A 743 2.25 -33.68 -13.76
C THR A 743 0.91 -34.34 -13.97
N THR A 744 0.77 -35.14 -15.01
CA THR A 744 -0.49 -35.84 -15.26
C THR A 744 -0.66 -36.84 -14.10
N ALA A 745 0.46 -37.47 -13.73
CA ALA A 745 0.49 -38.45 -12.64
C ALA A 745 0.20 -37.77 -11.31
N GLY A 746 -0.24 -36.52 -11.37
CA GLY A 746 -0.55 -35.78 -10.15
C GLY A 746 0.62 -34.96 -9.64
N LYS A 747 0.62 -34.70 -8.34
CA LYS A 747 1.66 -33.89 -7.75
C LYS A 747 2.85 -34.70 -7.24
N VAL A 748 3.98 -34.01 -7.13
CA VAL A 748 5.23 -34.60 -6.66
C VAL A 748 5.08 -35.12 -5.22
N ASN A 749 5.83 -36.17 -4.90
CA ASN A 749 5.79 -36.78 -3.57
C ASN A 749 6.11 -35.79 -2.44
N SER A 750 5.25 -35.75 -1.43
CA SER A 750 5.41 -34.86 -0.28
C SER A 750 6.69 -35.14 0.53
N GLU A 751 6.99 -36.42 0.66
CA GLU A 751 8.17 -36.87 1.38
C GLU A 751 9.43 -36.43 0.63
N THR A 752 9.42 -36.55 -0.70
CA THR A 752 10.56 -36.14 -1.51
C THR A 752 10.75 -34.62 -1.35
N ILE A 753 9.65 -33.90 -1.23
CA ILE A 753 9.69 -32.45 -1.07
C ILE A 753 10.21 -32.11 0.33
N GLN A 754 9.74 -32.84 1.33
CA GLN A 754 10.16 -32.60 2.70
C GLN A 754 11.67 -32.77 2.87
N ASN A 755 12.24 -33.79 2.23
CA ASN A 755 13.66 -34.07 2.30
C ASN A 755 14.47 -32.88 1.75
N ASP A 756 14.09 -32.46 0.56
CA ASP A 756 14.70 -31.40 -0.17
C ASP A 756 14.53 -30.01 0.50
N LEU A 757 13.54 -29.87 1.42
CA LEU A 757 13.29 -28.63 2.20
C LEU A 757 14.17 -28.64 3.44
N GLU A 758 14.43 -29.83 3.96
CA GLU A 758 15.30 -29.97 5.13
C GLU A 758 16.73 -29.65 4.73
N LEU A 759 17.10 -30.04 3.50
CA LEU A 759 18.43 -29.75 2.98
C LEU A 759 18.59 -28.23 2.85
N ILE A 760 17.53 -27.57 2.38
CA ILE A 760 17.55 -26.12 2.21
C ILE A 760 17.79 -25.47 3.57
N SER A 761 17.06 -25.95 4.57
CA SER A 761 17.18 -25.42 5.92
C SER A 761 18.60 -25.51 6.47
N LYS A 762 19.20 -26.70 6.39
CA LYS A 762 20.57 -26.88 6.88
C LYS A 762 21.57 -26.06 6.06
N TYR A 763 21.31 -25.93 4.76
CA TYR A 763 22.17 -25.16 3.87
C TYR A 763 22.28 -23.69 4.31
N GLY A 764 21.14 -23.11 4.72
CA GLY A 764 21.14 -21.72 5.15
C GLY A 764 21.95 -21.41 6.39
N GLU A 765 22.02 -22.37 7.32
CA GLU A 765 22.77 -22.22 8.56
C GLU A 765 24.26 -22.07 8.27
N GLU A 766 24.66 -22.50 7.09
CA GLU A 766 26.05 -22.40 6.68
C GLU A 766 26.50 -20.96 6.50
N PHE A 767 25.60 -20.10 6.04
CA PHE A 767 25.96 -18.71 5.85
C PHE A 767 25.13 -17.71 6.66
N GLY A 768 24.54 -18.20 7.75
CA GLY A 768 23.77 -17.32 8.62
C GLY A 768 22.34 -16.95 8.30
N TRP A 769 21.69 -17.69 7.41
CA TRP A 769 20.31 -17.41 7.06
C TRP A 769 19.42 -18.48 7.68
N LYS A 770 18.37 -18.03 8.35
CA LYS A 770 17.43 -18.93 8.98
C LYS A 770 16.21 -18.93 8.06
N TYR A 771 16.06 -19.98 7.27
CA TYR A 771 14.94 -20.09 6.37
C TYR A 771 13.68 -20.40 7.13
N ASP A 772 12.63 -19.68 6.82
CA ASP A 772 11.35 -19.90 7.45
C ASP A 772 10.53 -20.54 6.34
N ILE A 773 10.60 -21.86 6.28
CA ILE A 773 9.93 -22.63 5.24
C ILE A 773 8.61 -23.18 5.71
N ALA A 774 7.61 -23.08 4.85
CA ALA A 774 6.29 -23.61 5.17
C ALA A 774 5.79 -24.42 4.00
N TYR A 775 5.38 -25.66 4.29
CA TYR A 775 4.84 -26.56 3.29
C TYR A 775 3.53 -27.00 3.95
N ASP A 776 2.42 -26.43 3.48
CA ASP A 776 1.12 -26.72 4.09
C ASP A 776 -0.05 -26.79 3.13
N GLY A 777 0.20 -27.03 1.86
CA GLY A 777 -0.87 -27.10 0.89
C GLY A 777 -1.37 -25.71 0.55
N THR A 778 -0.68 -24.72 1.09
CA THR A 778 -1.04 -23.31 0.88
C THR A 778 0.06 -22.49 0.23
N ALA A 779 -0.31 -21.40 -0.41
CA ALA A 779 0.66 -20.51 -1.05
C ALA A 779 0.58 -19.16 -0.37
N GLU A 780 1.75 -18.58 -0.12
CA GLU A 780 1.84 -17.26 0.50
C GLU A 780 2.96 -16.49 -0.15
N TYR A 781 2.63 -15.28 -0.62
CA TYR A 781 3.60 -14.45 -1.27
C TYR A 781 3.10 -13.02 -1.25
N LEU A 782 3.96 -12.12 -0.79
CA LEU A 782 3.63 -10.69 -0.71
C LEU A 782 2.36 -10.43 0.11
N LYS A 783 2.16 -11.22 1.16
CA LYS A 783 1.01 -11.06 2.05
C LYS A 783 -0.38 -11.45 1.53
N LEU A 784 -0.44 -12.12 0.39
CA LEU A 784 -1.71 -12.59 -0.14
C LEU A 784 -1.74 -14.08 0.14
N TYR A 785 -2.92 -14.62 0.45
CA TYR A 785 -3.02 -16.04 0.76
C TYR A 785 -3.81 -16.77 -0.32
N PHE A 786 -3.33 -17.96 -0.68
CA PHE A 786 -3.97 -18.78 -1.72
C PHE A 786 -4.11 -20.25 -1.36
N ILE A 787 -5.26 -20.83 -1.67
CA ILE A 787 -5.49 -22.25 -1.45
C ILE A 787 -6.28 -22.84 -2.64
N PHE A 788 -5.70 -23.86 -3.26
CA PHE A 788 -6.34 -24.50 -4.41
C PHE A 788 -6.70 -23.49 -5.50
N GLY A 789 -5.84 -22.50 -5.70
CA GLY A 789 -6.09 -21.53 -6.74
C GLY A 789 -7.06 -20.42 -6.37
N CYS A 790 -7.52 -20.40 -5.14
CA CYS A 790 -8.45 -19.36 -4.68
C CYS A 790 -7.77 -18.40 -3.70
N ARG A 791 -7.92 -17.11 -3.96
CA ARG A 791 -7.35 -16.12 -3.08
C ARG A 791 -8.23 -16.00 -1.84
N ILE A 792 -7.57 -15.87 -0.70
CA ILE A 792 -8.28 -15.72 0.56
C ILE A 792 -7.94 -14.34 1.08
N PRO A 793 -8.85 -13.37 0.90
CA PRO A 793 -8.53 -12.03 1.41
C PRO A 793 -8.41 -12.13 2.93
N ASN A 794 -7.44 -11.43 3.50
CA ASN A 794 -7.22 -11.45 4.94
C ASN A 794 -7.73 -10.13 5.54
N LEU A 795 -8.98 -10.12 5.97
CA LEU A 795 -9.62 -8.94 6.51
C LEU A 795 -9.00 -8.34 7.79
N SER A 796 -8.41 -9.19 8.61
CA SER A 796 -7.80 -8.76 9.86
C SER A 796 -6.64 -7.81 9.65
N ARG A 797 -5.99 -7.87 8.49
CA ARG A 797 -4.85 -7.00 8.18
C ARG A 797 -5.26 -5.61 7.74
N HIS A 798 -6.55 -5.40 7.50
CA HIS A 798 -7.02 -4.10 7.06
C HIS A 798 -8.03 -3.47 8.04
N PRO A 799 -7.60 -3.23 9.28
CA PRO A 799 -8.45 -2.66 10.33
C PRO A 799 -9.22 -1.43 9.85
N ILE A 800 -10.53 -1.51 9.88
CA ILE A 800 -11.36 -0.40 9.46
C ILE A 800 -11.07 0.85 10.28
N VAL A 801 -10.95 0.71 11.60
CA VAL A 801 -10.69 1.86 12.46
C VAL A 801 -9.21 2.08 12.68
N GLY A 802 -8.41 1.08 12.34
CA GLY A 802 -6.99 1.18 12.58
C GLY A 802 -6.21 2.19 11.79
N LYS A 803 -5.16 2.70 12.41
CA LYS A 803 -4.25 3.64 11.76
C LYS A 803 -2.92 3.64 12.45
N GLU A 804 -1.87 3.63 11.65
CA GLU A 804 -0.49 3.62 12.09
C GLU A 804 -0.01 5.01 12.51
N ARG A 805 0.31 5.20 13.78
CA ARG A 805 0.83 6.48 14.30
C ARG A 805 2.05 6.14 15.16
N ALA A 806 3.23 6.14 14.55
CA ALA A 806 4.44 5.78 15.29
C ALA A 806 5.07 6.91 16.07
N ASN A 807 4.80 8.15 15.70
CA ASN A 807 5.37 9.31 16.39
C ASN A 807 4.34 9.97 17.28
N SER A 808 4.70 11.10 17.88
CA SER A 808 3.76 11.79 18.76
C SER A 808 3.08 12.96 18.03
N SER A 809 3.57 13.31 16.85
CA SER A 809 2.96 14.40 16.10
C SER A 809 1.46 14.15 15.99
N ALA A 810 0.70 15.22 15.84
CA ALA A 810 -0.76 15.11 15.77
C ALA A 810 -1.26 14.68 14.39
N GLU A 811 -2.45 14.07 14.38
CA GLU A 811 -3.06 13.61 13.14
C GLU A 811 -3.20 14.79 12.18
N GLU A 812 -3.29 14.50 10.89
CA GLU A 812 -3.45 15.54 9.89
C GLU A 812 -4.83 16.16 10.06
N PRO A 813 -4.95 17.46 9.82
CA PRO A 813 -6.20 18.24 9.94
C PRO A 813 -7.31 17.77 9.03
N TRP A 814 -8.55 17.96 9.47
CA TRP A 814 -9.70 17.59 8.66
C TRP A 814 -9.54 18.38 7.37
N PRO A 815 -9.97 17.83 6.23
CA PRO A 815 -10.62 16.53 6.06
C PRO A 815 -9.72 15.38 5.57
N ALA A 816 -8.48 15.30 6.06
CA ALA A 816 -7.60 14.20 5.63
C ALA A 816 -8.28 12.88 5.93
N ILE A 817 -9.12 12.88 6.95
CA ILE A 817 -9.85 11.69 7.35
C ILE A 817 -10.76 11.18 6.22
N LEU A 818 -11.20 12.09 5.36
CA LEU A 818 -12.05 11.70 4.25
C LEU A 818 -11.29 10.79 3.30
N ASP A 819 -10.05 11.14 2.99
CA ASP A 819 -9.24 10.30 2.11
C ASP A 819 -9.08 8.92 2.74
N GLN A 820 -8.93 8.89 4.07
CA GLN A 820 -8.76 7.64 4.78
C GLN A 820 -10.03 6.80 4.76
N ILE A 821 -11.17 7.46 4.82
CA ILE A 821 -12.44 6.73 4.81
C ILE A 821 -12.66 6.16 3.41
N MET A 822 -12.33 6.94 2.39
CA MET A 822 -12.46 6.46 1.02
C MET A 822 -11.51 5.28 0.81
N GLY A 823 -10.38 5.32 1.52
CA GLY A 823 -9.40 4.25 1.44
C GLY A 823 -9.96 2.99 2.09
N VAL A 824 -10.70 3.20 3.17
CA VAL A 824 -11.37 2.09 3.84
C VAL A 824 -12.40 1.45 2.93
N PHE A 825 -13.13 2.31 2.21
CA PHE A 825 -14.11 1.82 1.25
C PHE A 825 -13.45 0.98 0.15
N PHE A 826 -12.36 1.48 -0.43
CA PHE A 826 -11.72 0.73 -1.50
C PHE A 826 -11.14 -0.58 -1.00
N ASN A 827 -10.74 -0.66 0.27
CA ASN A 827 -10.20 -1.92 0.78
C ASN A 827 -11.34 -2.93 0.78
N GLY A 828 -12.55 -2.47 1.09
CA GLY A 828 -13.69 -3.37 1.10
C GLY A 828 -13.99 -3.93 -0.29
N VAL A 829 -13.86 -3.09 -1.32
CA VAL A 829 -14.11 -3.51 -2.68
C VAL A 829 -13.09 -4.60 -3.06
N HIS A 830 -11.82 -4.33 -2.81
CA HIS A 830 -10.79 -5.30 -3.12
C HIS A 830 -10.92 -6.55 -2.26
N ASP A 831 -11.29 -6.40 -0.99
CA ASP A 831 -11.44 -7.55 -0.09
C ASP A 831 -12.73 -8.33 -0.27
N GLY A 832 -13.62 -7.81 -1.12
CA GLY A 832 -14.86 -8.50 -1.40
C GLY A 832 -15.92 -8.63 -0.32
N LEU A 833 -16.22 -7.54 0.38
CA LEU A 833 -17.26 -7.57 1.39
C LEU A 833 -18.64 -7.62 0.69
N GLN A 834 -19.72 -7.86 1.44
CA GLN A 834 -21.04 -7.92 0.84
C GLN A 834 -21.32 -6.53 0.28
N TRP A 835 -21.32 -6.42 -1.05
CA TRP A 835 -21.46 -5.12 -1.70
C TRP A 835 -22.52 -4.15 -1.20
N GLN A 836 -23.77 -4.60 -1.07
CA GLN A 836 -24.79 -3.67 -0.60
C GLN A 836 -24.54 -3.21 0.83
N ARG A 837 -24.36 -4.16 1.75
CA ARG A 837 -24.13 -3.77 3.14
C ARG A 837 -22.90 -2.86 3.25
N TRP A 838 -21.87 -3.14 2.46
CA TRP A 838 -20.67 -2.32 2.49
C TRP A 838 -20.91 -0.91 1.94
N ILE A 839 -21.61 -0.82 0.81
CA ILE A 839 -21.89 0.48 0.22
C ILE A 839 -22.71 1.33 1.18
N ARG A 840 -23.78 0.77 1.74
CA ARG A 840 -24.63 1.50 2.67
C ARG A 840 -23.81 1.95 3.87
N TYR A 841 -23.01 1.06 4.43
CA TYR A 841 -22.20 1.44 5.57
C TYR A 841 -21.29 2.63 5.21
N SER A 842 -20.51 2.50 4.14
CA SER A 842 -19.60 3.57 3.71
C SER A 842 -20.32 4.92 3.62
N TRP A 843 -21.53 4.91 3.11
CA TRP A 843 -22.30 6.14 3.00
C TRP A 843 -22.55 6.75 4.37
N ALA A 844 -22.85 5.90 5.35
CA ALA A 844 -23.09 6.38 6.70
C ALA A 844 -21.79 6.92 7.25
N LEU A 845 -20.71 6.17 7.02
CA LEU A 845 -19.39 6.57 7.50
C LEU A 845 -18.96 7.89 6.91
N CYS A 846 -19.10 8.05 5.59
CA CYS A 846 -18.71 9.30 4.93
C CYS A 846 -19.53 10.45 5.49
N CYS A 847 -20.85 10.26 5.53
CA CYS A 847 -21.73 11.29 6.05
C CYS A 847 -21.29 11.73 7.47
N ALA A 848 -20.85 10.78 8.29
CA ALA A 848 -20.43 11.07 9.66
C ALA A 848 -19.12 11.86 9.77
N PHE A 849 -18.40 12.02 8.65
CA PHE A 849 -17.15 12.77 8.66
C PHE A 849 -17.19 13.93 7.67
N SER A 850 -18.31 14.10 6.99
CA SER A 850 -18.48 15.15 5.98
C SER A 850 -18.68 16.58 6.50
N ARG A 851 -18.80 16.73 7.82
CA ARG A 851 -19.04 18.03 8.41
C ARG A 851 -18.00 18.38 9.46
N GLN A 852 -17.44 19.57 9.36
CA GLN A 852 -16.44 20.03 10.33
C GLN A 852 -16.74 21.49 10.67
N ARG A 853 -16.59 21.79 11.98
CA ARG A 853 -16.80 23.09 12.55
C ARG A 853 -15.62 24.04 12.24
N THR A 854 -15.89 25.16 11.57
CA THR A 854 -14.82 26.13 11.30
C THR A 854 -14.91 27.38 12.20
N MET A 855 -13.76 27.78 12.72
CA MET A 855 -13.63 28.94 13.60
C MET A 855 -12.99 30.08 12.81
N ILE A 856 -13.61 31.25 12.91
CA ILE A 856 -13.13 32.45 12.21
C ILE A 856 -13.36 33.67 13.09
N GLY A 857 -12.56 33.79 14.16
CA GLY A 857 -12.71 34.91 15.08
C GLY A 857 -14.15 35.08 15.57
N GLU A 858 -14.54 34.28 16.56
CA GLU A 858 -15.88 34.33 17.15
C GLU A 858 -17.03 33.99 16.20
N SER A 859 -16.71 33.81 14.92
CA SER A 859 -17.71 33.47 13.91
C SER A 859 -17.77 31.94 13.71
N VAL A 860 -18.78 31.31 14.29
CA VAL A 860 -18.95 29.86 14.19
C VAL A 860 -19.69 29.40 12.92
N GLY A 861 -18.96 28.73 12.03
CA GLY A 861 -19.53 28.22 10.80
C GLY A 861 -19.26 26.74 10.60
N TYR A 862 -19.60 26.21 9.43
CA TYR A 862 -19.38 24.79 9.18
C TYR A 862 -19.08 24.45 7.72
N LEU A 863 -18.02 23.66 7.52
CA LEU A 863 -17.62 23.20 6.19
C LEU A 863 -18.44 21.92 6.00
N GLN A 864 -19.06 21.78 4.84
CA GLN A 864 -19.89 20.60 4.58
C GLN A 864 -19.74 20.10 3.16
N TYR A 865 -19.21 18.87 3.02
CA TYR A 865 -19.03 18.26 1.72
C TYR A 865 -20.35 17.61 1.32
N PRO A 866 -20.90 17.99 0.15
CA PRO A 866 -22.18 17.41 -0.29
C PRO A 866 -21.97 15.93 -0.62
N MET A 867 -23.04 15.14 -0.59
CA MET A 867 -22.95 13.72 -0.89
C MET A 867 -22.30 13.49 -2.25
N TRP A 868 -22.52 14.43 -3.17
CA TRP A 868 -21.96 14.31 -4.50
C TRP A 868 -20.44 14.31 -4.55
N SER A 869 -19.77 14.84 -3.52
CA SER A 869 -18.32 14.84 -3.54
C SER A 869 -17.80 13.41 -3.39
N PHE A 870 -18.55 12.61 -2.63
CA PHE A 870 -18.15 11.21 -2.42
C PHE A 870 -18.40 10.38 -3.67
N VAL A 871 -19.40 10.77 -4.45
CA VAL A 871 -19.68 10.04 -5.66
C VAL A 871 -18.49 10.24 -6.57
N TYR A 872 -18.06 11.49 -6.69
CA TYR A 872 -16.90 11.83 -7.51
C TYR A 872 -15.67 11.04 -7.08
N TRP A 873 -15.46 10.92 -5.77
CA TRP A 873 -14.32 10.19 -5.24
C TRP A 873 -14.38 8.68 -5.50
N GLY A 874 -15.56 8.20 -5.88
CA GLY A 874 -15.71 6.79 -6.20
C GLY A 874 -16.82 6.04 -5.51
N LEU A 875 -17.54 6.69 -4.59
CA LEU A 875 -18.62 6.02 -3.87
C LEU A 875 -19.90 5.99 -4.72
N PRO A 876 -20.34 4.79 -5.12
CA PRO A 876 -21.55 4.64 -5.93
C PRO A 876 -22.85 5.02 -5.23
N LEU A 877 -23.80 5.55 -6.00
CA LEU A 877 -25.10 5.94 -5.50
C LEU A 877 -25.92 4.69 -5.22
N VAL A 878 -26.82 4.80 -4.25
CA VAL A 878 -27.70 3.70 -3.87
C VAL A 878 -28.99 3.82 -4.68
N LYS A 879 -29.49 5.05 -4.83
CA LYS A 879 -30.72 5.29 -5.56
C LYS A 879 -30.96 6.80 -5.66
N ALA A 880 -31.23 7.30 -6.89
CA ALA A 880 -31.47 8.72 -7.08
C ALA A 880 -32.34 8.97 -8.31
N PHE A 881 -32.83 10.23 -8.39
CA PHE A 881 -33.67 10.71 -9.48
C PHE A 881 -34.82 9.74 -9.83
N GLY A 882 -35.33 9.05 -8.82
CA GLY A 882 -36.41 8.10 -9.02
C GLY A 882 -36.03 6.75 -9.63
N SER A 883 -34.75 6.42 -9.66
CA SER A 883 -34.31 5.15 -10.24
C SER A 883 -34.58 3.94 -9.34
N ASP A 884 -34.30 2.75 -9.88
CA ASP A 884 -34.45 1.54 -9.09
C ASP A 884 -33.28 1.58 -8.11
N PRO A 885 -33.40 0.87 -7.00
CA PRO A 885 -32.31 0.86 -6.02
C PRO A 885 -31.20 -0.13 -6.37
N TRP A 886 -29.98 0.22 -5.97
CA TRP A 886 -28.77 -0.60 -6.15
C TRP A 886 -28.38 -0.97 -7.57
N ILE A 887 -28.61 -0.06 -8.51
CA ILE A 887 -28.26 -0.31 -9.88
C ILE A 887 -26.82 0.06 -10.14
N PHE A 888 -26.19 0.75 -9.19
CA PHE A 888 -24.81 1.17 -9.35
C PHE A 888 -23.84 0.28 -8.58
N SER A 889 -22.82 -0.19 -9.29
CA SER A 889 -21.79 -1.07 -8.74
C SER A 889 -20.62 -0.29 -8.15
N TRP A 890 -19.84 -0.92 -7.28
CA TRP A 890 -18.70 -0.21 -6.72
C TRP A 890 -17.54 -0.16 -7.71
N TYR A 891 -17.73 -0.72 -8.90
CA TYR A 891 -16.69 -0.67 -9.93
C TYR A 891 -16.89 0.59 -10.77
N MET A 892 -17.79 1.45 -10.32
CA MET A 892 -18.01 2.71 -11.03
C MET A 892 -16.69 3.45 -10.95
N PRO A 893 -16.19 3.95 -12.09
CA PRO A 893 -14.93 4.69 -12.12
C PRO A 893 -14.93 5.90 -11.18
N THR A 894 -13.79 6.55 -11.07
CA THR A 894 -13.64 7.72 -10.23
C THR A 894 -13.70 8.98 -11.12
N GLY A 895 -13.83 10.14 -10.49
CA GLY A 895 -13.87 11.39 -11.24
C GLY A 895 -14.79 11.47 -12.46
N ASP A 896 -14.37 12.24 -13.46
CA ASP A 896 -15.18 12.42 -14.65
C ASP A 896 -15.71 11.14 -15.29
N LEU A 897 -14.85 10.12 -15.43
CA LEU A 897 -15.30 8.88 -16.04
C LEU A 897 -16.44 8.23 -15.26
N GLY A 898 -16.36 8.30 -13.93
CA GLY A 898 -17.41 7.73 -13.11
C GLY A 898 -18.66 8.57 -13.19
N MET A 899 -18.49 9.90 -13.12
CA MET A 899 -19.62 10.81 -13.20
C MET A 899 -20.36 10.60 -14.52
N TYR A 900 -19.59 10.40 -15.57
CA TYR A 900 -20.17 10.14 -16.87
C TYR A 900 -20.92 8.82 -16.87
N SER A 901 -20.32 7.81 -16.25
CA SER A 901 -20.96 6.51 -16.22
C SER A 901 -22.31 6.48 -15.52
N TRP A 902 -22.38 6.91 -14.26
CA TRP A 902 -23.66 6.86 -13.58
C TRP A 902 -24.69 7.77 -14.20
N ILE A 903 -24.28 8.95 -14.67
CA ILE A 903 -25.23 9.85 -15.31
C ILE A 903 -25.81 9.20 -16.59
N SER A 904 -24.96 8.68 -17.45
CA SER A 904 -25.43 8.03 -18.69
C SER A 904 -26.41 6.88 -18.40
N LEU A 905 -26.17 6.16 -17.30
CA LEU A 905 -27.03 5.04 -16.94
C LEU A 905 -28.47 5.48 -16.66
N ILE A 906 -28.65 6.65 -16.09
CA ILE A 906 -30.01 7.11 -15.79
C ILE A 906 -30.31 8.50 -16.37
N ARG A 907 -29.66 8.84 -17.48
CA ARG A 907 -29.87 10.15 -18.10
C ARG A 907 -31.35 10.46 -18.38
N PRO A 908 -32.06 9.59 -19.12
CA PRO A 908 -33.47 9.85 -19.41
C PRO A 908 -34.23 10.11 -18.11
N LEU A 909 -33.98 9.26 -17.12
CA LEU A 909 -34.61 9.37 -15.81
C LEU A 909 -34.38 10.73 -15.19
N MET A 910 -33.12 11.17 -15.20
CA MET A 910 -32.76 12.45 -14.63
C MET A 910 -33.53 13.58 -15.30
N THR A 911 -33.56 13.55 -16.63
CA THR A 911 -34.28 14.58 -17.38
C THR A 911 -35.74 14.55 -16.94
N ARG A 912 -36.34 13.37 -16.98
CA ARG A 912 -37.74 13.22 -16.60
C ARG A 912 -37.99 13.74 -15.19
N TRP A 913 -37.05 13.49 -14.29
CA TRP A 913 -37.19 13.92 -12.91
C TRP A 913 -37.09 15.43 -12.72
N MET A 914 -36.15 16.05 -13.44
CA MET A 914 -35.96 17.48 -13.33
C MET A 914 -37.16 18.28 -13.78
N VAL A 915 -37.78 17.83 -14.85
CA VAL A 915 -38.96 18.51 -15.37
C VAL A 915 -40.10 18.32 -14.38
N ALA A 916 -40.31 17.08 -13.96
CA ALA A 916 -41.36 16.75 -13.01
C ALA A 916 -41.25 17.59 -11.75
N ASN A 917 -40.08 18.17 -11.50
CA ASN A 917 -39.89 18.99 -10.30
C ASN A 917 -39.69 20.47 -10.56
N GLY A 918 -40.16 20.95 -11.71
CA GLY A 918 -40.04 22.36 -12.02
C GLY A 918 -38.79 22.82 -12.77
N TYR A 919 -37.83 21.92 -12.97
CA TYR A 919 -36.61 22.28 -13.67
C TYR A 919 -36.79 22.10 -15.19
N VAL A 920 -37.51 23.04 -15.80
CA VAL A 920 -37.80 22.99 -17.24
C VAL A 920 -37.42 24.31 -17.91
N THR A 921 -37.09 24.22 -19.20
CA THR A 921 -36.72 25.39 -19.94
C THR A 921 -37.18 25.18 -21.32
N ASP A 922 -37.33 26.29 -22.00
CA ASP A 922 -37.67 26.11 -23.36
C ASP A 922 -36.33 25.79 -24.04
N ARG A 923 -35.21 26.23 -23.47
CA ARG A 923 -33.91 25.86 -24.09
C ARG A 923 -33.59 24.27 -24.04
N CYS A 924 -33.57 23.55 -25.18
CA CYS A 924 -33.31 22.05 -25.32
C CYS A 924 -31.81 21.68 -25.36
N SER A 925 -31.48 20.72 -24.49
CA SER A 925 -30.11 20.22 -24.27
C SER A 925 -29.84 18.93 -25.00
N THR A 926 -28.66 18.84 -25.64
CA THR A 926 -28.33 17.61 -26.35
C THR A 926 -28.18 16.45 -25.40
N VAL A 927 -28.05 16.79 -24.11
CA VAL A 927 -27.86 15.79 -23.07
C VAL A 927 -29.08 15.59 -22.17
N PHE A 928 -29.61 16.68 -21.65
CA PHE A 928 -30.74 16.61 -20.74
C PHE A 928 -32.05 17.17 -21.33
N GLY A 929 -32.05 17.42 -22.63
CA GLY A 929 -33.24 17.95 -23.27
C GLY A 929 -33.81 19.23 -22.66
N ASN A 930 -35.12 19.23 -22.44
CA ASN A 930 -35.82 20.39 -21.88
C ASN A 930 -35.64 20.52 -20.36
N ALA A 931 -34.70 19.79 -19.79
CA ALA A 931 -34.49 19.89 -18.35
C ALA A 931 -33.56 21.03 -18.02
N ASP A 932 -33.95 21.84 -17.04
CA ASP A 932 -33.12 22.96 -16.63
C ASP A 932 -32.06 22.39 -15.67
N TYR A 933 -31.12 21.65 -16.24
CA TYR A 933 -30.07 21.01 -15.45
C TYR A 933 -29.18 21.96 -14.68
N ARG A 934 -28.89 23.12 -15.27
CA ARG A 934 -28.01 24.09 -14.61
C ARG A 934 -28.56 24.56 -13.27
N ARG A 935 -29.82 24.91 -13.24
CA ARG A 935 -30.44 25.36 -12.01
C ARG A 935 -30.65 24.18 -11.06
N CYS A 936 -30.80 22.98 -11.61
CA CYS A 936 -31.00 21.80 -10.78
C CYS A 936 -29.71 21.39 -10.11
N PHE A 937 -28.66 21.22 -10.89
CA PHE A 937 -27.40 20.80 -10.31
C PHE A 937 -26.83 21.82 -9.30
N ASN A 938 -27.24 23.08 -9.39
CA ASN A 938 -26.75 24.06 -8.43
C ASN A 938 -27.53 23.92 -7.14
N GLU A 939 -28.86 23.89 -7.24
CA GLU A 939 -29.72 23.76 -6.06
C GLU A 939 -29.43 22.49 -5.27
N LEU A 940 -29.24 21.34 -5.93
CA LEU A 940 -28.97 20.14 -5.14
C LEU A 940 -27.48 19.97 -4.85
N LYS A 941 -26.69 21.03 -5.01
CA LYS A 941 -25.25 21.05 -4.75
C LYS A 941 -24.44 19.99 -5.51
N LEU A 942 -24.97 19.54 -6.66
CA LEU A 942 -24.27 18.55 -7.45
C LEU A 942 -23.01 19.16 -8.06
N TYR A 943 -23.11 20.40 -8.54
CA TYR A 943 -21.95 21.07 -9.13
C TYR A 943 -20.95 21.39 -8.01
N GLN A 944 -21.48 21.90 -6.91
CA GLN A 944 -20.65 22.25 -5.75
C GLN A 944 -19.83 21.05 -5.27
N GLY A 945 -20.50 19.93 -5.03
CA GLY A 945 -19.81 18.74 -4.57
C GLY A 945 -18.76 18.27 -5.56
N TYR A 946 -19.13 18.33 -6.84
CA TYR A 946 -18.26 17.92 -7.94
C TYR A 946 -16.96 18.74 -7.95
N TYR A 947 -17.11 20.06 -7.80
CA TYR A 947 -15.97 20.95 -7.78
C TYR A 947 -15.24 20.99 -6.43
N MET A 948 -15.96 20.74 -5.34
CA MET A 948 -15.32 20.74 -4.04
C MET A 948 -14.43 19.51 -3.89
N ALA A 949 -14.87 18.40 -4.49
CA ALA A 949 -14.13 17.14 -4.43
C ALA A 949 -12.75 17.27 -5.08
N GLN A 950 -12.60 18.27 -5.94
CA GLN A 950 -11.34 18.47 -6.66
C GLN A 950 -10.37 19.43 -6.02
N LEU A 951 -10.69 19.91 -4.82
CA LEU A 951 -9.80 20.84 -4.13
C LEU A 951 -8.91 20.03 -3.21
N PRO A 952 -7.70 20.54 -2.92
CA PRO A 952 -6.78 19.84 -2.03
C PRO A 952 -7.37 19.74 -0.64
N ARG A 953 -7.20 18.59 0.01
CA ARG A 953 -7.74 18.36 1.34
C ARG A 953 -6.70 18.58 2.44
N ASN A 954 -5.75 19.48 2.20
CA ASN A 954 -4.68 19.80 3.16
C ASN A 954 -4.02 21.17 2.90
N PRO A 955 -3.84 21.97 3.95
CA PRO A 955 -3.23 23.30 3.81
C PRO A 955 -2.01 23.29 2.89
N LYS A 956 -1.69 24.45 2.33
CA LYS A 956 -0.56 24.60 1.43
C LYS A 956 0.30 25.79 1.81
N GLU A 965 15.26 36.16 -2.42
CA GLU A 965 16.53 35.97 -3.11
C GLU A 965 17.09 34.60 -2.79
N VAL A 966 16.96 34.22 -1.53
CA VAL A 966 17.44 32.92 -1.14
C VAL A 966 16.65 31.89 -1.94
N ARG A 967 15.57 32.32 -2.58
CA ARG A 967 14.77 31.41 -3.39
C ARG A 967 15.53 31.04 -4.67
N GLU A 968 16.04 32.05 -5.38
CA GLU A 968 16.83 31.76 -6.58
C GLU A 968 17.98 30.81 -6.17
N GLN A 969 18.62 31.14 -5.05
CA GLN A 969 19.78 30.40 -4.52
C GLN A 969 19.52 28.92 -4.32
N PHE A 970 18.38 28.61 -3.72
CA PHE A 970 17.97 27.25 -3.45
C PHE A 970 17.74 26.52 -4.77
N THR A 971 16.70 26.94 -5.47
CA THR A 971 16.34 26.35 -6.76
C THR A 971 17.56 26.18 -7.64
N GLN A 972 18.49 27.12 -7.56
CA GLN A 972 19.71 27.05 -8.35
C GLN A 972 20.60 25.90 -7.85
N ALA A 973 20.69 25.75 -6.53
CA ALA A 973 21.50 24.68 -5.94
C ALA A 973 20.97 23.36 -6.46
N LEU A 974 19.66 23.17 -6.36
CA LEU A 974 19.02 21.95 -6.84
C LEU A 974 19.35 21.80 -8.31
N SER A 975 19.22 22.88 -9.07
CA SER A 975 19.52 22.84 -10.48
C SER A 975 20.96 22.36 -10.77
N ASP A 976 21.93 22.82 -10.00
CA ASP A 976 23.31 22.40 -10.22
C ASP A 976 23.45 20.91 -9.92
N TYR A 977 22.73 20.46 -8.90
CA TYR A 977 22.77 19.06 -8.50
C TYR A 977 22.37 18.17 -9.67
N LEU A 978 21.21 18.46 -10.26
CA LEU A 978 20.68 17.70 -11.36
C LEU A 978 21.48 17.91 -12.65
N MET A 979 21.70 19.17 -12.99
CA MET A 979 22.44 19.53 -14.21
C MET A 979 23.95 19.51 -14.00
N GLN A 980 24.39 18.68 -13.05
CA GLN A 980 25.81 18.56 -12.75
C GLN A 980 26.62 18.37 -14.03
N ASN A 981 26.26 17.36 -14.82
CA ASN A 981 26.96 17.07 -16.06
C ASN A 981 26.55 18.04 -17.18
N PRO A 982 27.53 18.76 -17.77
CA PRO A 982 27.30 19.72 -18.85
C PRO A 982 26.59 19.15 -20.09
N GLU A 983 26.83 17.88 -20.38
CA GLU A 983 26.22 17.23 -21.55
C GLU A 983 24.69 17.17 -21.44
N LEU A 984 24.19 16.99 -20.23
CA LEU A 984 22.75 16.91 -19.99
C LEU A 984 22.13 18.28 -20.26
N LYS A 985 22.72 19.32 -19.68
CA LYS A 985 22.21 20.68 -19.86
C LYS A 985 22.13 21.02 -21.34
N SER A 986 23.21 20.75 -22.07
CA SER A 986 23.26 21.01 -23.50
C SER A 986 22.12 20.34 -24.22
N ARG A 987 21.75 19.14 -23.76
CA ARG A 987 20.64 18.42 -24.37
C ARG A 987 19.33 19.17 -24.17
N VAL A 988 19.04 19.50 -22.91
CA VAL A 988 17.82 20.20 -22.55
C VAL A 988 17.69 21.55 -23.25
N LEU A 989 18.79 22.28 -23.35
CA LEU A 989 18.79 23.58 -24.01
C LEU A 989 18.48 23.36 -25.49
N ARG A 990 19.07 22.35 -26.09
CA ARG A 990 18.84 22.06 -27.50
C ARG A 990 17.35 21.83 -27.66
N GLY A 991 16.78 21.10 -26.71
CA GLY A 991 15.35 20.83 -26.76
C GLY A 991 14.57 22.12 -26.69
N ARG A 992 14.99 23.02 -25.81
CA ARG A 992 14.30 24.29 -25.64
C ARG A 992 14.26 25.17 -26.89
N SER A 993 15.42 25.44 -27.48
CA SER A 993 15.45 26.25 -28.68
C SER A 993 14.74 25.49 -29.79
N GLU A 994 14.63 24.18 -29.65
CA GLU A 994 13.96 23.36 -30.66
C GLU A 994 12.47 23.43 -30.42
N TRP A 995 12.08 23.55 -29.16
CA TRP A 995 10.68 23.62 -28.80
C TRP A 995 10.04 24.87 -29.38
N GLU A 996 10.79 25.98 -29.41
CA GLU A 996 10.27 27.22 -29.96
C GLU A 996 9.85 27.10 -31.41
N LYS A 997 10.69 26.47 -32.22
CA LYS A 997 10.42 26.32 -33.64
C LYS A 997 9.33 25.30 -34.00
N TYR A 998 9.33 24.13 -33.35
CA TYR A 998 8.35 23.09 -33.68
C TYR A 998 7.23 22.75 -32.68
N GLY A 999 7.45 22.93 -31.38
CA GLY A 999 6.42 22.56 -30.41
C GLY A 999 5.57 23.57 -29.65
N ALA A 1000 6.11 24.76 -29.37
CA ALA A 1000 5.39 25.81 -28.64
C ALA A 1000 4.02 26.21 -29.22
N GLY A 1001 3.00 26.35 -28.37
CA GLY A 1001 1.68 26.70 -28.86
C GLY A 1001 0.82 25.49 -29.08
N ILE A 1002 1.44 24.40 -29.55
CA ILE A 1002 0.72 23.15 -29.77
C ILE A 1002 0.21 22.63 -28.42
N ILE A 1003 1.11 22.51 -27.45
CA ILE A 1003 0.69 22.11 -26.10
C ILE A 1003 1.37 23.10 -25.17
N HIS A 1004 0.87 23.21 -23.95
CA HIS A 1004 1.45 24.14 -22.99
C HIS A 1004 1.95 23.41 -21.75
N ASN A 1005 1.92 22.09 -21.80
CA ASN A 1005 2.35 21.19 -20.72
C ASN A 1005 3.74 20.57 -20.90
N PRO A 1006 4.62 21.17 -21.72
CA PRO A 1006 5.95 20.59 -21.92
C PRO A 1006 6.73 20.21 -20.66
N PRO A 1007 6.90 18.90 -20.41
CA PRO A 1007 7.64 18.42 -19.24
C PRO A 1007 9.11 18.76 -19.53
N SER A 1008 9.86 19.12 -18.50
CA SER A 1008 11.27 19.47 -18.74
C SER A 1008 12.17 19.32 -17.52
N LEU A 1009 13.41 18.92 -17.72
CA LEU A 1009 14.32 18.76 -16.61
C LEU A 1009 14.47 20.09 -15.88
N PHE A 1010 14.40 21.21 -16.60
CA PHE A 1010 14.52 22.52 -15.95
C PHE A 1010 13.37 22.76 -14.96
N ASP A 1011 12.36 21.89 -14.99
CA ASP A 1011 11.22 22.00 -14.08
C ASP A 1011 11.52 21.33 -12.75
N VAL A 1012 12.29 20.25 -12.81
CA VAL A 1012 12.61 19.48 -11.61
C VAL A 1012 12.98 20.32 -10.39
N PRO A 1013 13.91 21.27 -10.56
CA PRO A 1013 14.27 22.07 -9.39
C PRO A 1013 13.05 22.74 -8.74
N HIS A 1014 12.10 23.18 -9.56
CA HIS A 1014 10.91 23.82 -9.03
C HIS A 1014 9.98 22.79 -8.41
N LYS A 1015 9.89 21.64 -9.03
CA LYS A 1015 9.05 20.57 -8.50
C LYS A 1015 9.61 20.15 -7.13
N TRP A 1016 10.94 20.08 -7.03
CA TRP A 1016 11.58 19.69 -5.79
C TRP A 1016 11.38 20.73 -4.69
N TYR A 1017 11.55 22.00 -5.03
CA TYR A 1017 11.36 23.09 -4.08
C TYR A 1017 9.95 23.03 -3.51
N GLN A 1018 9.00 22.87 -4.41
CA GLN A 1018 7.60 22.76 -4.03
C GLN A 1018 7.37 21.59 -3.08
N GLY A 1019 8.07 20.50 -3.37
CA GLY A 1019 7.97 19.32 -2.54
C GLY A 1019 8.52 19.52 -1.14
N ALA A 1020 9.62 20.25 -1.03
CA ALA A 1020 10.23 20.50 0.27
C ALA A 1020 9.33 21.45 1.04
N GLN A 1021 8.57 22.26 0.32
CA GLN A 1021 7.65 23.20 0.97
C GLN A 1021 6.44 22.47 1.51
N GLU A 1022 5.75 21.74 0.63
CA GLU A 1022 4.55 21.01 1.02
C GLU A 1022 4.85 19.96 2.08
N ALA A 1023 6.13 19.82 2.44
CA ALA A 1023 6.53 18.84 3.44
C ALA A 1023 6.57 19.45 4.83
N ALA A 1024 6.68 20.78 4.88
CA ALA A 1024 6.73 21.49 6.13
C ALA A 1024 5.36 21.40 6.80
N ILE A 1025 5.28 21.73 8.09
CA ILE A 1025 4.02 21.68 8.80
C ILE A 1025 3.21 22.96 8.52
N ALA A 1026 1.91 22.78 8.29
CA ALA A 1026 1.02 23.88 7.98
C ALA A 1026 0.82 24.83 9.15
N THR A 1027 0.63 26.10 8.82
CA THR A 1027 0.38 27.12 9.82
C THR A 1027 -1.12 27.29 9.99
N ARG A 1028 -1.54 27.68 11.18
CA ARG A 1028 -2.95 27.88 11.50
C ARG A 1028 -3.68 28.67 10.41
N GLU A 1029 -3.05 29.74 9.93
CA GLU A 1029 -3.61 30.57 8.89
C GLU A 1029 -3.78 29.77 7.61
N GLU A 1030 -2.77 29.00 7.26
CA GLU A 1030 -2.82 28.19 6.05
C GLU A 1030 -4.00 27.26 6.04
N LEU A 1031 -4.33 26.69 7.21
CA LEU A 1031 -5.46 25.79 7.31
C LEU A 1031 -6.75 26.54 6.99
N ALA A 1032 -6.80 27.81 7.39
CA ALA A 1032 -7.95 28.66 7.14
C ALA A 1032 -8.13 28.90 5.65
N GLU A 1033 -7.03 29.13 4.94
CA GLU A 1033 -7.12 29.37 3.50
C GLU A 1033 -7.71 28.18 2.78
N MET A 1034 -7.36 26.99 3.25
CA MET A 1034 -7.87 25.76 2.66
C MET A 1034 -9.39 25.70 2.88
N ASP A 1035 -9.83 26.05 4.09
CA ASP A 1035 -11.25 26.04 4.40
C ASP A 1035 -11.97 27.10 3.58
N GLU A 1036 -11.40 28.30 3.52
CA GLU A 1036 -12.03 29.37 2.74
C GLU A 1036 -12.15 28.96 1.27
N THR A 1037 -11.16 28.23 0.77
CA THR A 1037 -11.18 27.77 -0.61
C THR A 1037 -12.36 26.81 -0.78
N LEU A 1038 -12.59 25.97 0.23
CA LEU A 1038 -13.69 25.02 0.22
C LEU A 1038 -15.04 25.74 0.30
N MET A 1039 -15.14 26.75 1.17
CA MET A 1039 -16.38 27.51 1.31
C MET A 1039 -16.70 28.32 0.06
N ARG A 1040 -15.66 28.81 -0.61
CA ARG A 1040 -15.87 29.59 -1.79
C ARG A 1040 -16.49 28.72 -2.87
N ALA A 1041 -15.94 27.52 -3.02
CA ALA A 1041 -16.43 26.59 -4.03
C ALA A 1041 -17.87 26.16 -3.75
N ARG A 1042 -18.24 26.09 -2.47
CA ARG A 1042 -19.60 25.69 -2.10
C ARG A 1042 -20.58 26.83 -2.32
N ARG A 1043 -20.12 28.07 -2.15
CA ARG A 1043 -20.97 29.24 -2.34
C ARG A 1043 -21.14 29.65 -3.78
N HIS A 1044 -20.14 29.39 -4.61
CA HIS A 1044 -20.16 29.75 -6.03
C HIS A 1044 -21.19 28.91 -6.77
N SER A 1045 -21.71 29.43 -7.87
CA SER A 1045 -22.70 28.71 -8.68
C SER A 1045 -22.15 28.47 -10.07
N TYR A 1046 -22.16 27.22 -10.53
CA TYR A 1046 -21.61 26.88 -11.86
C TYR A 1046 -22.65 26.64 -12.95
N SER A 1047 -22.19 26.53 -14.19
CA SER A 1047 -23.09 26.29 -15.30
C SER A 1047 -22.67 25.09 -16.16
N SER A 1048 -21.73 24.30 -15.69
CA SER A 1048 -21.27 23.13 -16.43
C SER A 1048 -20.21 22.34 -15.68
N PHE A 1049 -19.93 21.12 -16.16
CA PHE A 1049 -18.91 20.27 -15.55
C PHE A 1049 -17.58 20.60 -16.25
N SER A 1050 -16.56 19.77 -16.01
CA SER A 1050 -15.26 19.94 -16.65
C SER A 1050 -15.45 19.89 -18.17
N LYS A 1051 -14.50 20.43 -18.91
CA LYS A 1051 -14.64 20.41 -20.37
C LYS A 1051 -14.63 18.99 -20.89
N LEU A 1052 -13.87 18.11 -20.26
CA LEU A 1052 -13.81 16.71 -20.69
C LEU A 1052 -15.13 15.99 -20.45
N LEU A 1053 -15.72 16.18 -19.27
CA LEU A 1053 -16.99 15.53 -18.96
C LEU A 1053 -18.11 16.06 -19.86
N GLU A 1054 -18.08 17.35 -20.21
CA GLU A 1054 -19.10 17.89 -21.09
C GLU A 1054 -18.99 17.22 -22.46
N ALA A 1055 -17.77 16.85 -22.84
CA ALA A 1055 -17.56 16.18 -24.13
C ALA A 1055 -17.95 14.71 -24.10
N TYR A 1056 -17.72 14.01 -22.98
CA TYR A 1056 -18.09 12.59 -22.91
C TYR A 1056 -19.60 12.43 -23.00
N LEU A 1057 -20.32 13.34 -22.31
CA LEU A 1057 -21.78 13.32 -22.28
C LEU A 1057 -22.46 13.43 -23.63
N LEU A 1058 -21.71 13.81 -24.67
CA LEU A 1058 -22.27 13.89 -26.01
C LEU A 1058 -22.38 12.49 -26.59
N VAL A 1059 -21.67 11.55 -25.98
CA VAL A 1059 -21.63 10.16 -26.43
C VAL A 1059 -22.67 9.29 -25.74
N LYS A 1060 -23.50 8.63 -26.55
CA LYS A 1060 -24.57 7.77 -26.07
C LYS A 1060 -24.35 6.31 -26.49
N TRP A 1061 -24.85 5.38 -25.70
CA TRP A 1061 -24.68 3.95 -25.99
C TRP A 1061 -25.95 3.13 -25.85
N ARG A 1062 -25.86 1.89 -26.29
CA ARG A 1062 -26.94 0.92 -26.18
C ARG A 1062 -26.37 -0.31 -25.51
N MET A 1063 -26.97 -0.67 -24.37
CA MET A 1063 -26.54 -1.84 -23.63
C MET A 1063 -27.34 -3.04 -24.09
N CYS A 1064 -26.64 -4.09 -24.51
CA CYS A 1064 -27.31 -5.27 -25.04
C CYS A 1064 -27.04 -6.57 -24.28
N GLU A 1065 -26.91 -7.66 -25.04
CA GLU A 1065 -26.71 -8.98 -24.46
C GLU A 1065 -25.63 -9.06 -23.39
N ALA A 1066 -25.92 -9.78 -22.32
CA ALA A 1066 -24.96 -9.97 -21.26
C ALA A 1066 -23.87 -10.86 -21.86
N ARG A 1067 -22.64 -10.72 -21.36
CA ARG A 1067 -21.54 -11.52 -21.86
C ARG A 1067 -21.62 -12.94 -21.31
N GLU A 1068 -21.10 -13.91 -22.08
CA GLU A 1068 -21.07 -15.29 -21.66
C GLU A 1068 -20.00 -15.38 -20.60
N PRO A 1069 -20.06 -16.40 -19.74
CA PRO A 1069 -19.02 -16.50 -18.70
C PRO A 1069 -17.62 -16.66 -19.29
N SER A 1070 -16.63 -16.02 -18.67
CA SER A 1070 -15.25 -16.11 -19.11
C SER A 1070 -14.61 -17.22 -18.32
N VAL A 1071 -15.21 -17.51 -17.16
CA VAL A 1071 -14.74 -18.57 -16.27
C VAL A 1071 -15.92 -19.31 -15.65
N ASP A 1072 -15.67 -20.57 -15.28
CA ASP A 1072 -16.67 -21.45 -14.69
C ASP A 1072 -17.35 -20.86 -13.43
N LEU A 1073 -18.67 -20.96 -13.38
CA LEU A 1073 -19.46 -20.44 -12.25
C LEU A 1073 -19.32 -21.19 -10.93
N ARG A 1074 -18.69 -22.36 -10.94
CA ARG A 1074 -18.51 -23.12 -9.69
C ARG A 1074 -17.09 -22.87 -9.15
N LEU A 1075 -16.33 -22.07 -9.88
CA LEU A 1075 -14.95 -21.80 -9.53
C LEU A 1075 -14.63 -20.69 -8.55
N PRO A 1076 -14.07 -21.04 -7.40
CA PRO A 1076 -13.71 -20.06 -6.36
C PRO A 1076 -12.41 -19.31 -6.74
N LEU A 1077 -12.50 -18.02 -6.98
CA LEU A 1077 -11.30 -17.24 -7.32
C LEU A 1077 -10.93 -16.35 -6.14
N CYS A 1078 -11.94 -15.80 -5.48
CA CYS A 1078 -11.72 -14.94 -4.33
C CYS A 1078 -12.76 -15.24 -3.27
N ALA A 1079 -12.31 -15.73 -2.12
CA ALA A 1079 -13.21 -16.06 -1.03
C ALA A 1079 -14.02 -14.83 -0.68
N GLY A 1080 -15.33 -15.01 -0.53
CA GLY A 1080 -16.20 -13.89 -0.21
C GLY A 1080 -16.88 -13.44 -1.50
N ILE A 1081 -16.23 -13.70 -2.63
CA ILE A 1081 -16.81 -13.34 -3.90
C ILE A 1081 -17.42 -14.61 -4.47
N ASP A 1082 -18.66 -14.87 -4.06
CA ASP A 1082 -19.41 -16.05 -4.48
C ASP A 1082 -20.87 -15.68 -4.81
N PRO A 1083 -21.69 -16.68 -5.15
CA PRO A 1083 -23.09 -16.41 -5.48
C PRO A 1083 -23.87 -15.62 -4.44
N LEU A 1084 -23.29 -15.46 -3.25
CA LEU A 1084 -23.93 -14.69 -2.18
C LEU A 1084 -23.58 -13.20 -2.25
N ASN A 1085 -22.60 -12.85 -3.09
CA ASN A 1085 -22.18 -11.45 -3.27
C ASN A 1085 -22.38 -11.15 -4.76
N SER A 1086 -23.65 -11.08 -5.17
CA SER A 1086 -24.10 -10.90 -6.56
C SER A 1086 -23.30 -10.02 -7.52
N ASP A 1087 -23.18 -8.72 -7.24
CA ASP A 1087 -22.47 -7.84 -8.14
C ASP A 1087 -21.01 -8.22 -8.36
N PRO A 1088 -20.20 -8.32 -7.28
CA PRO A 1088 -18.80 -8.68 -7.44
C PRO A 1088 -18.60 -10.03 -8.14
N PHE A 1089 -19.48 -10.99 -7.85
CA PHE A 1089 -19.38 -12.34 -8.44
C PHE A 1089 -19.66 -12.37 -9.95
N LEU A 1090 -20.75 -11.72 -10.35
CA LEU A 1090 -21.12 -11.69 -11.75
C LEU A 1090 -20.07 -10.89 -12.54
N LYS A 1091 -19.52 -9.85 -11.93
CA LYS A 1091 -18.49 -9.06 -12.59
C LYS A 1091 -17.27 -9.93 -12.80
N MET A 1092 -16.91 -10.69 -11.77
CA MET A 1092 -15.77 -11.59 -11.85
C MET A 1092 -15.96 -12.62 -12.95
N VAL A 1093 -17.13 -13.23 -12.94
CA VAL A 1093 -17.49 -14.26 -13.89
C VAL A 1093 -17.63 -13.78 -15.33
N SER A 1094 -18.39 -12.70 -15.52
CA SER A 1094 -18.60 -12.16 -16.86
C SER A 1094 -17.35 -11.47 -17.44
N VAL A 1095 -16.74 -10.60 -16.64
CA VAL A 1095 -15.56 -9.89 -17.10
C VAL A 1095 -14.33 -10.77 -17.14
N GLY A 1096 -14.14 -11.55 -16.07
CA GLY A 1096 -12.99 -12.44 -15.99
C GLY A 1096 -11.88 -11.83 -15.17
N PRO A 1097 -11.09 -12.65 -14.47
CA PRO A 1097 -9.99 -12.09 -13.67
C PRO A 1097 -8.82 -11.59 -14.52
N MET A 1098 -8.07 -10.63 -13.96
CA MET A 1098 -6.89 -10.09 -14.61
C MET A 1098 -5.80 -11.18 -14.41
N LEU A 1099 -5.44 -11.86 -15.48
CA LEU A 1099 -4.46 -12.93 -15.35
C LEU A 1099 -2.99 -12.57 -15.61
N GLN A 1100 -2.67 -11.29 -15.54
CA GLN A 1100 -1.28 -10.87 -15.73
C GLN A 1100 -0.87 -9.83 -14.70
N SER A 1101 0.40 -9.85 -14.34
CA SER A 1101 0.93 -8.87 -13.41
C SER A 1101 0.59 -7.49 -13.96
N THR A 1102 -0.07 -6.66 -13.16
CA THR A 1102 -0.44 -5.32 -13.58
C THR A 1102 0.77 -4.42 -13.86
N ARG A 1103 1.91 -4.75 -13.26
CA ARG A 1103 3.11 -3.96 -13.47
C ARG A 1103 3.63 -4.22 -14.88
N LYS A 1104 3.63 -5.49 -15.26
CA LYS A 1104 4.10 -5.87 -16.59
C LYS A 1104 3.13 -5.41 -17.66
N TYR A 1105 1.85 -5.39 -17.33
CA TYR A 1105 0.86 -4.96 -18.29
C TYR A 1105 1.03 -3.46 -18.59
N PHE A 1106 0.93 -2.65 -17.54
CA PHE A 1106 1.06 -1.21 -17.70
C PHE A 1106 2.43 -0.72 -18.13
N ALA A 1107 3.47 -1.55 -17.93
CA ALA A 1107 4.80 -1.16 -18.35
C ALA A 1107 4.83 -1.18 -19.90
N GLN A 1108 3.77 -1.72 -20.49
CA GLN A 1108 3.68 -1.79 -21.95
C GLN A 1108 2.86 -0.63 -22.51
N THR A 1109 2.45 0.29 -21.65
CA THR A 1109 1.66 1.44 -22.11
C THR A 1109 2.44 2.75 -22.07
N LEU A 1110 3.76 2.67 -22.04
CA LEU A 1110 4.60 3.85 -21.97
C LEU A 1110 5.77 3.74 -22.92
N PHE A 1111 6.16 4.84 -23.53
CA PHE A 1111 7.31 4.79 -24.42
C PHE A 1111 8.58 4.71 -23.60
N MET A 1112 8.57 5.32 -22.41
CA MET A 1112 9.72 5.31 -21.50
C MET A 1112 9.31 4.91 -20.08
N ALA A 1113 9.93 3.84 -19.58
CA ALA A 1113 9.67 3.32 -18.24
C ALA A 1113 9.97 4.29 -17.10
N LYS A 1114 11.15 4.89 -17.12
CA LYS A 1114 11.50 5.81 -16.05
C LYS A 1114 12.10 7.12 -16.50
N THR A 1115 12.21 8.06 -15.57
CA THR A 1115 12.79 9.36 -15.85
C THR A 1115 13.28 9.96 -14.54
N VAL A 1116 13.71 11.21 -14.57
CA VAL A 1116 14.19 11.87 -13.37
C VAL A 1116 13.09 11.90 -12.32
N SER A 1117 13.46 11.62 -11.06
CA SER A 1117 12.50 11.67 -9.98
C SER A 1117 12.10 13.13 -9.92
N GLY A 1118 10.80 13.41 -10.08
CA GLY A 1118 10.36 14.79 -10.08
C GLY A 1118 9.47 15.04 -11.29
N LEU A 1119 9.59 14.18 -12.30
CA LEU A 1119 8.75 14.30 -13.49
C LEU A 1119 7.89 13.05 -13.54
N ASP A 1120 6.77 13.14 -14.24
CA ASP A 1120 5.85 12.01 -14.33
C ASP A 1120 5.95 11.33 -15.69
N VAL A 1121 6.34 10.06 -15.68
CA VAL A 1121 6.46 9.29 -16.91
C VAL A 1121 5.15 9.33 -17.68
N ASN A 1122 4.01 9.28 -16.97
CA ASN A 1122 2.71 9.32 -17.62
C ASN A 1122 2.46 10.70 -18.22
N ALA A 1123 3.07 11.72 -17.63
CA ALA A 1123 2.89 13.07 -18.14
C ALA A 1123 3.68 13.23 -19.44
N ILE A 1124 4.91 12.72 -19.45
CA ILE A 1124 5.74 12.80 -20.63
C ILE A 1124 5.08 12.00 -21.75
N ASP A 1125 4.56 10.82 -21.40
CA ASP A 1125 3.91 9.99 -22.39
C ASP A 1125 2.69 10.71 -22.93
N SER A 1126 2.06 11.51 -22.08
CA SER A 1126 0.87 12.26 -22.49
C SER A 1126 1.24 13.43 -23.41
N ALA A 1127 2.33 14.12 -23.08
CA ALA A 1127 2.77 15.25 -23.88
C ALA A 1127 3.12 14.81 -25.30
N LEU A 1128 3.85 13.70 -25.41
CA LEU A 1128 4.25 13.17 -26.70
C LEU A 1128 3.04 12.77 -27.54
N LEU A 1129 2.12 12.05 -26.93
CA LEU A 1129 0.96 11.61 -27.64
C LEU A 1129 0.06 12.79 -28.02
N ARG A 1130 -0.01 13.81 -27.16
CA ARG A 1130 -0.85 14.94 -27.48
C ARG A 1130 -0.27 15.74 -28.67
N LEU A 1131 1.04 15.93 -28.69
CA LEU A 1131 1.66 16.63 -29.79
C LEU A 1131 1.34 15.89 -31.07
N ARG A 1132 1.43 14.57 -31.04
CA ARG A 1132 1.13 13.77 -32.23
C ARG A 1132 -0.31 13.94 -32.67
N THR A 1133 -1.23 13.87 -31.71
CA THR A 1133 -2.65 14.01 -32.01
C THR A 1133 -2.96 15.42 -32.52
N LEU A 1134 -2.34 16.42 -31.89
CA LEU A 1134 -2.54 17.80 -32.29
C LEU A 1134 -1.86 18.17 -33.61
N GLY A 1135 -1.38 17.15 -34.33
CA GLY A 1135 -0.75 17.40 -35.62
C GLY A 1135 0.68 17.93 -35.62
N ALA A 1136 1.30 18.05 -34.46
CA ALA A 1136 2.66 18.55 -34.40
C ALA A 1136 3.57 17.66 -35.23
N ASP A 1137 4.70 18.23 -35.65
CA ASP A 1137 5.66 17.51 -36.45
C ASP A 1137 6.60 16.63 -35.62
N LYS A 1138 7.14 15.59 -36.25
CA LYS A 1138 8.08 14.69 -35.60
C LYS A 1138 9.13 15.45 -34.78
N LYS A 1139 9.75 16.44 -35.40
CA LYS A 1139 10.80 17.19 -34.74
C LYS A 1139 10.32 17.82 -33.43
N ALA A 1140 9.01 17.99 -33.29
CA ALA A 1140 8.45 18.54 -32.07
C ALA A 1140 8.56 17.50 -30.95
N LEU A 1141 8.24 16.24 -31.27
CA LEU A 1141 8.35 15.19 -30.26
C LEU A 1141 9.82 15.03 -29.93
N THR A 1142 10.67 15.24 -30.94
CA THR A 1142 12.10 15.14 -30.73
C THR A 1142 12.53 16.22 -29.75
N ALA A 1143 11.96 17.40 -29.89
CA ALA A 1143 12.30 18.48 -28.97
C ALA A 1143 11.87 18.13 -27.54
N GLN A 1144 10.68 17.54 -27.42
CA GLN A 1144 10.15 17.18 -26.12
C GLN A 1144 11.05 16.16 -25.42
N LEU A 1145 11.54 15.19 -26.17
CA LEU A 1145 12.41 14.14 -25.63
C LEU A 1145 13.81 14.66 -25.26
N LEU A 1146 14.24 15.73 -25.92
CA LEU A 1146 15.54 16.32 -25.63
C LEU A 1146 15.40 17.08 -24.33
N MET A 1147 14.24 17.71 -24.15
CA MET A 1147 14.02 18.47 -22.93
C MET A 1147 13.94 17.57 -21.69
N VAL A 1148 13.78 16.26 -21.87
CA VAL A 1148 13.74 15.37 -20.71
C VAL A 1148 15.03 14.58 -20.53
N GLY A 1149 16.12 15.05 -21.15
CA GLY A 1149 17.41 14.39 -20.99
C GLY A 1149 17.96 13.51 -22.08
N LEU A 1150 17.13 13.10 -23.03
CA LEU A 1150 17.60 12.23 -24.11
C LEU A 1150 18.60 12.84 -25.06
N GLN A 1151 19.37 11.96 -25.68
CA GLN A 1151 20.39 12.33 -26.66
C GLN A 1151 19.64 12.48 -28.00
N GLU A 1152 20.09 13.42 -28.83
CA GLU A 1152 19.45 13.66 -30.13
C GLU A 1152 19.19 12.40 -30.93
N SER A 1153 20.18 11.53 -31.04
CA SER A 1153 20.03 10.27 -31.79
C SER A 1153 18.82 9.49 -31.27
N GLU A 1154 18.76 9.32 -29.95
CA GLU A 1154 17.67 8.58 -29.34
C GLU A 1154 16.36 9.31 -29.52
N ALA A 1155 16.41 10.61 -29.26
CA ALA A 1155 15.23 11.47 -29.39
C ALA A 1155 14.59 11.26 -30.75
N ASP A 1156 15.34 11.57 -31.81
CA ASP A 1156 14.86 11.43 -33.18
C ASP A 1156 14.33 10.04 -33.47
N ALA A 1157 14.98 9.02 -32.89
CA ALA A 1157 14.54 7.65 -33.13
C ALA A 1157 13.23 7.36 -32.43
N LEU A 1158 13.18 7.56 -31.11
CA LEU A 1158 11.93 7.31 -30.40
C LEU A 1158 10.80 8.17 -30.98
N ALA A 1159 11.10 9.45 -31.23
CA ALA A 1159 10.09 10.35 -31.80
C ALA A 1159 9.56 9.82 -33.13
N GLY A 1160 10.47 9.34 -33.99
CA GLY A 1160 10.07 8.83 -35.28
C GLY A 1160 9.30 7.53 -35.14
N LYS A 1161 9.57 6.82 -34.06
CA LYS A 1161 8.90 5.56 -33.80
C LYS A 1161 7.49 5.86 -33.33
N ILE A 1162 7.36 6.88 -32.49
CA ILE A 1162 6.08 7.28 -31.94
C ILE A 1162 5.15 7.75 -33.07
N MET A 1163 5.70 8.49 -34.02
CA MET A 1163 4.90 9.00 -35.13
C MET A 1163 4.22 7.88 -35.93
N LEU A 1164 4.82 6.70 -35.96
CA LEU A 1164 4.26 5.61 -36.74
C LEU A 1164 3.57 4.51 -35.94
N GLN A 1165 3.68 4.58 -34.62
CA GLN A 1165 3.10 3.52 -33.80
C GLN A 1165 1.60 3.51 -33.57
N ASP A 1166 1.08 2.29 -33.52
CA ASP A 1166 -0.33 2.02 -33.25
C ASP A 1166 -0.44 1.93 -31.74
N VAL A 1167 -0.85 3.02 -31.09
CA VAL A 1167 -0.97 3.06 -29.65
C VAL A 1167 -2.19 2.31 -29.13
N ASN A 1168 -1.99 1.43 -28.15
CA ASN A 1168 -3.08 0.65 -27.59
C ASN A 1168 -4.03 1.53 -26.78
N THR A 1169 -5.24 1.02 -26.57
CA THR A 1169 -6.29 1.74 -25.85
C THR A 1169 -5.90 2.49 -24.58
N VAL A 1170 -5.28 1.78 -23.64
CA VAL A 1170 -4.87 2.36 -22.38
C VAL A 1170 -3.84 3.48 -22.51
N GLN A 1171 -2.80 3.25 -23.29
CA GLN A 1171 -1.77 4.26 -23.43
C GLN A 1171 -2.25 5.53 -24.10
N LEU A 1172 -3.04 5.37 -25.15
CA LEU A 1172 -3.53 6.53 -25.89
C LEU A 1172 -4.57 7.31 -25.11
N ALA A 1173 -5.35 6.59 -24.31
CA ALA A 1173 -6.40 7.21 -23.50
C ALA A 1173 -5.85 8.29 -22.58
N ARG A 1174 -4.54 8.29 -22.34
CA ARG A 1174 -3.97 9.31 -21.46
C ARG A 1174 -4.02 10.71 -22.06
N VAL A 1175 -4.26 10.82 -23.37
CA VAL A 1175 -4.31 12.15 -24.00
C VAL A 1175 -5.36 13.01 -23.33
N VAL A 1176 -6.35 12.36 -22.74
CA VAL A 1176 -7.41 13.09 -22.07
C VAL A 1176 -7.50 12.68 -20.60
N ASN A 1177 -6.37 12.30 -20.04
CA ASN A 1177 -6.27 11.89 -18.65
C ASN A 1177 -7.16 10.75 -18.17
N LEU A 1178 -7.43 9.77 -19.03
CA LEU A 1178 -8.24 8.64 -18.61
C LEU A 1178 -7.29 7.54 -18.11
N ALA A 1179 -7.61 6.98 -16.95
CA ALA A 1179 -6.78 5.93 -16.37
C ALA A 1179 -7.63 4.71 -16.00
N VAL A 1180 -7.04 3.53 -16.09
CA VAL A 1180 -7.78 2.32 -15.73
C VAL A 1180 -8.04 2.47 -14.23
N PRO A 1181 -9.31 2.32 -13.80
CA PRO A 1181 -9.67 2.44 -12.38
C PRO A 1181 -8.99 1.42 -11.48
N ASP A 1182 -8.55 1.85 -10.31
CA ASP A 1182 -7.91 0.95 -9.36
C ASP A 1182 -8.78 -0.28 -9.08
N THR A 1183 -10.08 -0.05 -8.89
CA THR A 1183 -10.98 -1.15 -8.61
C THR A 1183 -11.10 -2.21 -9.72
N TRP A 1184 -10.74 -1.85 -10.95
CA TRP A 1184 -10.84 -2.78 -12.08
C TRP A 1184 -9.60 -3.66 -12.24
N MET A 1185 -8.48 -3.23 -11.66
CA MET A 1185 -7.22 -3.96 -11.76
C MET A 1185 -7.27 -5.47 -11.53
N SER A 1186 -8.28 -5.96 -10.82
CA SER A 1186 -8.33 -7.40 -10.58
C SER A 1186 -9.13 -8.14 -11.66
N LEU A 1187 -9.72 -7.38 -12.58
CA LEU A 1187 -10.50 -7.97 -13.65
C LEU A 1187 -9.82 -7.80 -15.01
N ASP A 1188 -10.25 -8.60 -15.98
CA ASP A 1188 -9.68 -8.53 -17.33
C ASP A 1188 -10.23 -7.35 -18.14
N PHE A 1189 -9.83 -6.14 -17.75
CA PHE A 1189 -10.30 -4.93 -18.45
C PHE A 1189 -9.80 -4.86 -19.89
N ASP A 1190 -8.61 -5.40 -20.15
CA ASP A 1190 -8.04 -5.39 -21.49
C ASP A 1190 -9.04 -6.04 -22.45
N SER A 1191 -9.56 -7.18 -22.06
CA SER A 1191 -10.55 -7.89 -22.89
C SER A 1191 -11.81 -7.09 -23.07
N MET A 1192 -12.26 -6.41 -22.03
CA MET A 1192 -13.45 -5.61 -22.16
C MET A 1192 -13.27 -4.54 -23.23
N PHE A 1193 -12.18 -3.77 -23.15
CA PHE A 1193 -11.95 -2.73 -24.15
C PHE A 1193 -11.88 -3.32 -25.56
N LYS A 1194 -11.17 -4.43 -25.73
CA LYS A 1194 -11.00 -5.03 -27.05
C LYS A 1194 -12.16 -5.76 -27.73
N HIS A 1195 -12.89 -6.57 -26.97
CA HIS A 1195 -13.96 -7.36 -27.56
C HIS A 1195 -15.36 -7.10 -27.06
N HIS A 1196 -15.53 -6.19 -26.10
CA HIS A 1196 -16.86 -6.00 -25.59
C HIS A 1196 -17.43 -4.59 -25.52
N VAL A 1197 -16.79 -3.67 -26.24
CA VAL A 1197 -17.25 -2.30 -26.33
C VAL A 1197 -17.25 -2.06 -27.84
N LYS A 1198 -18.39 -2.31 -28.48
CA LYS A 1198 -18.50 -2.14 -29.92
C LYS A 1198 -18.71 -0.68 -30.32
N LEU A 1199 -17.88 -0.22 -31.26
CA LEU A 1199 -17.97 1.15 -31.74
C LEU A 1199 -18.75 1.23 -33.06
N LEU A 1200 -19.25 0.09 -33.53
CA LEU A 1200 -20.05 0.02 -34.75
C LEU A 1200 -21.45 -0.20 -34.22
N PRO A 1201 -22.30 0.83 -34.23
CA PRO A 1201 -23.68 0.75 -33.74
C PRO A 1201 -24.32 -0.62 -33.91
N LYS A 1202 -25.20 -0.95 -32.97
CA LYS A 1202 -25.88 -2.24 -32.98
C LYS A 1202 -26.46 -2.57 -34.36
N ASP A 1203 -27.02 -1.56 -35.03
CA ASP A 1203 -27.62 -1.75 -36.35
C ASP A 1203 -26.87 -1.15 -37.54
N GLY A 1204 -25.54 -1.16 -37.48
CA GLY A 1204 -24.78 -0.63 -38.60
C GLY A 1204 -24.14 0.74 -38.39
N ARG A 1205 -23.67 1.32 -39.48
CA ARG A 1205 -23.01 2.61 -39.44
C ARG A 1205 -23.95 3.81 -39.33
N HIS A 1206 -23.57 4.76 -38.49
CA HIS A 1206 -24.34 5.97 -38.29
C HIS A 1206 -23.45 7.12 -38.73
N LEU A 1207 -24.04 8.17 -39.27
CA LEU A 1207 -23.27 9.33 -39.70
C LEU A 1207 -22.46 9.90 -38.54
N ASN A 1208 -23.11 9.99 -37.39
CA ASN A 1208 -22.49 10.52 -36.19
C ASN A 1208 -21.47 9.63 -35.51
N THR A 1209 -21.60 8.32 -35.71
CA THR A 1209 -20.69 7.37 -35.07
C THR A 1209 -19.41 7.12 -35.86
N ASP A 1210 -19.41 7.39 -37.15
CA ASP A 1210 -18.20 7.15 -37.93
C ASP A 1210 -17.01 7.87 -37.34
N ILE A 1211 -15.84 7.27 -37.47
CA ILE A 1211 -14.62 7.86 -36.96
C ILE A 1211 -13.89 8.51 -38.12
N PRO A 1212 -13.61 9.82 -38.02
CA PRO A 1212 -12.89 10.51 -39.11
C PRO A 1212 -11.53 9.86 -39.32
N PRO A 1213 -11.08 9.77 -40.58
CA PRO A 1213 -9.81 9.17 -40.98
C PRO A 1213 -8.61 9.50 -40.09
N ARG A 1214 -8.43 10.75 -39.71
CA ARG A 1214 -7.27 11.11 -38.90
C ARG A 1214 -7.57 11.14 -37.40
N MET A 1215 -8.76 10.67 -37.01
CA MET A 1215 -9.11 10.68 -35.59
C MET A 1215 -9.36 9.27 -35.05
N GLY A 1216 -8.51 8.33 -35.47
CA GLY A 1216 -8.65 6.96 -35.01
C GLY A 1216 -8.37 6.85 -33.53
N TRP A 1217 -7.77 7.90 -32.96
CA TRP A 1217 -7.44 7.92 -31.54
C TRP A 1217 -8.71 8.05 -30.71
N LEU A 1218 -9.82 8.39 -31.35
CA LEU A 1218 -11.09 8.52 -30.66
C LEU A 1218 -11.49 7.19 -30.05
N ARG A 1219 -11.36 6.13 -30.83
CA ARG A 1219 -11.70 4.78 -30.42
C ARG A 1219 -11.19 4.43 -29.03
N ALA A 1220 -10.00 4.92 -28.70
CA ALA A 1220 -9.41 4.66 -27.39
C ALA A 1220 -10.27 5.28 -26.30
N ILE A 1221 -10.55 6.56 -26.47
CA ILE A 1221 -11.34 7.29 -25.51
C ILE A 1221 -12.74 6.69 -25.43
N LEU A 1222 -13.31 6.40 -26.61
CA LEU A 1222 -14.64 5.85 -26.67
C LEU A 1222 -14.73 4.50 -25.95
N ARG A 1223 -13.66 3.74 -25.96
CA ARG A 1223 -13.69 2.45 -25.30
C ARG A 1223 -13.82 2.60 -23.81
N PHE A 1224 -13.14 3.61 -23.26
CA PHE A 1224 -13.22 3.84 -21.82
C PHE A 1224 -14.64 4.24 -21.39
N LEU A 1225 -15.27 5.12 -22.15
CA LEU A 1225 -16.62 5.57 -21.82
C LEU A 1225 -17.61 4.41 -21.79
N GLY A 1226 -17.53 3.53 -22.79
CA GLY A 1226 -18.42 2.40 -22.84
C GLY A 1226 -18.18 1.47 -21.67
N ALA A 1227 -16.91 1.13 -21.44
CA ALA A 1227 -16.57 0.24 -20.35
C ALA A 1227 -17.02 0.86 -19.02
N GLY A 1228 -16.99 2.20 -18.96
CA GLY A 1228 -17.40 2.90 -17.75
C GLY A 1228 -18.81 2.55 -17.40
N MET A 1229 -19.71 2.62 -18.38
CA MET A 1229 -21.12 2.31 -18.17
C MET A 1229 -21.36 0.85 -17.85
N VAL A 1230 -20.62 -0.02 -18.52
CA VAL A 1230 -20.80 -1.45 -18.31
C VAL A 1230 -20.40 -1.85 -16.90
N MET A 1231 -19.29 -1.31 -16.42
CA MET A 1231 -18.79 -1.63 -15.10
C MET A 1231 -19.56 -0.99 -13.97
N THR A 1232 -20.17 0.15 -14.24
CA THR A 1232 -20.95 0.87 -13.23
C THR A 1232 -22.34 0.26 -13.02
N ALA A 1233 -22.83 -0.47 -14.02
CA ALA A 1233 -24.14 -1.11 -13.95
C ALA A 1233 -24.10 -2.43 -13.16
N THR A 1234 -24.85 -2.48 -12.07
CA THR A 1234 -24.90 -3.67 -11.23
C THR A 1234 -25.21 -4.94 -12.02
N GLY A 1235 -24.59 -6.04 -11.63
CA GLY A 1235 -24.84 -7.30 -12.29
C GLY A 1235 -23.78 -7.78 -13.28
N VAL A 1236 -24.19 -8.58 -14.25
CA VAL A 1236 -23.26 -9.09 -15.25
C VAL A 1236 -22.74 -8.00 -16.16
N ALA A 1237 -21.50 -8.14 -16.61
CA ALA A 1237 -20.92 -7.18 -17.54
C ALA A 1237 -21.71 -7.45 -18.80
N VAL A 1238 -22.11 -6.38 -19.46
CA VAL A 1238 -22.90 -6.50 -20.65
C VAL A 1238 -22.13 -5.95 -21.85
N ASP A 1239 -22.50 -6.41 -23.05
CA ASP A 1239 -21.87 -5.90 -24.26
C ASP A 1239 -22.50 -4.54 -24.51
N ILE A 1240 -21.69 -3.50 -24.64
CA ILE A 1240 -22.24 -2.19 -24.90
C ILE A 1240 -21.96 -1.76 -26.36
N TYR A 1241 -22.96 -1.16 -27.00
CA TYR A 1241 -22.84 -0.73 -28.40
C TYR A 1241 -22.99 0.78 -28.60
N LEU A 1242 -22.00 1.38 -29.27
CA LEU A 1242 -22.06 2.81 -29.53
C LEU A 1242 -23.36 3.12 -30.31
N GLU A 1243 -24.22 4.02 -29.81
CA GLU A 1243 -25.42 4.41 -30.57
C GLU A 1243 -25.30 5.83 -31.14
N ASP A 1244 -24.65 6.76 -30.45
CA ASP A 1244 -24.61 8.12 -30.98
C ASP A 1244 -23.59 9.08 -30.38
N ILE A 1245 -23.23 10.09 -31.17
CA ILE A 1245 -22.32 11.14 -30.76
C ILE A 1245 -23.00 12.41 -31.25
N HIS A 1246 -23.62 13.15 -30.33
CA HIS A 1246 -24.35 14.36 -30.71
C HIS A 1246 -23.85 15.16 -31.90
N GLY A 1247 -22.67 15.76 -31.81
CA GLY A 1247 -22.22 16.54 -32.94
C GLY A 1247 -21.38 15.78 -33.96
N GLY A 1248 -21.34 14.46 -33.81
CA GLY A 1248 -20.57 13.64 -34.73
C GLY A 1248 -19.12 13.50 -34.29
N GLY A 1249 -18.48 12.43 -34.76
CA GLY A 1249 -17.09 12.17 -34.41
C GLY A 1249 -16.12 13.29 -34.69
N ARG A 1250 -16.26 13.94 -35.85
CA ARG A 1250 -15.35 15.02 -36.19
C ARG A 1250 -15.42 16.12 -35.16
N SER A 1251 -16.63 16.55 -34.86
CA SER A 1251 -16.84 17.62 -33.88
C SER A 1251 -16.36 17.19 -32.50
N LEU A 1252 -16.50 15.89 -32.21
CA LEU A 1252 -16.07 15.40 -30.91
C LEU A 1252 -14.54 15.45 -30.78
N GLY A 1253 -13.85 15.05 -31.85
CA GLY A 1253 -12.40 15.09 -31.83
C GLY A 1253 -11.84 16.48 -31.61
N GLN A 1254 -12.40 17.47 -32.31
CA GLN A 1254 -11.94 18.85 -32.19
C GLN A 1254 -12.16 19.30 -30.75
N ARG A 1255 -13.28 18.90 -30.18
CA ARG A 1255 -13.61 19.28 -28.81
C ARG A 1255 -12.50 18.80 -27.86
N PHE A 1256 -12.05 17.55 -28.01
CA PHE A 1256 -10.97 17.03 -27.17
C PHE A 1256 -9.63 17.70 -27.52
N MET A 1257 -9.42 18.00 -28.80
CA MET A 1257 -8.17 18.65 -29.18
C MET A 1257 -8.08 20.03 -28.52
N THR A 1258 -9.22 20.70 -28.39
CA THR A 1258 -9.23 22.00 -27.75
C THR A 1258 -8.72 21.80 -26.32
N TRP A 1259 -9.28 20.80 -25.65
CA TRP A 1259 -8.85 20.51 -24.28
C TRP A 1259 -7.35 20.23 -24.23
N MET A 1260 -6.87 19.36 -25.12
CA MET A 1260 -5.47 18.99 -25.14
C MET A 1260 -4.55 20.20 -25.22
N ARG A 1261 -4.72 21.03 -26.25
CA ARG A 1261 -3.85 22.17 -26.39
C ARG A 1261 -4.02 23.25 -25.34
N GLN A 1262 -5.12 23.24 -24.60
CA GLN A 1262 -5.35 24.29 -23.61
C GLN A 1262 -4.77 24.07 -22.22
N GLU A 1263 -4.28 22.87 -21.92
CA GLU A 1263 -3.74 22.50 -20.59
C GLU A 1263 -2.58 23.26 -19.97
N GLY A 1264 -2.83 23.95 -18.87
CA GLY A 1264 -1.76 24.70 -18.26
C GLY A 1264 -1.75 25.88 -19.13
N ARG A 1265 -2.64 26.81 -18.91
CA ARG A 1265 -2.50 27.78 -19.88
C ARG A 1265 -2.06 29.19 -19.46
MN MN B . 6.47 -15.76 2.26
PA GTG C . -11.30 20.48 18.07
O1A GTG C . -11.65 20.06 19.49
O2A GTG C . -10.57 21.86 17.96
O3A GTG C . -12.14 20.80 16.91
PB GTG C . -13.72 20.89 17.23
O1B GTG C . -14.02 19.94 15.94
O2B GTG C . -14.20 21.97 16.35
O3B GTG C . -14.40 19.86 18.31
N9A GTG C . -10.78 21.26 13.20
C8A GTG C . -11.12 22.09 14.23
N7A GTG C . -11.31 23.32 13.88
C7X GTG C . -11.68 24.38 14.78
C5A GTG C . -11.08 23.31 12.51
C6A GTG C . -11.14 24.36 11.56
O6A GTG C . -11.41 25.54 11.76
N1A GTG C . -10.84 23.95 10.27
C2A GTG C . -10.51 22.66 9.90
N2A GTG C . -10.24 22.44 8.62
N3A GTG C . -10.45 21.65 10.80
C4A GTG C . -10.75 22.05 12.08
O5D GTG C . -10.55 19.72 17.19
C5D GTG C . -9.78 18.68 16.67
C4D GTG C . -10.23 18.61 15.33
O4D GTG C . -11.18 19.31 14.56
C3D GTG C . -8.92 18.52 14.75
O3D GTG C . -8.14 17.44 14.58
C2D GTG C . -9.00 19.18 13.55
O2D GTG C . -8.61 18.31 12.53
C1D GTG C . -10.49 19.74 13.37
PG GTG C . -16.03 19.77 18.70
O1G GTG C . -15.91 19.99 20.25
O2G GTG C . -15.91 18.53 17.95
O5E GTG C . -17.15 20.43 17.62
C5E GTG C . -18.02 21.24 18.49
C4E GTG C . -19.53 21.22 18.70
O4E GTG C . -20.21 21.76 17.63
C3E GTG C . -20.10 19.80 18.89
O3E GTG C . -19.84 19.24 20.20
C2E GTG C . -21.49 20.03 18.58
O2E GTG C . -22.20 20.16 19.83
C1E GTG C . -21.57 21.33 17.74
N9B GTG C . -22.10 21.20 16.32
C8B GTG C . -21.63 20.36 15.29
N7B GTG C . -22.28 20.44 14.11
C5B GTG C . -23.26 21.41 14.40
C6B GTG C . -24.29 21.95 13.51
O6B GTG C . -24.46 21.62 12.37
N1B GTG C . -25.12 22.94 14.15
C2B GTG C . -24.96 23.36 15.51
N2B GTG C . -25.78 24.28 16.00
N3B GTG C . -23.98 22.84 16.31
C4B GTG C . -23.17 21.89 15.73
#